data_8WYP
# 
_entry.id   8WYP 
# 
_audit_conform.dict_name       mmcif_pdbx.dic 
_audit_conform.dict_version    5.392 
_audit_conform.dict_location   http://mmcif.pdb.org/dictionaries/ascii/mmcif_pdbx.dic 
# 
loop_
_database_2.database_id 
_database_2.database_code 
_database_2.pdbx_database_accession 
_database_2.pdbx_DOI 
PDB   8WYP         pdb_00008wyp 10.2210/pdb8wyp/pdb 
WWPDB D_1300042259 ?            ?                   
# 
_pdbx_audit_revision_history.ordinal             1 
_pdbx_audit_revision_history.data_content_type   'Structure model' 
_pdbx_audit_revision_history.major_revision      1 
_pdbx_audit_revision_history.minor_revision      0 
_pdbx_audit_revision_history.revision_date       2024-05-22 
# 
_pdbx_audit_revision_details.ordinal             1 
_pdbx_audit_revision_details.revision_ordinal    1 
_pdbx_audit_revision_details.data_content_type   'Structure model' 
_pdbx_audit_revision_details.provider            repository 
_pdbx_audit_revision_details.type                'Initial release' 
_pdbx_audit_revision_details.description         ? 
_pdbx_audit_revision_details.details             ? 
# 
_pdbx_database_status.status_code                     REL 
_pdbx_database_status.status_code_sf                  REL 
_pdbx_database_status.status_code_mr                  ? 
_pdbx_database_status.entry_id                        8WYP 
_pdbx_database_status.recvd_initial_deposition_date   2023-10-31 
_pdbx_database_status.SG_entry                        N 
_pdbx_database_status.deposit_site                    PDBJ 
_pdbx_database_status.process_site                    PDBJ 
_pdbx_database_status.status_code_cs                  ? 
_pdbx_database_status.status_code_nmr_data            ? 
_pdbx_database_status.methods_development_category    ? 
_pdbx_database_status.pdb_format_compatible           Y 
# 
loop_
_pdbx_contact_author.id 
_pdbx_contact_author.email 
_pdbx_contact_author.name_first 
_pdbx_contact_author.name_last 
_pdbx_contact_author.name_mi 
_pdbx_contact_author.role 
_pdbx_contact_author.identifier_ORCID 
2 bingliu@njucm.edu.cn Bing   Liu ? 'principal investigator/group leader' 0000-0003-0750-6576 
3 maxiuxiu2021@163.com Xiuxiu Ma  ? 'principal investigator/group leader' 0000-0002-2014-5309 
# 
loop_
_audit_author.name 
_audit_author.pdbx_ordinal 
_audit_author.identifier_ORCID 
'Liu, B.' 1 ? 
'Ma, X.'  2 ? 
# 
_citation.abstract                  ? 
_citation.abstract_id_CAS           ? 
_citation.book_id_ISBN              ? 
_citation.book_publisher            ? 
_citation.book_publisher_city       ? 
_citation.book_title                ? 
_citation.coordinate_linkage        ? 
_citation.country                   US 
_citation.database_id_Medline       ? 
_citation.details                   ? 
_citation.id                        primary 
_citation.journal_abbrev            Biochem.Biophys.Res.Commun. 
_citation.journal_id_ASTM           BBRCA9 
_citation.journal_id_CSD            0146 
_citation.journal_id_ISSN           1090-2104 
_citation.journal_full              ? 
_citation.journal_issue             ? 
_citation.journal_volume            690 
_citation.language                  ? 
_citation.page_first                149284 
_citation.page_last                 149284 
_citation.title                     'High resolution crystal structure of BRD4-BD1 in complex with a novel inhibitor precursor.' 
_citation.year                      2024 
_citation.database_id_CSD           ? 
_citation.pdbx_database_id_DOI      10.1016/j.bbrc.2023.149284 
_citation.pdbx_database_id_PubMed   38006801 
_citation.pdbx_database_id_patent   ? 
_citation.unpublished_flag          ? 
# 
loop_
_citation_author.citation_id 
_citation_author.name 
_citation_author.ordinal 
_citation_author.identifier_ORCID 
primary 'Ma, X.'    1 ? 
primary 'Wang, M.'  2 ? 
primary 'Wang, F.'  3 ? 
primary 'Li, J.'    4 ? 
primary 'Zhang, Z.' 5 ? 
primary 'Zhu, J.'   6 ? 
primary 'Liu, B.'   7 ? 
# 
loop_
_entity.id 
_entity.type 
_entity.src_method 
_entity.pdbx_description 
_entity.formula_weight 
_entity.pdbx_number_of_molecules 
_entity.pdbx_ec 
_entity.pdbx_mutation 
_entity.pdbx_fragment 
_entity.details 
1 polymer     man 'Bromodomain-containing protein 4'        14883.188 1   ? ? ? ? 
2 non-polymer syn '3-bromanylimidazo[1,2-a]pyridin-6-amine' 212.047   2   ? ? ? ? 
3 water       nat water                                     18.015    182 ? ? ? ? 
# 
_entity_name_com.entity_id   1 
_entity_name_com.name        'Protein HUNK1' 
# 
_entity_poly.entity_id                      1 
_entity_poly.type                           'polypeptide(L)' 
_entity_poly.nstd_linkage                   no 
_entity_poly.nstd_monomer                   no 
_entity_poly.pdbx_seq_one_letter_code       
;MNPPPPETSNPNKPKRQTNQLQYLLRVVLKTLWKHQFAWPFQQPVDAVKLNLPDYYKIIKTPMDMGTIKKRLENNYYWNA
QECIQDFNTMFTNCYIYNKPGDDIVLMAEALEKLFLQKINELPTE
;
_entity_poly.pdbx_seq_one_letter_code_can   
;MNPPPPETSNPNKPKRQTNQLQYLLRVVLKTLWKHQFAWPFQQPVDAVKLNLPDYYKIIKTPMDMGTIKKRLENNYYWNA
QECIQDFNTMFTNCYIYNKPGDDIVLMAEALEKLFLQKINELPTE
;
_entity_poly.pdbx_strand_id                 A 
_entity_poly.pdbx_target_identifier         ? 
# 
loop_
_pdbx_entity_nonpoly.entity_id 
_pdbx_entity_nonpoly.name 
_pdbx_entity_nonpoly.comp_id 
2 '3-bromanylimidazo[1,2-a]pyridin-6-amine' XUK 
3 water                                     HOH 
# 
loop_
_entity_poly_seq.entity_id 
_entity_poly_seq.num 
_entity_poly_seq.mon_id 
_entity_poly_seq.hetero 
1 1   MET n 
1 2   ASN n 
1 3   PRO n 
1 4   PRO n 
1 5   PRO n 
1 6   PRO n 
1 7   GLU n 
1 8   THR n 
1 9   SER n 
1 10  ASN n 
1 11  PRO n 
1 12  ASN n 
1 13  LYS n 
1 14  PRO n 
1 15  LYS n 
1 16  ARG n 
1 17  GLN n 
1 18  THR n 
1 19  ASN n 
1 20  GLN n 
1 21  LEU n 
1 22  GLN n 
1 23  TYR n 
1 24  LEU n 
1 25  LEU n 
1 26  ARG n 
1 27  VAL n 
1 28  VAL n 
1 29  LEU n 
1 30  LYS n 
1 31  THR n 
1 32  LEU n 
1 33  TRP n 
1 34  LYS n 
1 35  HIS n 
1 36  GLN n 
1 37  PHE n 
1 38  ALA n 
1 39  TRP n 
1 40  PRO n 
1 41  PHE n 
1 42  GLN n 
1 43  GLN n 
1 44  PRO n 
1 45  VAL n 
1 46  ASP n 
1 47  ALA n 
1 48  VAL n 
1 49  LYS n 
1 50  LEU n 
1 51  ASN n 
1 52  LEU n 
1 53  PRO n 
1 54  ASP n 
1 55  TYR n 
1 56  TYR n 
1 57  LYS n 
1 58  ILE n 
1 59  ILE n 
1 60  LYS n 
1 61  THR n 
1 62  PRO n 
1 63  MET n 
1 64  ASP n 
1 65  MET n 
1 66  GLY n 
1 67  THR n 
1 68  ILE n 
1 69  LYS n 
1 70  LYS n 
1 71  ARG n 
1 72  LEU n 
1 73  GLU n 
1 74  ASN n 
1 75  ASN n 
1 76  TYR n 
1 77  TYR n 
1 78  TRP n 
1 79  ASN n 
1 80  ALA n 
1 81  GLN n 
1 82  GLU n 
1 83  CYS n 
1 84  ILE n 
1 85  GLN n 
1 86  ASP n 
1 87  PHE n 
1 88  ASN n 
1 89  THR n 
1 90  MET n 
1 91  PHE n 
1 92  THR n 
1 93  ASN n 
1 94  CYS n 
1 95  TYR n 
1 96  ILE n 
1 97  TYR n 
1 98  ASN n 
1 99  LYS n 
1 100 PRO n 
1 101 GLY n 
1 102 ASP n 
1 103 ASP n 
1 104 ILE n 
1 105 VAL n 
1 106 LEU n 
1 107 MET n 
1 108 ALA n 
1 109 GLU n 
1 110 ALA n 
1 111 LEU n 
1 112 GLU n 
1 113 LYS n 
1 114 LEU n 
1 115 PHE n 
1 116 LEU n 
1 117 GLN n 
1 118 LYS n 
1 119 ILE n 
1 120 ASN n 
1 121 GLU n 
1 122 LEU n 
1 123 PRO n 
1 124 THR n 
1 125 GLU n 
# 
_entity_src_gen.entity_id                          1 
_entity_src_gen.pdbx_src_id                        1 
_entity_src_gen.pdbx_alt_source_flag               sample 
_entity_src_gen.pdbx_seq_type                      'Biological sequence' 
_entity_src_gen.pdbx_beg_seq_num                   1 
_entity_src_gen.pdbx_end_seq_num                   125 
_entity_src_gen.gene_src_common_name               human 
_entity_src_gen.gene_src_genus                     ? 
_entity_src_gen.pdbx_gene_src_gene                 'BRD4, HUNK1' 
_entity_src_gen.gene_src_species                   ? 
_entity_src_gen.gene_src_strain                    ? 
_entity_src_gen.gene_src_tissue                    ? 
_entity_src_gen.gene_src_tissue_fraction           ? 
_entity_src_gen.gene_src_details                   ? 
_entity_src_gen.pdbx_gene_src_fragment             ? 
_entity_src_gen.pdbx_gene_src_scientific_name      'Homo sapiens' 
_entity_src_gen.pdbx_gene_src_ncbi_taxonomy_id     9606 
_entity_src_gen.pdbx_gene_src_variant              ? 
_entity_src_gen.pdbx_gene_src_cell_line            ? 
_entity_src_gen.pdbx_gene_src_atcc                 ? 
_entity_src_gen.pdbx_gene_src_organ                ? 
_entity_src_gen.pdbx_gene_src_organelle            ? 
_entity_src_gen.pdbx_gene_src_cell                 ? 
_entity_src_gen.pdbx_gene_src_cellular_location    ? 
_entity_src_gen.host_org_common_name               ? 
_entity_src_gen.pdbx_host_org_scientific_name      'Escherichia coli BL21(DE3)' 
_entity_src_gen.pdbx_host_org_ncbi_taxonomy_id     469008 
_entity_src_gen.host_org_genus                     ? 
_entity_src_gen.pdbx_host_org_gene                 ? 
_entity_src_gen.pdbx_host_org_organ                ? 
_entity_src_gen.host_org_species                   ? 
_entity_src_gen.pdbx_host_org_tissue               ? 
_entity_src_gen.pdbx_host_org_tissue_fraction      ? 
_entity_src_gen.pdbx_host_org_strain               ? 
_entity_src_gen.pdbx_host_org_variant              ? 
_entity_src_gen.pdbx_host_org_cell_line            ? 
_entity_src_gen.pdbx_host_org_atcc                 ? 
_entity_src_gen.pdbx_host_org_culture_collection   ? 
_entity_src_gen.pdbx_host_org_cell                 ? 
_entity_src_gen.pdbx_host_org_organelle            ? 
_entity_src_gen.pdbx_host_org_cellular_location    ? 
_entity_src_gen.pdbx_host_org_vector_type          ? 
_entity_src_gen.pdbx_host_org_vector               ? 
_entity_src_gen.host_org_details                   ? 
_entity_src_gen.expression_system_id               ? 
_entity_src_gen.plasmid_name                       ? 
_entity_src_gen.plasmid_details                    ? 
_entity_src_gen.pdbx_description                   ? 
# 
loop_
_chem_comp.id 
_chem_comp.type 
_chem_comp.mon_nstd_flag 
_chem_comp.name 
_chem_comp.pdbx_synonyms 
_chem_comp.formula 
_chem_comp.formula_weight 
ALA 'L-peptide linking' y ALANINE                                   ? 'C3 H7 N O2'     89.093  
ARG 'L-peptide linking' y ARGININE                                  ? 'C6 H15 N4 O2 1' 175.209 
ASN 'L-peptide linking' y ASPARAGINE                                ? 'C4 H8 N2 O3'    132.118 
ASP 'L-peptide linking' y 'ASPARTIC ACID'                           ? 'C4 H7 N O4'     133.103 
CYS 'L-peptide linking' y CYSTEINE                                  ? 'C3 H7 N O2 S'   121.158 
GLN 'L-peptide linking' y GLUTAMINE                                 ? 'C5 H10 N2 O3'   146.144 
GLU 'L-peptide linking' y 'GLUTAMIC ACID'                           ? 'C5 H9 N O4'     147.129 
GLY 'peptide linking'   y GLYCINE                                   ? 'C2 H5 N O2'     75.067  
HIS 'L-peptide linking' y HISTIDINE                                 ? 'C6 H10 N3 O2 1' 156.162 
HOH non-polymer         . WATER                                     ? 'H2 O'           18.015  
ILE 'L-peptide linking' y ISOLEUCINE                                ? 'C6 H13 N O2'    131.173 
LEU 'L-peptide linking' y LEUCINE                                   ? 'C6 H13 N O2'    131.173 
LYS 'L-peptide linking' y LYSINE                                    ? 'C6 H15 N2 O2 1' 147.195 
MET 'L-peptide linking' y METHIONINE                                ? 'C5 H11 N O2 S'  149.211 
PHE 'L-peptide linking' y PHENYLALANINE                             ? 'C9 H11 N O2'    165.189 
PRO 'L-peptide linking' y PROLINE                                   ? 'C5 H9 N O2'     115.130 
SER 'L-peptide linking' y SERINE                                    ? 'C3 H7 N O3'     105.093 
THR 'L-peptide linking' y THREONINE                                 ? 'C4 H9 N O3'     119.119 
TRP 'L-peptide linking' y TRYPTOPHAN                                ? 'C11 H12 N2 O2'  204.225 
TYR 'L-peptide linking' y TYROSINE                                  ? 'C9 H11 N O3'    181.189 
VAL 'L-peptide linking' y VALINE                                    ? 'C5 H11 N O2'    117.146 
XUK non-polymer         . '3-bromanylimidazo[1,2-a]pyridin-6-amine' ? 'C7 H6 Br N3'    212.047 
# 
loop_
_pdbx_poly_seq_scheme.asym_id 
_pdbx_poly_seq_scheme.entity_id 
_pdbx_poly_seq_scheme.seq_id 
_pdbx_poly_seq_scheme.mon_id 
_pdbx_poly_seq_scheme.ndb_seq_num 
_pdbx_poly_seq_scheme.pdb_seq_num 
_pdbx_poly_seq_scheme.auth_seq_num 
_pdbx_poly_seq_scheme.pdb_mon_id 
_pdbx_poly_seq_scheme.auth_mon_id 
_pdbx_poly_seq_scheme.pdb_strand_id 
_pdbx_poly_seq_scheme.pdb_ins_code 
_pdbx_poly_seq_scheme.hetero 
A 1 1   MET 1   1   1   MET MET A . n 
A 1 2   ASN 2   2   2   ASN ASN A . n 
A 1 3   PRO 3   3   3   PRO PRO A . n 
A 1 4   PRO 4   4   4   PRO PRO A . n 
A 1 5   PRO 5   5   5   PRO PRO A . n 
A 1 6   PRO 6   6   6   PRO PRO A . n 
A 1 7   GLU 7   7   7   GLU GLU A . n 
A 1 8   THR 8   8   8   THR THR A . n 
A 1 9   SER 9   9   9   SER SER A . n 
A 1 10  ASN 10  10  10  ASN ASN A . n 
A 1 11  PRO 11  11  11  PRO PRO A . n 
A 1 12  ASN 12  12  12  ASN ASN A . n 
A 1 13  LYS 13  13  13  LYS LYS A . n 
A 1 14  PRO 14  14  14  PRO PRO A . n 
A 1 15  LYS 15  15  15  LYS LYS A . n 
A 1 16  ARG 16  16  16  ARG ARG A . n 
A 1 17  GLN 17  17  17  GLN GLN A . n 
A 1 18  THR 18  18  18  THR THR A . n 
A 1 19  ASN 19  19  19  ASN ASN A . n 
A 1 20  GLN 20  20  20  GLN GLN A . n 
A 1 21  LEU 21  21  21  LEU LEU A . n 
A 1 22  GLN 22  22  22  GLN GLN A . n 
A 1 23  TYR 23  23  23  TYR TYR A . n 
A 1 24  LEU 24  24  24  LEU LEU A . n 
A 1 25  LEU 25  25  25  LEU LEU A . n 
A 1 26  ARG 26  26  26  ARG ARG A . n 
A 1 27  VAL 27  27  27  VAL VAL A . n 
A 1 28  VAL 28  28  28  VAL VAL A . n 
A 1 29  LEU 29  29  29  LEU LEU A . n 
A 1 30  LYS 30  30  30  LYS LYS A . n 
A 1 31  THR 31  31  31  THR THR A . n 
A 1 32  LEU 32  32  32  LEU LEU A . n 
A 1 33  TRP 33  33  33  TRP TRP A . n 
A 1 34  LYS 34  34  34  LYS LYS A . n 
A 1 35  HIS 35  35  35  HIS HIS A . n 
A 1 36  GLN 36  36  36  GLN GLN A . n 
A 1 37  PHE 37  37  37  PHE PHE A . n 
A 1 38  ALA 38  38  38  ALA ALA A . n 
A 1 39  TRP 39  39  39  TRP TRP A . n 
A 1 40  PRO 40  40  40  PRO PRO A . n 
A 1 41  PHE 41  41  41  PHE PHE A . n 
A 1 42  GLN 42  42  42  GLN GLN A . n 
A 1 43  GLN 43  43  43  GLN GLN A . n 
A 1 44  PRO 44  126 44  PRO PRO A . n 
A 1 45  VAL 45  128 45  VAL VAL A . n 
A 1 46  ASP 46  130 46  ASP ASP A . n 
A 1 47  ALA 47  131 47  ALA ALA A . n 
A 1 48  VAL 48  134 48  VAL VAL A . n 
A 1 49  LYS 49  135 49  LYS LYS A . n 
A 1 50  LEU 50  137 50  LEU LEU A . n 
A 1 51  ASN 51  139 51  ASN ASN A . n 
A 1 52  LEU 52  141 52  LEU LEU A . n 
A 1 53  PRO 53  142 53  PRO PRO A . n 
A 1 54  ASP 54  144 54  ASP ASP A . n 
A 1 55  TYR 55  146 55  TYR TYR A . n 
A 1 56  TYR 56  148 56  TYR TYR A . n 
A 1 57  LYS 57  149 57  LYS LYS A . n 
A 1 58  ILE 58  150 58  ILE ILE A . n 
A 1 59  ILE 59  153 59  ILE ILE A . n 
A 1 60  LYS 60  155 60  LYS LYS A . n 
A 1 61  THR 61  157 61  THR THR A . n 
A 1 62  PRO 62  159 62  PRO PRO A . n 
A 1 63  MET 63  160 63  MET MET A . n 
A 1 64  ASP 64  162 64  ASP ASP A . n 
A 1 65  MET 65  164 65  MET MET A . n 
A 1 66  GLY 66  166 66  GLY GLY A . n 
A 1 67  THR 67  168 67  THR THR A . n 
A 1 68  ILE 68  170 68  ILE ILE A . n 
A 1 69  LYS 69  172 69  LYS LYS A . n 
A 1 70  LYS 70  174 70  LYS LYS A . n 
A 1 71  ARG 71  175 71  ARG ARG A . n 
A 1 72  LEU 72  177 72  LEU LEU A . n 
A 1 73  GLU 73  178 73  GLU GLU A . n 
A 1 74  ASN 74  180 74  ASN ASN A . n 
A 1 75  ASN 75  182 75  ASN ASN A . n 
A 1 76  TYR 76  185 76  TYR TYR A . n 
A 1 77  TYR 77  187 77  TYR TYR A . n 
A 1 78  TRP 78  189 78  TRP TRP A . n 
A 1 79  ASN 79  190 79  ASN ASN A . n 
A 1 80  ALA 80  192 80  ALA ALA A . n 
A 1 81  GLN 81  194 81  GLN GLN A . n 
A 1 82  GLU 82  196 82  GLU GLU A . n 
A 1 83  CYS 83  198 83  CYS CYS A . n 
A 1 84  ILE 84  200 84  ILE ILE A . n 
A 1 85  GLN 85  201 85  GLN GLN A . n 
A 1 86  ASP 86  202 86  ASP ASP A . n 
A 1 87  PHE 87  203 87  PHE PHE A . n 
A 1 88  ASN 88  204 88  ASN ASN A . n 
A 1 89  THR 89  205 89  THR THR A . n 
A 1 90  MET 90  206 90  MET MET A . n 
A 1 91  PHE 91  207 91  PHE PHE A . n 
A 1 92  THR 92  208 92  THR THR A . n 
A 1 93  ASN 93  209 93  ASN ASN A . n 
A 1 94  CYS 94  210 94  CYS CYS A . n 
A 1 95  TYR 95  211 95  TYR TYR A . n 
A 1 96  ILE 96  212 96  ILE ILE A . n 
A 1 97  TYR 97  213 97  TYR TYR A . n 
A 1 98  ASN 98  214 98  ASN ASN A . n 
A 1 99  LYS 99  215 99  LYS LYS A . n 
A 1 100 PRO 100 216 100 PRO PRO A . n 
A 1 101 GLY 101 217 101 GLY GLY A . n 
A 1 102 ASP 102 218 102 ASP ASP A . n 
A 1 103 ASP 103 219 103 ASP ASP A . n 
A 1 104 ILE 104 220 104 ILE ILE A . n 
A 1 105 VAL 105 221 105 VAL VAL A . n 
A 1 106 LEU 106 222 106 LEU LEU A . n 
A 1 107 MET 107 223 107 MET MET A . n 
A 1 108 ALA 108 224 108 ALA ALA A . n 
A 1 109 GLU 109 225 109 GLU GLU A . n 
A 1 110 ALA 110 226 110 ALA ALA A . n 
A 1 111 LEU 111 227 111 LEU LEU A . n 
A 1 112 GLU 112 228 112 GLU GLU A . n 
A 1 113 LYS 113 229 113 LYS LYS A . n 
A 1 114 LEU 114 230 114 LEU LEU A . n 
A 1 115 PHE 115 231 115 PHE PHE A . n 
A 1 116 LEU 116 232 116 LEU LEU A . n 
A 1 117 GLN 117 233 117 GLN GLN A . n 
A 1 118 LYS 118 234 118 LYS LYS A . n 
A 1 119 ILE 119 235 119 ILE ILE A . n 
A 1 120 ASN 120 236 120 ASN ASN A . n 
A 1 121 GLU 121 237 121 GLU GLU A . n 
A 1 122 LEU 122 238 122 LEU LEU A . n 
A 1 123 PRO 123 239 123 PRO PRO A . n 
A 1 124 THR 124 240 124 THR THR A . n 
A 1 125 GLU 125 241 125 GLU GLU A . n 
# 
loop_
_pdbx_nonpoly_scheme.asym_id 
_pdbx_nonpoly_scheme.entity_id 
_pdbx_nonpoly_scheme.mon_id 
_pdbx_nonpoly_scheme.ndb_seq_num 
_pdbx_nonpoly_scheme.pdb_seq_num 
_pdbx_nonpoly_scheme.auth_seq_num 
_pdbx_nonpoly_scheme.pdb_mon_id 
_pdbx_nonpoly_scheme.auth_mon_id 
_pdbx_nonpoly_scheme.pdb_strand_id 
_pdbx_nonpoly_scheme.pdb_ins_code 
B 2 XUK 1   301 201 XUK DKF A . 
C 2 XUK 1   302 301 XUK DKF A . 
D 3 HOH 1   401 35  HOH HOH A . 
D 3 HOH 2   402 23  HOH HOH A . 
D 3 HOH 3   403 136 HOH HOH A . 
D 3 HOH 4   404 1   HOH HOH A . 
D 3 HOH 5   405 2   HOH HOH A . 
D 3 HOH 6   406 123 HOH HOH A . 
D 3 HOH 7   407 4   HOH HOH A . 
D 3 HOH 8   408 99  HOH HOH A . 
D 3 HOH 9   409 157 HOH HOH A . 
D 3 HOH 10  410 173 HOH HOH A . 
D 3 HOH 11  411 53  HOH HOH A . 
D 3 HOH 12  412 67  HOH HOH A . 
D 3 HOH 13  413 90  HOH HOH A . 
D 3 HOH 14  414 72  HOH HOH A . 
D 3 HOH 15  415 44  HOH HOH A . 
D 3 HOH 16  416 54  HOH HOH A . 
D 3 HOH 17  417 177 HOH HOH A . 
D 3 HOH 18  418 71  HOH HOH A . 
D 3 HOH 19  419 63  HOH HOH A . 
D 3 HOH 20  420 164 HOH HOH A . 
D 3 HOH 21  421 85  HOH HOH A . 
D 3 HOH 22  422 110 HOH HOH A . 
D 3 HOH 23  423 16  HOH HOH A . 
D 3 HOH 24  424 131 HOH HOH A . 
D 3 HOH 25  425 46  HOH HOH A . 
D 3 HOH 26  426 42  HOH HOH A . 
D 3 HOH 27  427 165 HOH HOH A . 
D 3 HOH 28  428 113 HOH HOH A . 
D 3 HOH 29  429 19  HOH HOH A . 
D 3 HOH 30  430 114 HOH HOH A . 
D 3 HOH 31  431 38  HOH HOH A . 
D 3 HOH 32  432 31  HOH HOH A . 
D 3 HOH 33  433 52  HOH HOH A . 
D 3 HOH 34  434 92  HOH HOH A . 
D 3 HOH 35  435 87  HOH HOH A . 
D 3 HOH 36  436 24  HOH HOH A . 
D 3 HOH 37  437 32  HOH HOH A . 
D 3 HOH 38  438 11  HOH HOH A . 
D 3 HOH 39  439 15  HOH HOH A . 
D 3 HOH 40  440 29  HOH HOH A . 
D 3 HOH 41  441 89  HOH HOH A . 
D 3 HOH 42  442 100 HOH HOH A . 
D 3 HOH 43  443 65  HOH HOH A . 
D 3 HOH 44  444 174 HOH HOH A . 
D 3 HOH 45  445 6   HOH HOH A . 
D 3 HOH 46  446 3   HOH HOH A . 
D 3 HOH 47  447 8   HOH HOH A . 
D 3 HOH 48  448 152 HOH HOH A . 
D 3 HOH 49  449 76  HOH HOH A . 
D 3 HOH 50  450 50  HOH HOH A . 
D 3 HOH 51  451 9   HOH HOH A . 
D 3 HOH 52  452 83  HOH HOH A . 
D 3 HOH 53  453 20  HOH HOH A . 
D 3 HOH 54  454 145 HOH HOH A . 
D 3 HOH 55  455 171 HOH HOH A . 
D 3 HOH 56  456 82  HOH HOH A . 
D 3 HOH 57  457 14  HOH HOH A . 
D 3 HOH 58  458 148 HOH HOH A . 
D 3 HOH 59  459 151 HOH HOH A . 
D 3 HOH 60  460 59  HOH HOH A . 
D 3 HOH 61  461 102 HOH HOH A . 
D 3 HOH 62  462 97  HOH HOH A . 
D 3 HOH 63  463 142 HOH HOH A . 
D 3 HOH 64  464 149 HOH HOH A . 
D 3 HOH 65  465 40  HOH HOH A . 
D 3 HOH 66  466 49  HOH HOH A . 
D 3 HOH 67  467 34  HOH HOH A . 
D 3 HOH 68  468 22  HOH HOH A . 
D 3 HOH 69  469 25  HOH HOH A . 
D 3 HOH 70  470 96  HOH HOH A . 
D 3 HOH 71  471 39  HOH HOH A . 
D 3 HOH 72  472 126 HOH HOH A . 
D 3 HOH 73  473 138 HOH HOH A . 
D 3 HOH 74  474 159 HOH HOH A . 
D 3 HOH 75  475 5   HOH HOH A . 
D 3 HOH 76  476 58  HOH HOH A . 
D 3 HOH 77  477 51  HOH HOH A . 
D 3 HOH 78  478 60  HOH HOH A . 
D 3 HOH 79  479 86  HOH HOH A . 
D 3 HOH 80  480 77  HOH HOH A . 
D 3 HOH 81  481 66  HOH HOH A . 
D 3 HOH 82  482 79  HOH HOH A . 
D 3 HOH 83  483 115 HOH HOH A . 
D 3 HOH 84  484 12  HOH HOH A . 
D 3 HOH 85  485 57  HOH HOH A . 
D 3 HOH 86  486 134 HOH HOH A . 
D 3 HOH 87  487 75  HOH HOH A . 
D 3 HOH 88  488 27  HOH HOH A . 
D 3 HOH 89  489 21  HOH HOH A . 
D 3 HOH 90  490 88  HOH HOH A . 
D 3 HOH 91  491 135 HOH HOH A . 
D 3 HOH 92  492 111 HOH HOH A . 
D 3 HOH 93  493 155 HOH HOH A . 
D 3 HOH 94  494 26  HOH HOH A . 
D 3 HOH 95  495 17  HOH HOH A . 
D 3 HOH 96  496 98  HOH HOH A . 
D 3 HOH 97  497 91  HOH HOH A . 
D 3 HOH 98  498 7   HOH HOH A . 
D 3 HOH 99  499 147 HOH HOH A . 
D 3 HOH 100 500 30  HOH HOH A . 
D 3 HOH 101 501 61  HOH HOH A . 
D 3 HOH 102 502 117 HOH HOH A . 
D 3 HOH 103 503 56  HOH HOH A . 
D 3 HOH 104 504 69  HOH HOH A . 
D 3 HOH 105 505 48  HOH HOH A . 
D 3 HOH 106 506 13  HOH HOH A . 
D 3 HOH 107 507 43  HOH HOH A . 
D 3 HOH 108 508 68  HOH HOH A . 
D 3 HOH 109 509 119 HOH HOH A . 
D 3 HOH 110 510 10  HOH HOH A . 
D 3 HOH 111 511 33  HOH HOH A . 
D 3 HOH 112 512 45  HOH HOH A . 
D 3 HOH 113 513 166 HOH HOH A . 
D 3 HOH 114 514 81  HOH HOH A . 
D 3 HOH 115 515 41  HOH HOH A . 
D 3 HOH 116 516 18  HOH HOH A . 
D 3 HOH 117 517 132 HOH HOH A . 
D 3 HOH 118 518 62  HOH HOH A . 
D 3 HOH 119 519 122 HOH HOH A . 
D 3 HOH 120 520 160 HOH HOH A . 
D 3 HOH 121 521 36  HOH HOH A . 
D 3 HOH 122 522 125 HOH HOH A . 
D 3 HOH 123 523 124 HOH HOH A . 
D 3 HOH 124 524 64  HOH HOH A . 
D 3 HOH 125 525 70  HOH HOH A . 
D 3 HOH 126 526 150 HOH HOH A . 
D 3 HOH 127 527 73  HOH HOH A . 
D 3 HOH 128 528 28  HOH HOH A . 
D 3 HOH 129 529 37  HOH HOH A . 
D 3 HOH 130 530 128 HOH HOH A . 
D 3 HOH 131 531 55  HOH HOH A . 
D 3 HOH 132 532 121 HOH HOH A . 
D 3 HOH 133 533 118 HOH HOH A . 
D 3 HOH 134 534 93  HOH HOH A . 
D 3 HOH 135 535 181 HOH HOH A . 
D 3 HOH 136 536 101 HOH HOH A . 
D 3 HOH 137 537 116 HOH HOH A . 
D 3 HOH 138 538 103 HOH HOH A . 
D 3 HOH 139 539 84  HOH HOH A . 
D 3 HOH 140 540 105 HOH HOH A . 
D 3 HOH 141 541 106 HOH HOH A . 
D 3 HOH 142 542 104 HOH HOH A . 
D 3 HOH 143 543 130 HOH HOH A . 
D 3 HOH 144 544 133 HOH HOH A . 
D 3 HOH 145 545 127 HOH HOH A . 
D 3 HOH 146 546 120 HOH HOH A . 
D 3 HOH 147 547 176 HOH HOH A . 
D 3 HOH 148 548 156 HOH HOH A . 
D 3 HOH 149 549 74  HOH HOH A . 
D 3 HOH 150 550 153 HOH HOH A . 
D 3 HOH 151 551 168 HOH HOH A . 
D 3 HOH 152 552 158 HOH HOH A . 
D 3 HOH 153 553 175 HOH HOH A . 
D 3 HOH 154 554 109 HOH HOH A . 
D 3 HOH 155 555 137 HOH HOH A . 
D 3 HOH 156 556 47  HOH HOH A . 
D 3 HOH 157 557 170 HOH HOH A . 
D 3 HOH 158 558 94  HOH HOH A . 
D 3 HOH 159 559 179 HOH HOH A . 
D 3 HOH 160 560 139 HOH HOH A . 
D 3 HOH 161 561 143 HOH HOH A . 
D 3 HOH 162 562 112 HOH HOH A . 
D 3 HOH 163 563 108 HOH HOH A . 
D 3 HOH 164 564 80  HOH HOH A . 
D 3 HOH 165 565 78  HOH HOH A . 
D 3 HOH 166 566 172 HOH HOH A . 
D 3 HOH 167 567 161 HOH HOH A . 
D 3 HOH 168 568 140 HOH HOH A . 
D 3 HOH 169 569 141 HOH HOH A . 
D 3 HOH 170 570 129 HOH HOH A . 
D 3 HOH 171 571 95  HOH HOH A . 
D 3 HOH 172 572 146 HOH HOH A . 
D 3 HOH 173 573 163 HOH HOH A . 
D 3 HOH 174 574 180 HOH HOH A . 
D 3 HOH 175 575 107 HOH HOH A . 
D 3 HOH 176 576 169 HOH HOH A . 
D 3 HOH 177 577 167 HOH HOH A . 
D 3 HOH 178 578 144 HOH HOH A . 
D 3 HOH 179 579 154 HOH HOH A . 
D 3 HOH 180 580 162 HOH HOH A . 
D 3 HOH 181 581 182 HOH HOH A . 
D 3 HOH 182 582 178 HOH HOH A . 
# 
loop_
_software.citation_id 
_software.classification 
_software.compiler_name 
_software.compiler_version 
_software.contact_author 
_software.contact_author_email 
_software.date 
_software.description 
_software.dependencies 
_software.hardware 
_software.language 
_software.location 
_software.mods 
_software.name 
_software.os 
_software.os_version 
_software.type 
_software.version 
_software.pdbx_ordinal 
? refinement       ? ? ? ? ? ? ? ? ? ? ? PHENIX  ? ? ? 1.20.1_4487 1 
? 'data reduction' ? ? ? ? ? ? ? ? ? ? ? XDS     ? ? ? .           2 
? 'data scaling'   ? ? ? ? ? ? ? ? ? ? ? Aimless ? ? ? .           3 
? phasing          ? ? ? ? ? ? ? ? ? ? ? PHASER  ? ? ? .           4 
# 
_cell.angle_alpha                  90.000 
_cell.angle_alpha_esd              ? 
_cell.angle_beta                   90.000 
_cell.angle_beta_esd               ? 
_cell.angle_gamma                  90.000 
_cell.angle_gamma_esd              ? 
_cell.entry_id                     8WYP 
_cell.details                      ? 
_cell.formula_units_Z              ? 
_cell.length_a                     32.320 
_cell.length_a_esd                 ? 
_cell.length_b                     47.320 
_cell.length_b_esd                 ? 
_cell.length_c                     78.760 
_cell.length_c_esd                 ? 
_cell.volume                       120454.158 
_cell.volume_esd                   ? 
_cell.Z_PDB                        4 
_cell.reciprocal_angle_alpha       ? 
_cell.reciprocal_angle_beta        ? 
_cell.reciprocal_angle_gamma       ? 
_cell.reciprocal_angle_alpha_esd   ? 
_cell.reciprocal_angle_beta_esd    ? 
_cell.reciprocal_angle_gamma_esd   ? 
_cell.reciprocal_length_a          ? 
_cell.reciprocal_length_b          ? 
_cell.reciprocal_length_c          ? 
_cell.reciprocal_length_a_esd      ? 
_cell.reciprocal_length_b_esd      ? 
_cell.reciprocal_length_c_esd      ? 
_cell.pdbx_unique_axis             ? 
_cell.pdbx_esd_method              ? 
# 
_symmetry.entry_id                         8WYP 
_symmetry.cell_setting                     ? 
_symmetry.Int_Tables_number                19 
_symmetry.space_group_name_Hall            'P 2ac 2ab' 
_symmetry.space_group_name_H-M             'P 21 21 21' 
_symmetry.pdbx_full_space_group_name_H-M   ? 
# 
_exptl.absorpt_coefficient_mu     ? 
_exptl.absorpt_correction_T_max   ? 
_exptl.absorpt_correction_T_min   ? 
_exptl.absorpt_correction_type    ? 
_exptl.absorpt_process_details    ? 
_exptl.entry_id                   8WYP 
_exptl.crystals_number            1 
_exptl.details                    ? 
_exptl.method                     'X-RAY DIFFRACTION' 
_exptl.method_details             ? 
# 
_exptl_crystal.colour                       ? 
_exptl_crystal.density_diffrn               ? 
_exptl_crystal.density_Matthews             2.02 
_exptl_crystal.density_method               ? 
_exptl_crystal.density_percent_sol          39.21 
_exptl_crystal.description                  ? 
_exptl_crystal.F_000                        ? 
_exptl_crystal.id                           1 
_exptl_crystal.preparation                  ? 
_exptl_crystal.size_max                     ? 
_exptl_crystal.size_mid                     ? 
_exptl_crystal.size_min                     ? 
_exptl_crystal.size_rad                     ? 
_exptl_crystal.colour_lustre                ? 
_exptl_crystal.colour_modifier              ? 
_exptl_crystal.colour_primary               ? 
_exptl_crystal.density_meas                 ? 
_exptl_crystal.density_meas_esd             ? 
_exptl_crystal.density_meas_gt              ? 
_exptl_crystal.density_meas_lt              ? 
_exptl_crystal.density_meas_temp            ? 
_exptl_crystal.density_meas_temp_esd        ? 
_exptl_crystal.density_meas_temp_gt         ? 
_exptl_crystal.density_meas_temp_lt         ? 
_exptl_crystal.pdbx_crystal_image_url       ? 
_exptl_crystal.pdbx_crystal_image_format    ? 
_exptl_crystal.pdbx_mosaicity               ? 
_exptl_crystal.pdbx_mosaicity_esd           ? 
_exptl_crystal.pdbx_mosaic_method           ? 
_exptl_crystal.pdbx_mosaic_block_size       ? 
_exptl_crystal.pdbx_mosaic_block_size_esd   ? 
# 
_exptl_crystal_grow.apparatus       ? 
_exptl_crystal_grow.atmosphere      ? 
_exptl_crystal_grow.crystal_id      1 
_exptl_crystal_grow.details         ? 
_exptl_crystal_grow.method          'VAPOR DIFFUSION, SITTING DROP' 
_exptl_crystal_grow.method_ref      ? 
_exptl_crystal_grow.pH              ? 
_exptl_crystal_grow.pressure        ? 
_exptl_crystal_grow.pressure_esd    ? 
_exptl_crystal_grow.seeding         ? 
_exptl_crystal_grow.seeding_ref     ? 
_exptl_crystal_grow.temp_details    ? 
_exptl_crystal_grow.temp_esd        ? 
_exptl_crystal_grow.time            ? 
_exptl_crystal_grow.pdbx_details    '4.0 M sodium formate and 200 mM NDSB-201' 
_exptl_crystal_grow.pdbx_pH_range   ? 
_exptl_crystal_grow.temp            295 
# 
_diffrn.ambient_environment              ? 
_diffrn.ambient_temp                     100 
_diffrn.ambient_temp_details             ? 
_diffrn.ambient_temp_esd                 ? 
_diffrn.crystal_id                       1 
_diffrn.crystal_support                  ? 
_diffrn.crystal_treatment                ? 
_diffrn.details                          ? 
_diffrn.id                               1 
_diffrn.ambient_pressure                 ? 
_diffrn.ambient_pressure_esd             ? 
_diffrn.ambient_pressure_gt              ? 
_diffrn.ambient_pressure_lt              ? 
_diffrn.ambient_temp_gt                  ? 
_diffrn.ambient_temp_lt                  ? 
_diffrn.pdbx_serial_crystal_experiment   N 
# 
_diffrn_detector.details                      ? 
_diffrn_detector.detector                     CMOS 
_diffrn_detector.diffrn_id                    1 
_diffrn_detector.type                         'RDI CMOS_8M' 
_diffrn_detector.area_resol_mean              ? 
_diffrn_detector.dtime                        ? 
_diffrn_detector.pdbx_frames_total            ? 
_diffrn_detector.pdbx_collection_time_total   ? 
_diffrn_detector.pdbx_collection_date         2018-04-01 
_diffrn_detector.pdbx_frequency               ? 
_diffrn_detector.id                           ? 
_diffrn_detector.number_of_axes               ? 
# 
_diffrn_radiation.collimation                      ? 
_diffrn_radiation.diffrn_id                        1 
_diffrn_radiation.filter_edge                      ? 
_diffrn_radiation.inhomogeneity                    ? 
_diffrn_radiation.monochromator                    ? 
_diffrn_radiation.polarisn_norm                    ? 
_diffrn_radiation.polarisn_ratio                   ? 
_diffrn_radiation.probe                            ? 
_diffrn_radiation.type                             ? 
_diffrn_radiation.xray_symbol                      ? 
_diffrn_radiation.wavelength_id                    1 
_diffrn_radiation.pdbx_monochromatic_or_laue_m_l   M 
_diffrn_radiation.pdbx_wavelength_list             ? 
_diffrn_radiation.pdbx_wavelength                  ? 
_diffrn_radiation.pdbx_diffrn_protocol             'SINGLE WAVELENGTH' 
_diffrn_radiation.pdbx_analyzer                    ? 
_diffrn_radiation.pdbx_scattering_type             x-ray 
# 
_diffrn_radiation_wavelength.id           1 
_diffrn_radiation_wavelength.wavelength   0.9793 
_diffrn_radiation_wavelength.wt           1.0 
# 
_diffrn_source.current                     ? 
_diffrn_source.details                     ? 
_diffrn_source.diffrn_id                   1 
_diffrn_source.power                       ? 
_diffrn_source.size                        ? 
_diffrn_source.source                      SYNCHROTRON 
_diffrn_source.target                      ? 
_diffrn_source.type                        'SSRF BEAMLINE BL17U1' 
_diffrn_source.voltage                     ? 
_diffrn_source.take-off_angle              ? 
_diffrn_source.pdbx_wavelength_list        0.9793 
_diffrn_source.pdbx_wavelength             ? 
_diffrn_source.pdbx_synchrotron_beamline   BL17U1 
_diffrn_source.pdbx_synchrotron_site       SSRF 
# 
_reflns.B_iso_Wilson_estimate                          17.17 
_reflns.entry_id                                       8WYP 
_reflns.data_reduction_details                         ? 
_reflns.data_reduction_method                          ? 
_reflns.d_resolution_high                              1.24 
_reflns.d_resolution_low                               40.56 
_reflns.details                                        ? 
_reflns.limit_h_max                                    ? 
_reflns.limit_h_min                                    ? 
_reflns.limit_k_max                                    ? 
_reflns.limit_k_min                                    ? 
_reflns.limit_l_max                                    ? 
_reflns.limit_l_min                                    ? 
_reflns.number_all                                     ? 
_reflns.number_obs                                     34997 
_reflns.observed_criterion                             ? 
_reflns.observed_criterion_F_max                       ? 
_reflns.observed_criterion_F_min                       ? 
_reflns.observed_criterion_I_max                       ? 
_reflns.observed_criterion_I_min                       ? 
_reflns.observed_criterion_sigma_F                     ? 
_reflns.observed_criterion_sigma_I                     ? 
_reflns.percent_possible_obs                           99.35 
_reflns.R_free_details                                 ? 
_reflns.Rmerge_F_all                                   ? 
_reflns.Rmerge_F_obs                                   ? 
_reflns.Friedel_coverage                               ? 
_reflns.number_gt                                      ? 
_reflns.threshold_expression                           ? 
_reflns.pdbx_redundancy                                11.4 
_reflns.pdbx_netI_over_av_sigmaI                       ? 
_reflns.pdbx_netI_over_sigmaI                          45.6 
_reflns.pdbx_res_netI_over_av_sigmaI_2                 ? 
_reflns.pdbx_res_netI_over_sigmaI_2                    ? 
_reflns.pdbx_chi_squared                               ? 
_reflns.pdbx_scaling_rejects                           ? 
_reflns.pdbx_d_res_high_opt                            ? 
_reflns.pdbx_d_res_low_opt                             ? 
_reflns.pdbx_d_res_opt_method                          ? 
_reflns.phase_calculation_details                      ? 
_reflns.pdbx_Rrim_I_all                                ? 
_reflns.pdbx_Rpim_I_all                                ? 
_reflns.pdbx_d_opt                                     ? 
_reflns.pdbx_number_measured_all                       ? 
_reflns.pdbx_diffrn_id                                 1 
_reflns.pdbx_ordinal                                   1 
_reflns.pdbx_CC_half                                   ? 
_reflns.pdbx_CC_star                                   ? 
_reflns.pdbx_R_split                                   ? 
_reflns.pdbx_Rmerge_I_obs                              0.045 
_reflns.pdbx_Rmerge_I_all                              ? 
_reflns.pdbx_Rsym_value                                ? 
_reflns.pdbx_CC_split_method                           ? 
_reflns.pdbx_aniso_diffraction_limit_axis_1_ortho[1]   ? 
_reflns.pdbx_aniso_diffraction_limit_axis_1_ortho[2]   ? 
_reflns.pdbx_aniso_diffraction_limit_axis_1_ortho[3]   ? 
_reflns.pdbx_aniso_diffraction_limit_axis_2_ortho[1]   ? 
_reflns.pdbx_aniso_diffraction_limit_axis_2_ortho[2]   ? 
_reflns.pdbx_aniso_diffraction_limit_axis_2_ortho[3]   ? 
_reflns.pdbx_aniso_diffraction_limit_axis_3_ortho[1]   ? 
_reflns.pdbx_aniso_diffraction_limit_axis_3_ortho[2]   ? 
_reflns.pdbx_aniso_diffraction_limit_axis_3_ortho[3]   ? 
_reflns.pdbx_aniso_diffraction_limit_1                 ? 
_reflns.pdbx_aniso_diffraction_limit_2                 ? 
_reflns.pdbx_aniso_diffraction_limit_3                 ? 
_reflns.pdbx_aniso_B_tensor_eigenvector_1_ortho[1]     ? 
_reflns.pdbx_aniso_B_tensor_eigenvector_1_ortho[2]     ? 
_reflns.pdbx_aniso_B_tensor_eigenvector_1_ortho[3]     ? 
_reflns.pdbx_aniso_B_tensor_eigenvector_2_ortho[1]     ? 
_reflns.pdbx_aniso_B_tensor_eigenvector_2_ortho[2]     ? 
_reflns.pdbx_aniso_B_tensor_eigenvector_2_ortho[3]     ? 
_reflns.pdbx_aniso_B_tensor_eigenvector_3_ortho[1]     ? 
_reflns.pdbx_aniso_B_tensor_eigenvector_3_ortho[2]     ? 
_reflns.pdbx_aniso_B_tensor_eigenvector_3_ortho[3]     ? 
_reflns.pdbx_aniso_B_tensor_eigenvalue_1               ? 
_reflns.pdbx_aniso_B_tensor_eigenvalue_2               ? 
_reflns.pdbx_aniso_B_tensor_eigenvalue_3               ? 
_reflns.pdbx_orthogonalization_convention              ? 
_reflns.pdbx_percent_possible_ellipsoidal              ? 
_reflns.pdbx_percent_possible_spherical                ? 
_reflns.pdbx_percent_possible_ellipsoidal_anomalous    ? 
_reflns.pdbx_percent_possible_spherical_anomalous      ? 
_reflns.pdbx_redundancy_anomalous                      ? 
_reflns.pdbx_CC_half_anomalous                         ? 
_reflns.pdbx_absDiff_over_sigma_anomalous              ? 
_reflns.pdbx_percent_possible_anomalous                ? 
_reflns.pdbx_observed_signal_threshold                 ? 
_reflns.pdbx_signal_type                               ? 
_reflns.pdbx_signal_details                            ? 
_reflns.pdbx_signal_software_id                        ? 
# 
_reflns_shell.d_res_high                                    1.24 
_reflns_shell.d_res_low                                     1.28 
_reflns_shell.meanI_over_sigI_all                           ? 
_reflns_shell.meanI_over_sigI_obs                           ? 
_reflns_shell.number_measured_all                           ? 
_reflns_shell.number_measured_obs                           ? 
_reflns_shell.number_possible                               ? 
_reflns_shell.number_unique_all                             ? 
_reflns_shell.number_unique_obs                             3392 
_reflns_shell.percent_possible_obs                          ? 
_reflns_shell.Rmerge_F_all                                  ? 
_reflns_shell.Rmerge_F_obs                                  ? 
_reflns_shell.meanI_over_sigI_gt                            ? 
_reflns_shell.meanI_over_uI_all                             ? 
_reflns_shell.meanI_over_uI_gt                              ? 
_reflns_shell.number_measured_gt                            ? 
_reflns_shell.number_unique_gt                              ? 
_reflns_shell.percent_possible_gt                           ? 
_reflns_shell.Rmerge_F_gt                                   ? 
_reflns_shell.Rmerge_I_gt                                   ? 
_reflns_shell.pdbx_redundancy                               ? 
_reflns_shell.pdbx_chi_squared                              ? 
_reflns_shell.pdbx_netI_over_sigmaI_all                     ? 
_reflns_shell.pdbx_netI_over_sigmaI_obs                     ? 
_reflns_shell.pdbx_Rrim_I_all                               ? 
_reflns_shell.pdbx_Rpim_I_all                               ? 
_reflns_shell.pdbx_rejects                                  ? 
_reflns_shell.pdbx_ordinal                                  1 
_reflns_shell.pdbx_diffrn_id                                1 
_reflns_shell.pdbx_CC_half                                  ? 
_reflns_shell.pdbx_CC_star                                  ? 
_reflns_shell.pdbx_R_split                                  ? 
_reflns_shell.percent_possible_all                          ? 
_reflns_shell.Rmerge_I_all                                  ? 
_reflns_shell.Rmerge_I_obs                                  0.045 
_reflns_shell.pdbx_Rsym_value                               ? 
_reflns_shell.pdbx_percent_possible_ellipsoidal             ? 
_reflns_shell.pdbx_percent_possible_spherical               ? 
_reflns_shell.pdbx_percent_possible_ellipsoidal_anomalous   ? 
_reflns_shell.pdbx_percent_possible_spherical_anomalous     ? 
_reflns_shell.pdbx_redundancy_anomalous                     ? 
_reflns_shell.pdbx_CC_half_anomalous                        ? 
_reflns_shell.pdbx_absDiff_over_sigma_anomalous             ? 
_reflns_shell.pdbx_percent_possible_anomalous               ? 
# 
_refine.aniso_B[1][1]                            ? 
_refine.aniso_B[1][2]                            ? 
_refine.aniso_B[1][3]                            ? 
_refine.aniso_B[2][2]                            ? 
_refine.aniso_B[2][3]                            ? 
_refine.aniso_B[3][3]                            ? 
_refine.B_iso_max                                ? 
_refine.B_iso_mean                               17.17 
_refine.B_iso_min                                ? 
_refine.correlation_coeff_Fo_to_Fc               ? 
_refine.correlation_coeff_Fo_to_Fc_free          ? 
_refine.details                                  ? 
_refine.diff_density_max                         ? 
_refine.diff_density_max_esd                     ? 
_refine.diff_density_min                         ? 
_refine.diff_density_min_esd                     ? 
_refine.diff_density_rms                         ? 
_refine.diff_density_rms_esd                     ? 
_refine.entry_id                                 8WYP 
_refine.pdbx_refine_id                           'X-RAY DIFFRACTION' 
_refine.ls_abs_structure_details                 ? 
_refine.ls_abs_structure_Flack                   ? 
_refine.ls_abs_structure_Flack_esd               ? 
_refine.ls_abs_structure_Rogers                  ? 
_refine.ls_abs_structure_Rogers_esd              ? 
_refine.ls_d_res_high                            1.24 
_refine.ls_d_res_low                             40.56 
_refine.ls_extinction_coef                       ? 
_refine.ls_extinction_coef_esd                   ? 
_refine.ls_extinction_expression                 ? 
_refine.ls_extinction_method                     ? 
_refine.ls_goodness_of_fit_all                   ? 
_refine.ls_goodness_of_fit_all_esd               ? 
_refine.ls_goodness_of_fit_obs                   ? 
_refine.ls_goodness_of_fit_obs_esd               ? 
_refine.ls_hydrogen_treatment                    ? 
_refine.ls_matrix_type                           ? 
_refine.ls_number_constraints                    ? 
_refine.ls_number_parameters                     ? 
_refine.ls_number_reflns_all                     ? 
_refine.ls_number_reflns_obs                     34997 
_refine.ls_number_reflns_R_free                  1998 
_refine.ls_number_reflns_R_work                  32999 
_refine.ls_number_restraints                     ? 
_refine.ls_percent_reflns_obs                    98.95 
_refine.ls_percent_reflns_R_free                 5.71 
_refine.ls_R_factor_all                          ? 
_refine.ls_R_factor_obs                          0.1972 
_refine.ls_R_factor_R_free                       0.2143 
_refine.ls_R_factor_R_free_error                 ? 
_refine.ls_R_factor_R_free_error_details         ? 
_refine.ls_R_factor_R_work                       0.1962 
_refine.ls_R_Fsqd_factor_obs                     ? 
_refine.ls_R_I_factor_obs                        ? 
_refine.ls_redundancy_reflns_all                 ? 
_refine.ls_redundancy_reflns_obs                 ? 
_refine.ls_restrained_S_all                      ? 
_refine.ls_restrained_S_obs                      ? 
_refine.ls_shift_over_esd_max                    ? 
_refine.ls_shift_over_esd_mean                   ? 
_refine.ls_structure_factor_coef                 ? 
_refine.ls_weighting_details                     ? 
_refine.ls_weighting_scheme                      ? 
_refine.ls_wR_factor_all                         ? 
_refine.ls_wR_factor_obs                         ? 
_refine.ls_wR_factor_R_free                      ? 
_refine.ls_wR_factor_R_work                      ? 
_refine.occupancy_max                            ? 
_refine.occupancy_min                            ? 
_refine.solvent_model_details                    'FLAT BULK SOLVENT MODEL' 
_refine.solvent_model_param_bsol                 ? 
_refine.solvent_model_param_ksol                 ? 
_refine.pdbx_R_complete                          ? 
_refine.ls_R_factor_gt                           ? 
_refine.ls_goodness_of_fit_gt                    ? 
_refine.ls_goodness_of_fit_ref                   ? 
_refine.ls_shift_over_su_max                     ? 
_refine.ls_shift_over_su_max_lt                  ? 
_refine.ls_shift_over_su_mean                    ? 
_refine.ls_shift_over_su_mean_lt                 ? 
_refine.pdbx_ls_sigma_I                          ? 
_refine.pdbx_ls_sigma_F                          1.34 
_refine.pdbx_ls_sigma_Fsqd                       ? 
_refine.pdbx_data_cutoff_high_absF               ? 
_refine.pdbx_data_cutoff_high_rms_absF           ? 
_refine.pdbx_data_cutoff_low_absF                ? 
_refine.pdbx_isotropic_thermal_model             ? 
_refine.pdbx_ls_cross_valid_method               'FREE R-VALUE' 
_refine.pdbx_method_to_determine_struct          'MOLECULAR REPLACEMENT' 
_refine.pdbx_starting_model                      ? 
_refine.pdbx_stereochemistry_target_values       'GeoStd + Monomer Library + CDL v1.2' 
_refine.pdbx_R_Free_selection_details            ? 
_refine.pdbx_stereochem_target_val_spec_case     ? 
_refine.pdbx_overall_ESU_R                       ? 
_refine.pdbx_overall_ESU_R_Free                  ? 
_refine.pdbx_solvent_vdw_probe_radii             1.1000 
_refine.pdbx_solvent_ion_probe_radii             ? 
_refine.pdbx_solvent_shrinkage_radii             0.9000 
_refine.pdbx_real_space_R                        ? 
_refine.pdbx_density_correlation                 ? 
_refine.pdbx_pd_number_of_powder_patterns        ? 
_refine.pdbx_pd_number_of_points                 ? 
_refine.pdbx_pd_meas_number_of_points            ? 
_refine.pdbx_pd_proc_ls_prof_R_factor            ? 
_refine.pdbx_pd_proc_ls_prof_wR_factor           ? 
_refine.pdbx_pd_Marquardt_correlation_coeff      ? 
_refine.pdbx_pd_Fsqrd_R_factor                   ? 
_refine.pdbx_pd_ls_matrix_band_width             ? 
_refine.pdbx_overall_phase_error                 22.4963 
_refine.pdbx_overall_SU_R_free_Cruickshank_DPI   ? 
_refine.pdbx_overall_SU_R_free_Blow_DPI          ? 
_refine.pdbx_overall_SU_R_Blow_DPI               ? 
_refine.pdbx_TLS_residual_ADP_flag               ? 
_refine.pdbx_diffrn_id                           1 
_refine.overall_SU_B                             ? 
_refine.overall_SU_ML                            0.1428 
_refine.overall_SU_R_Cruickshank_DPI             ? 
_refine.overall_SU_R_free                        ? 
_refine.overall_FOM_free_R_set                   ? 
_refine.overall_FOM_work_R_set                   ? 
_refine.pdbx_average_fsc_overall                 ? 
_refine.pdbx_average_fsc_work                    ? 
_refine.pdbx_average_fsc_free                    ? 
# 
_refine_hist.pdbx_refine_id                   'X-RAY DIFFRACTION' 
_refine_hist.cycle_id                         LAST 
_refine_hist.details                          ? 
_refine_hist.d_res_high                       1.24 
_refine_hist.d_res_low                        40.56 
_refine_hist.number_atoms_solvent             182 
_refine_hist.number_atoms_total               1250 
_refine_hist.number_reflns_all                ? 
_refine_hist.number_reflns_obs                ? 
_refine_hist.number_reflns_R_free             ? 
_refine_hist.number_reflns_R_work             ? 
_refine_hist.R_factor_all                     ? 
_refine_hist.R_factor_obs                     ? 
_refine_hist.R_factor_R_free                  ? 
_refine_hist.R_factor_R_work                  ? 
_refine_hist.pdbx_number_residues_total       ? 
_refine_hist.pdbx_B_iso_mean_ligand           ? 
_refine_hist.pdbx_B_iso_mean_solvent          ? 
_refine_hist.pdbx_number_atoms_protein        1046 
_refine_hist.pdbx_number_atoms_nucleic_acid   0 
_refine_hist.pdbx_number_atoms_ligand         22 
_refine_hist.pdbx_number_atoms_lipid          ? 
_refine_hist.pdbx_number_atoms_carb           ? 
_refine_hist.pdbx_pseudo_atom_details         ? 
# 
loop_
_refine_ls_restr.pdbx_refine_id 
_refine_ls_restr.criterion 
_refine_ls_restr.dev_ideal 
_refine_ls_restr.dev_ideal_target 
_refine_ls_restr.number 
_refine_ls_restr.rejects 
_refine_ls_restr.type 
_refine_ls_restr.weight 
_refine_ls_restr.pdbx_restraint_function 
'X-RAY DIFFRACTION' ? 0.0053  ? 1100 ? f_bond_d           ? ? 
'X-RAY DIFFRACTION' ? 0.9074  ? 1498 ? f_angle_d          ? ? 
'X-RAY DIFFRACTION' ? 0.0719  ? 156  ? f_chiral_restr     ? ? 
'X-RAY DIFFRACTION' ? 0.0060  ? 191  ? f_plane_restr      ? ? 
'X-RAY DIFFRACTION' ? 12.8131 ? 417  ? f_dihedral_angle_d ? ? 
# 
loop_
_refine_ls_shell.pdbx_refine_id 
_refine_ls_shell.d_res_high 
_refine_ls_shell.d_res_low 
_refine_ls_shell.number_reflns_all 
_refine_ls_shell.number_reflns_obs 
_refine_ls_shell.number_reflns_R_free 
_refine_ls_shell.number_reflns_R_work 
_refine_ls_shell.percent_reflns_obs 
_refine_ls_shell.percent_reflns_R_free 
_refine_ls_shell.R_factor_all 
_refine_ls_shell.R_factor_obs 
_refine_ls_shell.R_factor_R_free_error 
_refine_ls_shell.R_factor_R_work 
_refine_ls_shell.redundancy_reflns_all 
_refine_ls_shell.redundancy_reflns_obs 
_refine_ls_shell.wR_factor_all 
_refine_ls_shell.wR_factor_obs 
_refine_ls_shell.wR_factor_R_free 
_refine_ls_shell.wR_factor_R_work 
_refine_ls_shell.pdbx_R_complete 
_refine_ls_shell.pdbx_total_number_of_bins_used 
_refine_ls_shell.pdbx_phase_error 
_refine_ls_shell.pdbx_fsc_work 
_refine_ls_shell.pdbx_fsc_free 
_refine_ls_shell.R_factor_R_free 
'X-RAY DIFFRACTION' 1.24 1.27  . . 138 2298 98.38 . . . . .      . . . . . . . . . . . .      
'X-RAY DIFFRACTION' 1.27 1.30  . . 141 2316 98.71 . . . . 0.3012 . . . . . . . . . . . 0.3267 
'X-RAY DIFFRACTION' 1.30 1.34  . . 140 2316 98.91 . . . . 0.2779 . . . . . . . . . . . 0.2915 
'X-RAY DIFFRACTION' 1.34 1.38  . . 139 2315 99.11 . . . . 0.2645 . . . . . . . . . . . 0.2801 
'X-RAY DIFFRACTION' 1.38 1.43  . . 144 2350 99.13 . . . . 0.2299 . . . . . . . . . . . 0.2418 
'X-RAY DIFFRACTION' 1.43 1.49  . . 140 2307 98.91 . . . . 0.2132 . . . . . . . . . . . 0.2379 
'X-RAY DIFFRACTION' 1.49 1.56  . . 140 2323 98.68 . . . . 0.2016 . . . . . . . . . . . 0.2324 
'X-RAY DIFFRACTION' 1.56 1.64  . . 144 2366 98.97 . . . . 0.1907 . . . . . . . . . . . 0.2071 
'X-RAY DIFFRACTION' 1.64 1.74  . . 142 2354 99.48 . . . . 0.1872 . . . . . . . . . . . 0.2277 
'X-RAY DIFFRACTION' 1.74 1.88  . . 142 2357 99.48 . . . . 0.1873 . . . . . . . . . . . 0.2395 
'X-RAY DIFFRACTION' 1.88 2.07  . . 143 2359 98.74 . . . . 0.1697 . . . . . . . . . . . 0.1998 
'X-RAY DIFFRACTION' 2.07 2.36  . . 147 2414 99.61 . . . . 0.1785 . . . . . . . . . . . 0.1935 
'X-RAY DIFFRACTION' 2.36 2.98  . . 145 2401 98.80 . . . . 0.1926 . . . . . . . . . . . 0.1898 
'X-RAY DIFFRACTION' 2.98 40.56 . . 153 2523 98.45 . . . . 0.1819 . . . . . . . . . . . 0.1955 
# 
_struct.entry_id                     8WYP 
_struct.title                        'High Resolution Crystal Structure of Brd4 BD-1 in Complex with a Novel Inhibitor Precursor' 
_struct.pdbx_model_details           ? 
_struct.pdbx_formula_weight          ? 
_struct.pdbx_formula_weight_method   ? 
_struct.pdbx_model_type_details      ? 
_struct.pdbx_CASP_flag               N 
# 
_struct_keywords.entry_id        8WYP 
_struct_keywords.text            'BRD4 Inhibitor, TRANSCRIPTION' 
_struct_keywords.pdbx_keywords   TRANSCRIPTION 
# 
loop_
_struct_asym.id 
_struct_asym.pdbx_blank_PDB_chainid_flag 
_struct_asym.pdbx_modified 
_struct_asym.entity_id 
_struct_asym.details 
A N N 1 ? 
B N N 2 ? 
C N N 2 ? 
D N N 3 ? 
# 
_struct_ref.id                         1 
_struct_ref.db_name                    UNP 
_struct_ref.db_code                    BRD4_HUMAN 
_struct_ref.pdbx_db_accession          O60885 
_struct_ref.pdbx_db_isoform            ? 
_struct_ref.entity_id                  1 
_struct_ref.pdbx_seq_one_letter_code   
;NPPPPETSNPNKPKRQTNQLQYLLRVVLKTLWKHQFAWPFQQPVDAVKLNLPDYYKIIKTPMDMGTIKKRLENNYYWNAQ
ECIQDFNTMFTNCYIYNKPGDDIVLMAEALEKLFLQKINELPTE
;
_struct_ref.pdbx_align_begin           44 
# 
_struct_ref_seq.align_id                      1 
_struct_ref_seq.ref_id                        1 
_struct_ref_seq.pdbx_PDB_id_code              8WYP 
_struct_ref_seq.pdbx_strand_id                A 
_struct_ref_seq.seq_align_beg                 2 
_struct_ref_seq.pdbx_seq_align_beg_ins_code   ? 
_struct_ref_seq.seq_align_end                 125 
_struct_ref_seq.pdbx_seq_align_end_ins_code   ? 
_struct_ref_seq.pdbx_db_accession             O60885 
_struct_ref_seq.db_align_beg                  44 
_struct_ref_seq.pdbx_db_align_beg_ins_code    ? 
_struct_ref_seq.db_align_end                  167 
_struct_ref_seq.pdbx_db_align_end_ins_code    ? 
_struct_ref_seq.pdbx_auth_seq_align_beg       2 
_struct_ref_seq.pdbx_auth_seq_align_end       241 
# 
_struct_ref_seq_dif.align_id                     1 
_struct_ref_seq_dif.pdbx_pdb_id_code             8WYP 
_struct_ref_seq_dif.mon_id                       MET 
_struct_ref_seq_dif.pdbx_pdb_strand_id           A 
_struct_ref_seq_dif.seq_num                      1 
_struct_ref_seq_dif.pdbx_pdb_ins_code            ? 
_struct_ref_seq_dif.pdbx_seq_db_name             UNP 
_struct_ref_seq_dif.pdbx_seq_db_accession_code   O60885 
_struct_ref_seq_dif.db_mon_id                    ? 
_struct_ref_seq_dif.pdbx_seq_db_seq_num          ? 
_struct_ref_seq_dif.details                      'initiating methionine' 
_struct_ref_seq_dif.pdbx_auth_seq_num            1 
_struct_ref_seq_dif.pdbx_ordinal                 1 
# 
_pdbx_struct_assembly.id                   1 
_pdbx_struct_assembly.details              author_defined_assembly 
_pdbx_struct_assembly.method_details       ? 
_pdbx_struct_assembly.oligomeric_details   monomeric 
_pdbx_struct_assembly.oligomeric_count     1 
# 
_pdbx_struct_assembly_gen.assembly_id       1 
_pdbx_struct_assembly_gen.oper_expression   1 
_pdbx_struct_assembly_gen.asym_id_list      A,B,C,D 
# 
_pdbx_struct_assembly_auth_evidence.id                     1 
_pdbx_struct_assembly_auth_evidence.assembly_id            1 
_pdbx_struct_assembly_auth_evidence.experimental_support   'gel filtration' 
_pdbx_struct_assembly_auth_evidence.details                ? 
# 
_pdbx_struct_oper_list.id                   1 
_pdbx_struct_oper_list.type                 'identity operation' 
_pdbx_struct_oper_list.name                 1_555 
_pdbx_struct_oper_list.symmetry_operation   x,y,z 
_pdbx_struct_oper_list.matrix[1][1]         1.0000000000 
_pdbx_struct_oper_list.matrix[1][2]         0.0000000000 
_pdbx_struct_oper_list.matrix[1][3]         0.0000000000 
_pdbx_struct_oper_list.vector[1]            0.0000000000 
_pdbx_struct_oper_list.matrix[2][1]         0.0000000000 
_pdbx_struct_oper_list.matrix[2][2]         1.0000000000 
_pdbx_struct_oper_list.matrix[2][3]         0.0000000000 
_pdbx_struct_oper_list.vector[2]            0.0000000000 
_pdbx_struct_oper_list.matrix[3][1]         0.0000000000 
_pdbx_struct_oper_list.matrix[3][2]         0.0000000000 
_pdbx_struct_oper_list.matrix[3][3]         1.0000000000 
_pdbx_struct_oper_list.vector[3]            0.0000000000 
# 
loop_
_struct_conf.conf_type_id 
_struct_conf.id 
_struct_conf.pdbx_PDB_helix_id 
_struct_conf.beg_label_comp_id 
_struct_conf.beg_label_asym_id 
_struct_conf.beg_label_seq_id 
_struct_conf.pdbx_beg_PDB_ins_code 
_struct_conf.end_label_comp_id 
_struct_conf.end_label_asym_id 
_struct_conf.end_label_seq_id 
_struct_conf.pdbx_end_PDB_ins_code 
_struct_conf.beg_auth_comp_id 
_struct_conf.beg_auth_asym_id 
_struct_conf.beg_auth_seq_id 
_struct_conf.end_auth_comp_id 
_struct_conf.end_auth_asym_id 
_struct_conf.end_auth_seq_id 
_struct_conf.pdbx_PDB_helix_class 
_struct_conf.details 
_struct_conf.pdbx_PDB_helix_length 
HELX_P HELX_P1 AA1 THR A 18  ? VAL A 27  ? THR A 18  VAL A 27  1 ? 10 
HELX_P HELX_P2 AA2 VAL A 27  ? TRP A 33  ? VAL A 27  TRP A 33  1 ? 7  
HELX_P HELX_P3 AA3 ALA A 38  ? GLN A 42  ? ALA A 38  GLN A 42  5 ? 5  
HELX_P HELX_P4 AA4 ASP A 54  ? ILE A 59  ? ASP A 144 ILE A 153 1 ? 6  
HELX_P HELX_P5 AA5 ASP A 64  ? ASN A 74  ? ASP A 162 ASN A 180 1 ? 11 
HELX_P HELX_P6 AA6 ASN A 79  ? ASN A 98  ? ASN A 190 ASN A 214 1 ? 20 
HELX_P HELX_P7 AA7 ASP A 102 ? ASN A 120 ? ASP A 218 ASN A 236 1 ? 19 
# 
_struct_conf_type.id          HELX_P 
_struct_conf_type.criteria    ? 
_struct_conf_type.reference   ? 
# 
loop_
_pdbx_validate_close_contact.id 
_pdbx_validate_close_contact.PDB_model_num 
_pdbx_validate_close_contact.auth_atom_id_1 
_pdbx_validate_close_contact.auth_asym_id_1 
_pdbx_validate_close_contact.auth_comp_id_1 
_pdbx_validate_close_contact.auth_seq_id_1 
_pdbx_validate_close_contact.PDB_ins_code_1 
_pdbx_validate_close_contact.label_alt_id_1 
_pdbx_validate_close_contact.auth_atom_id_2 
_pdbx_validate_close_contact.auth_asym_id_2 
_pdbx_validate_close_contact.auth_comp_id_2 
_pdbx_validate_close_contact.auth_seq_id_2 
_pdbx_validate_close_contact.PDB_ins_code_2 
_pdbx_validate_close_contact.label_alt_id_2 
_pdbx_validate_close_contact.dist 
1 1 OE2 A GLU 237 ? ? O A HOH 401 ? ? 1.96 
2 1 ND2 A ASN 12  ? ? O A HOH 402 ? ? 1.98 
3 1 O   A HOH 403 ? ? O A HOH 543 ? ? 2.15 
4 1 O   A HOH 432 ? ? O A HOH 537 ? ? 2.15 
5 1 O   A HOH 537 ? ? O A HOH 559 ? ? 2.18 
6 1 OD1 A ASN 12  ? ? O A HOH 403 ? ? 2.19 
# 
loop_
_pdbx_validate_symm_contact.id 
_pdbx_validate_symm_contact.PDB_model_num 
_pdbx_validate_symm_contact.auth_atom_id_1 
_pdbx_validate_symm_contact.auth_asym_id_1 
_pdbx_validate_symm_contact.auth_comp_id_1 
_pdbx_validate_symm_contact.auth_seq_id_1 
_pdbx_validate_symm_contact.PDB_ins_code_1 
_pdbx_validate_symm_contact.label_alt_id_1 
_pdbx_validate_symm_contact.site_symmetry_1 
_pdbx_validate_symm_contact.auth_atom_id_2 
_pdbx_validate_symm_contact.auth_asym_id_2 
_pdbx_validate_symm_contact.auth_comp_id_2 
_pdbx_validate_symm_contact.auth_seq_id_2 
_pdbx_validate_symm_contact.PDB_ins_code_2 
_pdbx_validate_symm_contact.label_alt_id_2 
_pdbx_validate_symm_contact.site_symmetry_2 
_pdbx_validate_symm_contact.dist 
1 1 O A HOH 416 ? ? 1_555 O A HOH 493 ? ? 4_556 1.84 
2 1 O A HOH 421 ? ? 1_555 O A HOH 543 ? ? 2_664 1.93 
3 1 O A HOH 513 ? ? 1_555 O A HOH 576 ? ? 4_456 1.98 
4 1 O A HOH 412 ? ? 1_555 O A HOH 552 ? ? 4_566 2.04 
5 1 O A HOH 410 ? ? 1_555 O A HOH 553 ? ? 1_545 2.08 
6 1 O A HOH 461 ? ? 1_555 O A HOH 495 ? ? 3_656 2.14 
7 1 O A HOH 406 ? ? 1_555 O A HOH 482 ? ? 4_456 2.15 
# 
loop_
_pdbx_validate_torsion.id 
_pdbx_validate_torsion.PDB_model_num 
_pdbx_validate_torsion.auth_comp_id 
_pdbx_validate_torsion.auth_asym_id 
_pdbx_validate_torsion.auth_seq_id 
_pdbx_validate_torsion.PDB_ins_code 
_pdbx_validate_torsion.label_alt_id 
_pdbx_validate_torsion.phi 
_pdbx_validate_torsion.psi 
1 1 ASN A 10  ? ? -160.65 103.38  
2 1 LEU A 141 ? ? -118.44 68.35   
3 1 ASN A 214 ? ? -113.85 -142.43 
# 
loop_
_space_group_symop.id 
_space_group_symop.operation_xyz 
1 x,y,z           
2 x+1/2,-y+1/2,-z 
3 -x,y+1/2,-z+1/2 
4 -x+1/2,-y,z+1/2 
# 
_pdbx_entry_details.entry_id                 8WYP 
_pdbx_entry_details.has_ligand_of_interest   Y 
_pdbx_entry_details.compound_details         ? 
_pdbx_entry_details.source_details           ? 
_pdbx_entry_details.nonpolymer_details       ? 
_pdbx_entry_details.sequence_details         ? 
# 
loop_
_chem_comp_atom.comp_id 
_chem_comp_atom.atom_id 
_chem_comp_atom.type_symbol 
_chem_comp_atom.pdbx_aromatic_flag 
_chem_comp_atom.pdbx_stereo_config 
_chem_comp_atom.pdbx_ordinal 
ALA N    N  N N 1   
ALA CA   C  N S 2   
ALA C    C  N N 3   
ALA O    O  N N 4   
ALA CB   C  N N 5   
ALA OXT  O  N N 6   
ALA H    H  N N 7   
ALA H2   H  N N 8   
ALA HA   H  N N 9   
ALA HB1  H  N N 10  
ALA HB2  H  N N 11  
ALA HB3  H  N N 12  
ALA HXT  H  N N 13  
ARG N    N  N N 14  
ARG CA   C  N S 15  
ARG C    C  N N 16  
ARG O    O  N N 17  
ARG CB   C  N N 18  
ARG CG   C  N N 19  
ARG CD   C  N N 20  
ARG NE   N  N N 21  
ARG CZ   C  N N 22  
ARG NH1  N  N N 23  
ARG NH2  N  N N 24  
ARG OXT  O  N N 25  
ARG H    H  N N 26  
ARG H2   H  N N 27  
ARG HA   H  N N 28  
ARG HB2  H  N N 29  
ARG HB3  H  N N 30  
ARG HG2  H  N N 31  
ARG HG3  H  N N 32  
ARG HD2  H  N N 33  
ARG HD3  H  N N 34  
ARG HE   H  N N 35  
ARG HH11 H  N N 36  
ARG HH12 H  N N 37  
ARG HH21 H  N N 38  
ARG HH22 H  N N 39  
ARG HXT  H  N N 40  
ASN N    N  N N 41  
ASN CA   C  N S 42  
ASN C    C  N N 43  
ASN O    O  N N 44  
ASN CB   C  N N 45  
ASN CG   C  N N 46  
ASN OD1  O  N N 47  
ASN ND2  N  N N 48  
ASN OXT  O  N N 49  
ASN H    H  N N 50  
ASN H2   H  N N 51  
ASN HA   H  N N 52  
ASN HB2  H  N N 53  
ASN HB3  H  N N 54  
ASN HD21 H  N N 55  
ASN HD22 H  N N 56  
ASN HXT  H  N N 57  
ASP N    N  N N 58  
ASP CA   C  N S 59  
ASP C    C  N N 60  
ASP O    O  N N 61  
ASP CB   C  N N 62  
ASP CG   C  N N 63  
ASP OD1  O  N N 64  
ASP OD2  O  N N 65  
ASP OXT  O  N N 66  
ASP H    H  N N 67  
ASP H2   H  N N 68  
ASP HA   H  N N 69  
ASP HB2  H  N N 70  
ASP HB3  H  N N 71  
ASP HD2  H  N N 72  
ASP HXT  H  N N 73  
CYS N    N  N N 74  
CYS CA   C  N R 75  
CYS C    C  N N 76  
CYS O    O  N N 77  
CYS CB   C  N N 78  
CYS SG   S  N N 79  
CYS OXT  O  N N 80  
CYS H    H  N N 81  
CYS H2   H  N N 82  
CYS HA   H  N N 83  
CYS HB2  H  N N 84  
CYS HB3  H  N N 85  
CYS HG   H  N N 86  
CYS HXT  H  N N 87  
GLN N    N  N N 88  
GLN CA   C  N S 89  
GLN C    C  N N 90  
GLN O    O  N N 91  
GLN CB   C  N N 92  
GLN CG   C  N N 93  
GLN CD   C  N N 94  
GLN OE1  O  N N 95  
GLN NE2  N  N N 96  
GLN OXT  O  N N 97  
GLN H    H  N N 98  
GLN H2   H  N N 99  
GLN HA   H  N N 100 
GLN HB2  H  N N 101 
GLN HB3  H  N N 102 
GLN HG2  H  N N 103 
GLN HG3  H  N N 104 
GLN HE21 H  N N 105 
GLN HE22 H  N N 106 
GLN HXT  H  N N 107 
GLU N    N  N N 108 
GLU CA   C  N S 109 
GLU C    C  N N 110 
GLU O    O  N N 111 
GLU CB   C  N N 112 
GLU CG   C  N N 113 
GLU CD   C  N N 114 
GLU OE1  O  N N 115 
GLU OE2  O  N N 116 
GLU OXT  O  N N 117 
GLU H    H  N N 118 
GLU H2   H  N N 119 
GLU HA   H  N N 120 
GLU HB2  H  N N 121 
GLU HB3  H  N N 122 
GLU HG2  H  N N 123 
GLU HG3  H  N N 124 
GLU HE2  H  N N 125 
GLU HXT  H  N N 126 
GLY N    N  N N 127 
GLY CA   C  N N 128 
GLY C    C  N N 129 
GLY O    O  N N 130 
GLY OXT  O  N N 131 
GLY H    H  N N 132 
GLY H2   H  N N 133 
GLY HA2  H  N N 134 
GLY HA3  H  N N 135 
GLY HXT  H  N N 136 
HIS N    N  N N 137 
HIS CA   C  N S 138 
HIS C    C  N N 139 
HIS O    O  N N 140 
HIS CB   C  N N 141 
HIS CG   C  Y N 142 
HIS ND1  N  Y N 143 
HIS CD2  C  Y N 144 
HIS CE1  C  Y N 145 
HIS NE2  N  Y N 146 
HIS OXT  O  N N 147 
HIS H    H  N N 148 
HIS H2   H  N N 149 
HIS HA   H  N N 150 
HIS HB2  H  N N 151 
HIS HB3  H  N N 152 
HIS HD1  H  N N 153 
HIS HD2  H  N N 154 
HIS HE1  H  N N 155 
HIS HE2  H  N N 156 
HIS HXT  H  N N 157 
HOH O    O  N N 158 
HOH H1   H  N N 159 
HOH H2   H  N N 160 
ILE N    N  N N 161 
ILE CA   C  N S 162 
ILE C    C  N N 163 
ILE O    O  N N 164 
ILE CB   C  N S 165 
ILE CG1  C  N N 166 
ILE CG2  C  N N 167 
ILE CD1  C  N N 168 
ILE OXT  O  N N 169 
ILE H    H  N N 170 
ILE H2   H  N N 171 
ILE HA   H  N N 172 
ILE HB   H  N N 173 
ILE HG12 H  N N 174 
ILE HG13 H  N N 175 
ILE HG21 H  N N 176 
ILE HG22 H  N N 177 
ILE HG23 H  N N 178 
ILE HD11 H  N N 179 
ILE HD12 H  N N 180 
ILE HD13 H  N N 181 
ILE HXT  H  N N 182 
LEU N    N  N N 183 
LEU CA   C  N S 184 
LEU C    C  N N 185 
LEU O    O  N N 186 
LEU CB   C  N N 187 
LEU CG   C  N N 188 
LEU CD1  C  N N 189 
LEU CD2  C  N N 190 
LEU OXT  O  N N 191 
LEU H    H  N N 192 
LEU H2   H  N N 193 
LEU HA   H  N N 194 
LEU HB2  H  N N 195 
LEU HB3  H  N N 196 
LEU HG   H  N N 197 
LEU HD11 H  N N 198 
LEU HD12 H  N N 199 
LEU HD13 H  N N 200 
LEU HD21 H  N N 201 
LEU HD22 H  N N 202 
LEU HD23 H  N N 203 
LEU HXT  H  N N 204 
LYS N    N  N N 205 
LYS CA   C  N S 206 
LYS C    C  N N 207 
LYS O    O  N N 208 
LYS CB   C  N N 209 
LYS CG   C  N N 210 
LYS CD   C  N N 211 
LYS CE   C  N N 212 
LYS NZ   N  N N 213 
LYS OXT  O  N N 214 
LYS H    H  N N 215 
LYS H2   H  N N 216 
LYS HA   H  N N 217 
LYS HB2  H  N N 218 
LYS HB3  H  N N 219 
LYS HG2  H  N N 220 
LYS HG3  H  N N 221 
LYS HD2  H  N N 222 
LYS HD3  H  N N 223 
LYS HE2  H  N N 224 
LYS HE3  H  N N 225 
LYS HZ1  H  N N 226 
LYS HZ2  H  N N 227 
LYS HZ3  H  N N 228 
LYS HXT  H  N N 229 
MET N    N  N N 230 
MET CA   C  N S 231 
MET C    C  N N 232 
MET O    O  N N 233 
MET CB   C  N N 234 
MET CG   C  N N 235 
MET SD   S  N N 236 
MET CE   C  N N 237 
MET OXT  O  N N 238 
MET H    H  N N 239 
MET H2   H  N N 240 
MET HA   H  N N 241 
MET HB2  H  N N 242 
MET HB3  H  N N 243 
MET HG2  H  N N 244 
MET HG3  H  N N 245 
MET HE1  H  N N 246 
MET HE2  H  N N 247 
MET HE3  H  N N 248 
MET HXT  H  N N 249 
PHE N    N  N N 250 
PHE CA   C  N S 251 
PHE C    C  N N 252 
PHE O    O  N N 253 
PHE CB   C  N N 254 
PHE CG   C  Y N 255 
PHE CD1  C  Y N 256 
PHE CD2  C  Y N 257 
PHE CE1  C  Y N 258 
PHE CE2  C  Y N 259 
PHE CZ   C  Y N 260 
PHE OXT  O  N N 261 
PHE H    H  N N 262 
PHE H2   H  N N 263 
PHE HA   H  N N 264 
PHE HB2  H  N N 265 
PHE HB3  H  N N 266 
PHE HD1  H  N N 267 
PHE HD2  H  N N 268 
PHE HE1  H  N N 269 
PHE HE2  H  N N 270 
PHE HZ   H  N N 271 
PHE HXT  H  N N 272 
PRO N    N  N N 273 
PRO CA   C  N S 274 
PRO C    C  N N 275 
PRO O    O  N N 276 
PRO CB   C  N N 277 
PRO CG   C  N N 278 
PRO CD   C  N N 279 
PRO OXT  O  N N 280 
PRO H    H  N N 281 
PRO HA   H  N N 282 
PRO HB2  H  N N 283 
PRO HB3  H  N N 284 
PRO HG2  H  N N 285 
PRO HG3  H  N N 286 
PRO HD2  H  N N 287 
PRO HD3  H  N N 288 
PRO HXT  H  N N 289 
SER N    N  N N 290 
SER CA   C  N S 291 
SER C    C  N N 292 
SER O    O  N N 293 
SER CB   C  N N 294 
SER OG   O  N N 295 
SER OXT  O  N N 296 
SER H    H  N N 297 
SER H2   H  N N 298 
SER HA   H  N N 299 
SER HB2  H  N N 300 
SER HB3  H  N N 301 
SER HG   H  N N 302 
SER HXT  H  N N 303 
THR N    N  N N 304 
THR CA   C  N S 305 
THR C    C  N N 306 
THR O    O  N N 307 
THR CB   C  N R 308 
THR OG1  O  N N 309 
THR CG2  C  N N 310 
THR OXT  O  N N 311 
THR H    H  N N 312 
THR H2   H  N N 313 
THR HA   H  N N 314 
THR HB   H  N N 315 
THR HG1  H  N N 316 
THR HG21 H  N N 317 
THR HG22 H  N N 318 
THR HG23 H  N N 319 
THR HXT  H  N N 320 
TRP N    N  N N 321 
TRP CA   C  N S 322 
TRP C    C  N N 323 
TRP O    O  N N 324 
TRP CB   C  N N 325 
TRP CG   C  Y N 326 
TRP CD1  C  Y N 327 
TRP CD2  C  Y N 328 
TRP NE1  N  Y N 329 
TRP CE2  C  Y N 330 
TRP CE3  C  Y N 331 
TRP CZ2  C  Y N 332 
TRP CZ3  C  Y N 333 
TRP CH2  C  Y N 334 
TRP OXT  O  N N 335 
TRP H    H  N N 336 
TRP H2   H  N N 337 
TRP HA   H  N N 338 
TRP HB2  H  N N 339 
TRP HB3  H  N N 340 
TRP HD1  H  N N 341 
TRP HE1  H  N N 342 
TRP HE3  H  N N 343 
TRP HZ2  H  N N 344 
TRP HZ3  H  N N 345 
TRP HH2  H  N N 346 
TRP HXT  H  N N 347 
TYR N    N  N N 348 
TYR CA   C  N S 349 
TYR C    C  N N 350 
TYR O    O  N N 351 
TYR CB   C  N N 352 
TYR CG   C  Y N 353 
TYR CD1  C  Y N 354 
TYR CD2  C  Y N 355 
TYR CE1  C  Y N 356 
TYR CE2  C  Y N 357 
TYR CZ   C  Y N 358 
TYR OH   O  N N 359 
TYR OXT  O  N N 360 
TYR H    H  N N 361 
TYR H2   H  N N 362 
TYR HA   H  N N 363 
TYR HB2  H  N N 364 
TYR HB3  H  N N 365 
TYR HD1  H  N N 366 
TYR HD2  H  N N 367 
TYR HE1  H  N N 368 
TYR HE2  H  N N 369 
TYR HH   H  N N 370 
TYR HXT  H  N N 371 
VAL N    N  N N 372 
VAL CA   C  N S 373 
VAL C    C  N N 374 
VAL O    O  N N 375 
VAL CB   C  N N 376 
VAL CG1  C  N N 377 
VAL CG2  C  N N 378 
VAL OXT  O  N N 379 
VAL H    H  N N 380 
VAL H2   H  N N 381 
VAL HA   H  N N 382 
VAL HB   H  N N 383 
VAL HG11 H  N N 384 
VAL HG12 H  N N 385 
VAL HG13 H  N N 386 
VAL HG21 H  N N 387 
VAL HG22 H  N N 388 
VAL HG23 H  N N 389 
VAL HXT  H  N N 390 
XUK C4   C  Y N 391 
XUK C5   C  Y N 392 
XUK C7   C  Y N 393 
XUK C8   C  Y N 394 
XUK C9   C  Y N 395 
XUK C10  C  Y N 396 
XUK C2   C  Y N 397 
XUK N1   N  Y N 398 
XUK N11  N  N N 399 
XUK N3   N  Y N 400 
XUK BR6  BR N N 401 
XUK H5   H  N N 402 
XUK H7   H  N N 403 
XUK H8   H  N N 404 
XUK H10  H  N N 405 
XUK H112 H  N N 406 
XUK H111 H  N N 407 
# 
loop_
_chem_comp_bond.comp_id 
_chem_comp_bond.atom_id_1 
_chem_comp_bond.atom_id_2 
_chem_comp_bond.value_order 
_chem_comp_bond.pdbx_aromatic_flag 
_chem_comp_bond.pdbx_stereo_config 
_chem_comp_bond.pdbx_ordinal 
ALA N   CA   sing N N 1   
ALA N   H    sing N N 2   
ALA N   H2   sing N N 3   
ALA CA  C    sing N N 4   
ALA CA  CB   sing N N 5   
ALA CA  HA   sing N N 6   
ALA C   O    doub N N 7   
ALA C   OXT  sing N N 8   
ALA CB  HB1  sing N N 9   
ALA CB  HB2  sing N N 10  
ALA CB  HB3  sing N N 11  
ALA OXT HXT  sing N N 12  
ARG N   CA   sing N N 13  
ARG N   H    sing N N 14  
ARG N   H2   sing N N 15  
ARG CA  C    sing N N 16  
ARG CA  CB   sing N N 17  
ARG CA  HA   sing N N 18  
ARG C   O    doub N N 19  
ARG C   OXT  sing N N 20  
ARG CB  CG   sing N N 21  
ARG CB  HB2  sing N N 22  
ARG CB  HB3  sing N N 23  
ARG CG  CD   sing N N 24  
ARG CG  HG2  sing N N 25  
ARG CG  HG3  sing N N 26  
ARG CD  NE   sing N N 27  
ARG CD  HD2  sing N N 28  
ARG CD  HD3  sing N N 29  
ARG NE  CZ   sing N N 30  
ARG NE  HE   sing N N 31  
ARG CZ  NH1  sing N N 32  
ARG CZ  NH2  doub N N 33  
ARG NH1 HH11 sing N N 34  
ARG NH1 HH12 sing N N 35  
ARG NH2 HH21 sing N N 36  
ARG NH2 HH22 sing N N 37  
ARG OXT HXT  sing N N 38  
ASN N   CA   sing N N 39  
ASN N   H    sing N N 40  
ASN N   H2   sing N N 41  
ASN CA  C    sing N N 42  
ASN CA  CB   sing N N 43  
ASN CA  HA   sing N N 44  
ASN C   O    doub N N 45  
ASN C   OXT  sing N N 46  
ASN CB  CG   sing N N 47  
ASN CB  HB2  sing N N 48  
ASN CB  HB3  sing N N 49  
ASN CG  OD1  doub N N 50  
ASN CG  ND2  sing N N 51  
ASN ND2 HD21 sing N N 52  
ASN ND2 HD22 sing N N 53  
ASN OXT HXT  sing N N 54  
ASP N   CA   sing N N 55  
ASP N   H    sing N N 56  
ASP N   H2   sing N N 57  
ASP CA  C    sing N N 58  
ASP CA  CB   sing N N 59  
ASP CA  HA   sing N N 60  
ASP C   O    doub N N 61  
ASP C   OXT  sing N N 62  
ASP CB  CG   sing N N 63  
ASP CB  HB2  sing N N 64  
ASP CB  HB3  sing N N 65  
ASP CG  OD1  doub N N 66  
ASP CG  OD2  sing N N 67  
ASP OD2 HD2  sing N N 68  
ASP OXT HXT  sing N N 69  
CYS N   CA   sing N N 70  
CYS N   H    sing N N 71  
CYS N   H2   sing N N 72  
CYS CA  C    sing N N 73  
CYS CA  CB   sing N N 74  
CYS CA  HA   sing N N 75  
CYS C   O    doub N N 76  
CYS C   OXT  sing N N 77  
CYS CB  SG   sing N N 78  
CYS CB  HB2  sing N N 79  
CYS CB  HB3  sing N N 80  
CYS SG  HG   sing N N 81  
CYS OXT HXT  sing N N 82  
GLN N   CA   sing N N 83  
GLN N   H    sing N N 84  
GLN N   H2   sing N N 85  
GLN CA  C    sing N N 86  
GLN CA  CB   sing N N 87  
GLN CA  HA   sing N N 88  
GLN C   O    doub N N 89  
GLN C   OXT  sing N N 90  
GLN CB  CG   sing N N 91  
GLN CB  HB2  sing N N 92  
GLN CB  HB3  sing N N 93  
GLN CG  CD   sing N N 94  
GLN CG  HG2  sing N N 95  
GLN CG  HG3  sing N N 96  
GLN CD  OE1  doub N N 97  
GLN CD  NE2  sing N N 98  
GLN NE2 HE21 sing N N 99  
GLN NE2 HE22 sing N N 100 
GLN OXT HXT  sing N N 101 
GLU N   CA   sing N N 102 
GLU N   H    sing N N 103 
GLU N   H2   sing N N 104 
GLU CA  C    sing N N 105 
GLU CA  CB   sing N N 106 
GLU CA  HA   sing N N 107 
GLU C   O    doub N N 108 
GLU C   OXT  sing N N 109 
GLU CB  CG   sing N N 110 
GLU CB  HB2  sing N N 111 
GLU CB  HB3  sing N N 112 
GLU CG  CD   sing N N 113 
GLU CG  HG2  sing N N 114 
GLU CG  HG3  sing N N 115 
GLU CD  OE1  doub N N 116 
GLU CD  OE2  sing N N 117 
GLU OE2 HE2  sing N N 118 
GLU OXT HXT  sing N N 119 
GLY N   CA   sing N N 120 
GLY N   H    sing N N 121 
GLY N   H2   sing N N 122 
GLY CA  C    sing N N 123 
GLY CA  HA2  sing N N 124 
GLY CA  HA3  sing N N 125 
GLY C   O    doub N N 126 
GLY C   OXT  sing N N 127 
GLY OXT HXT  sing N N 128 
HIS N   CA   sing N N 129 
HIS N   H    sing N N 130 
HIS N   H2   sing N N 131 
HIS CA  C    sing N N 132 
HIS CA  CB   sing N N 133 
HIS CA  HA   sing N N 134 
HIS C   O    doub N N 135 
HIS C   OXT  sing N N 136 
HIS CB  CG   sing N N 137 
HIS CB  HB2  sing N N 138 
HIS CB  HB3  sing N N 139 
HIS CG  ND1  sing Y N 140 
HIS CG  CD2  doub Y N 141 
HIS ND1 CE1  doub Y N 142 
HIS ND1 HD1  sing N N 143 
HIS CD2 NE2  sing Y N 144 
HIS CD2 HD2  sing N N 145 
HIS CE1 NE2  sing Y N 146 
HIS CE1 HE1  sing N N 147 
HIS NE2 HE2  sing N N 148 
HIS OXT HXT  sing N N 149 
HOH O   H1   sing N N 150 
HOH O   H2   sing N N 151 
ILE N   CA   sing N N 152 
ILE N   H    sing N N 153 
ILE N   H2   sing N N 154 
ILE CA  C    sing N N 155 
ILE CA  CB   sing N N 156 
ILE CA  HA   sing N N 157 
ILE C   O    doub N N 158 
ILE C   OXT  sing N N 159 
ILE CB  CG1  sing N N 160 
ILE CB  CG2  sing N N 161 
ILE CB  HB   sing N N 162 
ILE CG1 CD1  sing N N 163 
ILE CG1 HG12 sing N N 164 
ILE CG1 HG13 sing N N 165 
ILE CG2 HG21 sing N N 166 
ILE CG2 HG22 sing N N 167 
ILE CG2 HG23 sing N N 168 
ILE CD1 HD11 sing N N 169 
ILE CD1 HD12 sing N N 170 
ILE CD1 HD13 sing N N 171 
ILE OXT HXT  sing N N 172 
LEU N   CA   sing N N 173 
LEU N   H    sing N N 174 
LEU N   H2   sing N N 175 
LEU CA  C    sing N N 176 
LEU CA  CB   sing N N 177 
LEU CA  HA   sing N N 178 
LEU C   O    doub N N 179 
LEU C   OXT  sing N N 180 
LEU CB  CG   sing N N 181 
LEU CB  HB2  sing N N 182 
LEU CB  HB3  sing N N 183 
LEU CG  CD1  sing N N 184 
LEU CG  CD2  sing N N 185 
LEU CG  HG   sing N N 186 
LEU CD1 HD11 sing N N 187 
LEU CD1 HD12 sing N N 188 
LEU CD1 HD13 sing N N 189 
LEU CD2 HD21 sing N N 190 
LEU CD2 HD22 sing N N 191 
LEU CD2 HD23 sing N N 192 
LEU OXT HXT  sing N N 193 
LYS N   CA   sing N N 194 
LYS N   H    sing N N 195 
LYS N   H2   sing N N 196 
LYS CA  C    sing N N 197 
LYS CA  CB   sing N N 198 
LYS CA  HA   sing N N 199 
LYS C   O    doub N N 200 
LYS C   OXT  sing N N 201 
LYS CB  CG   sing N N 202 
LYS CB  HB2  sing N N 203 
LYS CB  HB3  sing N N 204 
LYS CG  CD   sing N N 205 
LYS CG  HG2  sing N N 206 
LYS CG  HG3  sing N N 207 
LYS CD  CE   sing N N 208 
LYS CD  HD2  sing N N 209 
LYS CD  HD3  sing N N 210 
LYS CE  NZ   sing N N 211 
LYS CE  HE2  sing N N 212 
LYS CE  HE3  sing N N 213 
LYS NZ  HZ1  sing N N 214 
LYS NZ  HZ2  sing N N 215 
LYS NZ  HZ3  sing N N 216 
LYS OXT HXT  sing N N 217 
MET N   CA   sing N N 218 
MET N   H    sing N N 219 
MET N   H2   sing N N 220 
MET CA  C    sing N N 221 
MET CA  CB   sing N N 222 
MET CA  HA   sing N N 223 
MET C   O    doub N N 224 
MET C   OXT  sing N N 225 
MET CB  CG   sing N N 226 
MET CB  HB2  sing N N 227 
MET CB  HB3  sing N N 228 
MET CG  SD   sing N N 229 
MET CG  HG2  sing N N 230 
MET CG  HG3  sing N N 231 
MET SD  CE   sing N N 232 
MET CE  HE1  sing N N 233 
MET CE  HE2  sing N N 234 
MET CE  HE3  sing N N 235 
MET OXT HXT  sing N N 236 
PHE N   CA   sing N N 237 
PHE N   H    sing N N 238 
PHE N   H2   sing N N 239 
PHE CA  C    sing N N 240 
PHE CA  CB   sing N N 241 
PHE CA  HA   sing N N 242 
PHE C   O    doub N N 243 
PHE C   OXT  sing N N 244 
PHE CB  CG   sing N N 245 
PHE CB  HB2  sing N N 246 
PHE CB  HB3  sing N N 247 
PHE CG  CD1  doub Y N 248 
PHE CG  CD2  sing Y N 249 
PHE CD1 CE1  sing Y N 250 
PHE CD1 HD1  sing N N 251 
PHE CD2 CE2  doub Y N 252 
PHE CD2 HD2  sing N N 253 
PHE CE1 CZ   doub Y N 254 
PHE CE1 HE1  sing N N 255 
PHE CE2 CZ   sing Y N 256 
PHE CE2 HE2  sing N N 257 
PHE CZ  HZ   sing N N 258 
PHE OXT HXT  sing N N 259 
PRO N   CA   sing N N 260 
PRO N   CD   sing N N 261 
PRO N   H    sing N N 262 
PRO CA  C    sing N N 263 
PRO CA  CB   sing N N 264 
PRO CA  HA   sing N N 265 
PRO C   O    doub N N 266 
PRO C   OXT  sing N N 267 
PRO CB  CG   sing N N 268 
PRO CB  HB2  sing N N 269 
PRO CB  HB3  sing N N 270 
PRO CG  CD   sing N N 271 
PRO CG  HG2  sing N N 272 
PRO CG  HG3  sing N N 273 
PRO CD  HD2  sing N N 274 
PRO CD  HD3  sing N N 275 
PRO OXT HXT  sing N N 276 
SER N   CA   sing N N 277 
SER N   H    sing N N 278 
SER N   H2   sing N N 279 
SER CA  C    sing N N 280 
SER CA  CB   sing N N 281 
SER CA  HA   sing N N 282 
SER C   O    doub N N 283 
SER C   OXT  sing N N 284 
SER CB  OG   sing N N 285 
SER CB  HB2  sing N N 286 
SER CB  HB3  sing N N 287 
SER OG  HG   sing N N 288 
SER OXT HXT  sing N N 289 
THR N   CA   sing N N 290 
THR N   H    sing N N 291 
THR N   H2   sing N N 292 
THR CA  C    sing N N 293 
THR CA  CB   sing N N 294 
THR CA  HA   sing N N 295 
THR C   O    doub N N 296 
THR C   OXT  sing N N 297 
THR CB  OG1  sing N N 298 
THR CB  CG2  sing N N 299 
THR CB  HB   sing N N 300 
THR OG1 HG1  sing N N 301 
THR CG2 HG21 sing N N 302 
THR CG2 HG22 sing N N 303 
THR CG2 HG23 sing N N 304 
THR OXT HXT  sing N N 305 
TRP N   CA   sing N N 306 
TRP N   H    sing N N 307 
TRP N   H2   sing N N 308 
TRP CA  C    sing N N 309 
TRP CA  CB   sing N N 310 
TRP CA  HA   sing N N 311 
TRP C   O    doub N N 312 
TRP C   OXT  sing N N 313 
TRP CB  CG   sing N N 314 
TRP CB  HB2  sing N N 315 
TRP CB  HB3  sing N N 316 
TRP CG  CD1  doub Y N 317 
TRP CG  CD2  sing Y N 318 
TRP CD1 NE1  sing Y N 319 
TRP CD1 HD1  sing N N 320 
TRP CD2 CE2  doub Y N 321 
TRP CD2 CE3  sing Y N 322 
TRP NE1 CE2  sing Y N 323 
TRP NE1 HE1  sing N N 324 
TRP CE2 CZ2  sing Y N 325 
TRP CE3 CZ3  doub Y N 326 
TRP CE3 HE3  sing N N 327 
TRP CZ2 CH2  doub Y N 328 
TRP CZ2 HZ2  sing N N 329 
TRP CZ3 CH2  sing Y N 330 
TRP CZ3 HZ3  sing N N 331 
TRP CH2 HH2  sing N N 332 
TRP OXT HXT  sing N N 333 
TYR N   CA   sing N N 334 
TYR N   H    sing N N 335 
TYR N   H2   sing N N 336 
TYR CA  C    sing N N 337 
TYR CA  CB   sing N N 338 
TYR CA  HA   sing N N 339 
TYR C   O    doub N N 340 
TYR C   OXT  sing N N 341 
TYR CB  CG   sing N N 342 
TYR CB  HB2  sing N N 343 
TYR CB  HB3  sing N N 344 
TYR CG  CD1  doub Y N 345 
TYR CG  CD2  sing Y N 346 
TYR CD1 CE1  sing Y N 347 
TYR CD1 HD1  sing N N 348 
TYR CD2 CE2  doub Y N 349 
TYR CD2 HD2  sing N N 350 
TYR CE1 CZ   doub Y N 351 
TYR CE1 HE1  sing N N 352 
TYR CE2 CZ   sing Y N 353 
TYR CE2 HE2  sing N N 354 
TYR CZ  OH   sing N N 355 
TYR OH  HH   sing N N 356 
TYR OXT HXT  sing N N 357 
VAL N   CA   sing N N 358 
VAL N   H    sing N N 359 
VAL N   H2   sing N N 360 
VAL CA  C    sing N N 361 
VAL CA  CB   sing N N 362 
VAL CA  HA   sing N N 363 
VAL C   O    doub N N 364 
VAL C   OXT  sing N N 365 
VAL CB  CG1  sing N N 366 
VAL CB  CG2  sing N N 367 
VAL CB  HB   sing N N 368 
VAL CG1 HG11 sing N N 369 
VAL CG1 HG12 sing N N 370 
VAL CG1 HG13 sing N N 371 
VAL CG2 HG21 sing N N 372 
VAL CG2 HG22 sing N N 373 
VAL CG2 HG23 sing N N 374 
VAL OXT HXT  sing N N 375 
XUK N1  C2   doub Y N 376 
XUK C2  N3   sing Y N 377 
XUK N3  C4   sing Y N 378 
XUK C5  C4   doub Y N 379 
XUK N1  C5   sing Y N 380 
XUK C4  BR6  sing N N 381 
XUK C2  C7   sing Y N 382 
XUK C7  C8   doub Y N 383 
XUK C8  C9   sing Y N 384 
XUK C9  C10  doub Y N 385 
XUK C10 N3   sing Y N 386 
XUK N11 C9   sing N N 387 
XUK C5  H5   sing N N 388 
XUK C7  H7   sing N N 389 
XUK C8  H8   sing N N 390 
XUK C10 H10  sing N N 391 
XUK N11 H112 sing N N 392 
XUK N11 H111 sing N N 393 
# 
_pdbx_audit_support.funding_organization   'National Natural Science Foundation of China (NSFC)' 
_pdbx_audit_support.country                China 
_pdbx_audit_support.grant_number           ? 
_pdbx_audit_support.ordinal                1 
# 
_pdbx_entity_instance_feature.ordinal        1 
_pdbx_entity_instance_feature.comp_id        XUK 
_pdbx_entity_instance_feature.asym_id        ? 
_pdbx_entity_instance_feature.seq_num        ? 
_pdbx_entity_instance_feature.auth_comp_id   XUK 
_pdbx_entity_instance_feature.auth_asym_id   ? 
_pdbx_entity_instance_feature.auth_seq_num   ? 
_pdbx_entity_instance_feature.feature_type   'SUBJECT OF INVESTIGATION' 
_pdbx_entity_instance_feature.details        ? 
# 
_pdbx_initial_refinement_model.id               1 
_pdbx_initial_refinement_model.entity_id_list   ? 
_pdbx_initial_refinement_model.type             'experimental model' 
_pdbx_initial_refinement_model.source_name      PDB 
_pdbx_initial_refinement_model.accession_code   7c2z 
_pdbx_initial_refinement_model.details          ? 
# 
_space_group.name_H-M_alt     'P 21 21 21' 
_space_group.name_Hall        'P 2ac 2ab' 
_space_group.IT_number        19 
_space_group.crystal_system   orthorhombic 
_space_group.id               1 
# 
_atom_sites.entry_id                    8WYP 
_atom_sites.Cartn_transf_matrix[1][1]   ? 
_atom_sites.Cartn_transf_matrix[1][2]   ? 
_atom_sites.Cartn_transf_matrix[1][3]   ? 
_atom_sites.Cartn_transf_matrix[2][1]   ? 
_atom_sites.Cartn_transf_matrix[2][2]   ? 
_atom_sites.Cartn_transf_matrix[2][3]   ? 
_atom_sites.Cartn_transf_matrix[3][1]   ? 
_atom_sites.Cartn_transf_matrix[3][2]   ? 
_atom_sites.Cartn_transf_matrix[3][3]   ? 
_atom_sites.Cartn_transf_vector[1]      ? 
_atom_sites.Cartn_transf_vector[2]      ? 
_atom_sites.Cartn_transf_vector[3]      ? 
_atom_sites.Cartn_transform_axes        ? 
_atom_sites.fract_transf_matrix[1][1]   0.03021165 
_atom_sites.fract_transf_matrix[1][2]   0.00401412 
_atom_sites.fract_transf_matrix[1][3]   -0.00533745 
_atom_sites.fract_transf_matrix[2][1]   -0.00072874 
_atom_sites.fract_transf_matrix[2][2]   -0.01469123 
_atom_sites.fract_transf_matrix[2][3]   -0.01517367 
_atom_sites.fract_transf_matrix[3][1]   -0.00270537 
_atom_sites.fract_transf_matrix[3][2]   0.00897718 
_atom_sites.fract_transf_matrix[3][3]   -0.00856183 
_atom_sites.fract_transf_vector[1]      0.695059 
_atom_sites.fract_transf_vector[2]      0.429814 
_atom_sites.fract_transf_vector[3]      0.610128 
_atom_sites.solution_primary            ? 
_atom_sites.solution_secondary          ? 
_atom_sites.solution_hydrogens          ? 
_atom_sites.special_details             ? 
# 
loop_
_atom_type.symbol 
_atom_type.scat_dispersion_real 
_atom_type.scat_dispersion_imag 
_atom_type.scat_Cromer_Mann_a1 
_atom_type.scat_Cromer_Mann_a2 
_atom_type.scat_Cromer_Mann_a3 
_atom_type.scat_Cromer_Mann_a4 
_atom_type.scat_Cromer_Mann_b1 
_atom_type.scat_Cromer_Mann_b2 
_atom_type.scat_Cromer_Mann_b3 
_atom_type.scat_Cromer_Mann_b4 
_atom_type.scat_Cromer_Mann_c 
_atom_type.scat_source 
_atom_type.scat_dispersion_source 
BR ? ? 25.79822 9.11301 ? ? 1.35700  25.34896 ? ? 0.0 
;2-Gaussian fit: Grosse-Kunstleve RW, Sauter NK, Adams PD: Newsletter of the IUCr Commission on Crystallographic Computing 2004, 3, 22-31.
;
? 
C  ? ? 3.54356  2.42580 ? ? 25.62398 1.50364  ? ? 0.0 
;2-Gaussian fit: Grosse-Kunstleve RW, Sauter NK, Adams PD: Newsletter of the IUCr Commission on Crystallographic Computing 2004, 3, 22-31.
;
? 
N  ? ? 4.01032  2.96436 ? ? 19.97189 1.75589  ? ? 0.0 
;2-Gaussian fit: Grosse-Kunstleve RW, Sauter NK, Adams PD: Newsletter of the IUCr Commission on Crystallographic Computing 2004, 3, 22-31.
;
? 
O  ? ? 4.49882  3.47563 ? ? 15.80542 1.70748  ? ? 0.0 
;2-Gaussian fit: Grosse-Kunstleve RW, Sauter NK, Adams PD: Newsletter of the IUCr Commission on Crystallographic Computing 2004, 3, 22-31.
;
? 
S  ? ? 9.55732  6.39887 ? ? 1.23737  29.19336 ? ? 0.0 
;2-Gaussian fit: Grosse-Kunstleve RW, Sauter NK, Adams PD: Newsletter of the IUCr Commission on Crystallographic Computing 2004, 3, 22-31.
;
? 
# 
loop_
_atom_site.group_PDB 
_atom_site.id 
_atom_site.type_symbol 
_atom_site.label_atom_id 
_atom_site.label_alt_id 
_atom_site.label_comp_id 
_atom_site.label_asym_id 
_atom_site.label_entity_id 
_atom_site.label_seq_id 
_atom_site.pdbx_PDB_ins_code 
_atom_site.Cartn_x 
_atom_site.Cartn_y 
_atom_site.Cartn_z 
_atom_site.occupancy 
_atom_site.B_iso_or_equiv 
_atom_site.pdbx_formal_charge 
_atom_site.auth_seq_id 
_atom_site.auth_comp_id 
_atom_site.auth_asym_id 
_atom_site.auth_atom_id 
_atom_site.pdbx_PDB_model_num 
ATOM   1    N  N   . MET A 1 1   ? -4.89621  -14.93148 -14.45635 1.000 35.64016 ? 1   MET A N   1 
ATOM   2    C  CA  . MET A 1 1   ? -4.59449  -13.77275 -15.28931 1.000 31.09550 ? 1   MET A CA  1 
ATOM   3    C  C   . MET A 1 1   ? -4.52330  -12.52140 -14.41757 1.000 25.32970 ? 1   MET A C   1 
ATOM   4    O  O   . MET A 1 1   ? -5.16688  -12.44121 -13.36347 1.000 25.77823 ? 1   MET A O   1 
ATOM   5    C  CB  . MET A 1 1   ? -5.64205  -13.60233 -16.39507 1.000 27.74449 ? 1   MET A CB  1 
ATOM   6    C  CG  . MET A 1 1   ? -5.13303  -12.89442 -17.64862 1.000 32.22623 ? 1   MET A CG  1 
ATOM   7    S  SD  . MET A 1 1   ? -6.20155  -13.15688 -19.08701 1.000 47.98998 ? 1   MET A SD  1 
ATOM   8    C  CE  . MET A 1 1   ? -6.51818  -14.91721 -18.97055 1.000 29.68831 ? 1   MET A CE  1 
ATOM   9    N  N   . ASN A 1 2   ? -3.72547  -11.55444 -14.85763 1.000 24.78465 ? 2   ASN A N   1 
ATOM   10   C  CA  . ASN A 1 2   ? -3.52310  -10.30663 -14.13747 1.000 19.85082 ? 2   ASN A CA  1 
ATOM   11   C  C   . ASN A 1 2   ? -4.34545  -9.19325  -14.76099 1.000 19.99999 ? 2   ASN A C   1 
ATOM   12   O  O   . ASN A 1 2   ? -4.33631  -9.02212  -15.98263 1.000 20.85164 ? 2   ASN A O   1 
ATOM   13   C  CB  . ASN A 1 2   ? -2.05209  -9.89315  -14.19131 1.000 19.69392 ? 2   ASN A CB  1 
ATOM   14   C  CG  . ASN A 1 2   ? -1.16934  -10.76143 -13.32499 1.000 18.09330 ? 2   ASN A CG  1 
ATOM   15   O  OD1 . ASN A 1 2   ? -1.53653  -11.12502 -12.20683 1.000 17.16117 ? 2   ASN A OD1 1 
ATOM   16   N  ND2 . ASN A 1 2   ? 0.00257   -11.10802 -13.84293 1.000 19.10538 ? 2   ASN A ND2 1 
ATOM   17   N  N   . PRO A 1 3   ? -5.03935  -8.41538  -13.94223 1.000 17.60240 ? 3   PRO A N   1 
ATOM   18   C  CA  . PRO A 1 3   ? -5.61377  -7.17101  -14.42174 1.000 17.90666 ? 3   PRO A CA  1 
ATOM   19   C  C   . PRO A 1 3   ? -4.52389  -6.12316  -14.54434 1.000 18.20960 ? 3   PRO A C   1 
ATOM   20   O  O   . PRO A 1 3   ? -3.39593  -6.33260  -14.06984 1.000 16.43885 ? 3   PRO A O   1 
ATOM   21   C  CB  . PRO A 1 3   ? -6.58796  -6.80512  -13.29843 1.000 16.79987 ? 3   PRO A CB  1 
ATOM   22   C  CG  . PRO A 1 3   ? -5.90418  -7.30921  -12.07925 1.000 18.51847 ? 3   PRO A CG  1 
ATOM   23   C  CD  . PRO A 1 3   ? -5.23695  -8.58835  -12.49458 1.000 16.54853 ? 3   PRO A CD  1 
ATOM   24   N  N   . PRO A 1 4   ? -4.80260  -4.98746  -15.18082 1.000 17.22864 ? 4   PRO A N   1 
ATOM   25   C  CA  . PRO A 1 4   ? -3.83841  -3.89798  -15.15145 1.000 16.55988 ? 4   PRO A CA  1 
ATOM   26   C  C   . PRO A 1 4   ? -3.60942  -3.45427  -13.72277 1.000 16.14421 ? 4   PRO A C   1 
ATOM   27   O  O   . PRO A 1 4   ? -4.51030  -3.56213  -12.87091 1.000 15.63345 ? 4   PRO A O   1 
ATOM   28   C  CB  . PRO A 1 4   ? -4.52627  -2.80003  -15.97564 1.000 20.37089 ? 4   PRO A CB  1 
ATOM   29   C  CG  . PRO A 1 4   ? -5.97079  -3.14738  -15.94465 1.000 21.06430 ? 4   PRO A CG  1 
ATOM   30   C  CD  . PRO A 1 4   ? -6.01452  -4.63425  -15.94023 1.000 19.13357 ? 4   PRO A CD  1 
ATOM   31   N  N   . PRO A 1 5   ? -2.41149  -2.97709  -13.40493 1.000 17.01326 ? 5   PRO A N   1 
ATOM   32   C  CA  . PRO A 1 5   ? -2.13671  -2.50438  -12.04676 1.000 15.13307 ? 5   PRO A CA  1 
ATOM   33   C  C   . PRO A 1 5   ? -2.89038  -1.21536  -11.77979 1.000 16.56181 ? 5   PRO A C   1 
ATOM   34   O  O   . PRO A 1 5   ? -3.34112  -0.53933  -12.71849 1.000 15.52305 ? 5   PRO A O   1 
ATOM   35   C  CB  . PRO A 1 5   ? -0.61973  -2.26401  -12.06659 1.000 22.11402 ? 5   PRO A CB  1 
ATOM   36   C  CG  . PRO A 1 5   ? -0.30833  -1.97992  -13.49154 1.000 21.22775 ? 5   PRO A CG  1 
ATOM   37   C  CD  . PRO A 1 5   ? -1.23766  -2.85121  -14.28623 1.000 19.32532 ? 5   PRO A CD  1 
ATOM   38   N  N   . PRO A 1 6   ? -3.05973  -0.83485  -10.51648 1.000 14.19395 ? 6   PRO A N   1 
ATOM   39   C  CA  . PRO A 1 6   ? -3.77625  0.40931   -10.22387 1.000 14.39384 ? 6   PRO A CA  1 
ATOM   40   C  C   . PRO A 1 6   ? -3.05443  1.60049   -10.84100 1.000 12.01993 ? 6   PRO A C   1 
ATOM   41   O  O   . PRO A 1 6   ? -1.83075  1.59934   -10.99921 1.000 12.02865 ? 6   PRO A O   1 
ATOM   42   C  CB  . PRO A 1 6   ? -3.76182  0.47172   -8.69031  1.000 15.26573 ? 6   PRO A CB  1 
ATOM   43   C  CG  . PRO A 1 6   ? -3.45637  -0.93594  -8.25013  1.000 15.73464 ? 6   PRO A CG  1 
ATOM   44   C  CD  . PRO A 1 6   ? -2.55511  -1.48070  -9.29246  1.000 16.91581 ? 6   PRO A CD  1 
ATOM   45   N  N   . GLU A 1 7   ? -3.83406  2.60793   -11.23147 1.000 12.54055 ? 7   GLU A N   1 
ATOM   46   C  CA  . GLU A 1 7   ? -3.24638  3.80881   -11.81071 1.000 12.81427 ? 7   GLU A CA  1 
ATOM   47   C  C   . GLU A 1 7   ? -2.35003  4.51974   -10.80225 1.000 11.44199 ? 7   GLU A C   1 
ATOM   48   O  O   . GLU A 1 7   ? -2.59821  4.51247   -9.59083  1.000 12.17580 ? 7   GLU A O   1 
ATOM   49   C  CB  . GLU A 1 7   ? -4.34633  4.76267   -12.28743 1.000 14.12233 ? 7   GLU A CB  1 
ATOM   50   C  CG  . GLU A 1 7   ? -5.13891  5.44294   -11.17939 1.000 14.70971 ? 7   GLU A CG  1 
ATOM   51   C  CD  . GLU A 1 7   ? -6.27333  6.30747   -11.69808 1.000 14.70985 ? 7   GLU A CD  1 
ATOM   52   O  OE1 . GLU A 1 7   ? -6.64898  6.17824   -12.89156 1.000 16.21784 ? 7   GLU A OE1 1 
ATOM   53   O  OE2 . GLU A 1 7   ? -6.79360  7.12060   -10.91645 1.000 15.01506 ? 7   GLU A OE2 1 
ATOM   54   N  N   . THR A 1 8   ? -1.28541  5.12845   -11.31479 1.000 12.57453 ? 8   THR A N   1 
ATOM   55   C  CA  . THR A 1 8   ? -0.41313  5.98765   -10.52773 1.000 11.18785 ? 8   THR A CA  1 
ATOM   56   C  C   . THR A 1 8   ? -0.44070  7.43192   -11.00555 1.000 12.56467 ? 8   THR A C   1 
ATOM   57   O  O   . THR A 1 8   ? 0.25882   8.27726   -10.44054 1.000 15.94579 ? 8   THR A O   1 
ATOM   58   C  CB  . THR A 1 8   ? 1.02031   5.44783   -10.52519 1.000 13.51600 ? 8   THR A CB  1 
ATOM   59   O  OG1 . THR A 1 8   ? 1.50890   5.38308   -11.87303 1.000 17.00327 ? 8   THR A OG1 1 
ATOM   60   C  CG2 . THR A 1 8   ? 1.05145   4.05644   -9.91128  1.000 15.16351 ? 8   THR A CG2 1 
ATOM   61   N  N   . SER A 1 9   ? -1.22647  7.72317   -12.03538 1.000 13.96630 ? 9   SER A N   1 
ATOM   62   C  CA  . SER A 1 9   ? -1.46713  9.08193   -12.48677 1.000 13.86118 ? 9   SER A CA  1 
ATOM   63   C  C   . SER A 1 9   ? -2.89120  9.14189   -13.00966 1.000 13.43002 ? 9   SER A C   1 
ATOM   64   O  O   . SER A 1 9   ? -3.45443  8.13170   -13.44211 1.000 15.18010 ? 9   SER A O   1 
ATOM   65   C  CB  . SER A 1 9   ? -0.48588  9.49976   -13.58274 1.000 18.69658 ? 9   SER A CB  1 
ATOM   66   O  OG  . SER A 1 9   ? -0.61114  8.64242   -14.69135 1.000 21.68729 ? 9   SER A OG  1 
ATOM   67   N  N   . ASN A 1 10  ? -3.46744  10.32945  -12.97271 1.000 12.83132 ? 10  ASN A N   1 
ATOM   68   C  CA  . ASN A 1 10  ? -4.80705  10.52159  -13.50195 1.000 11.83869 ? 10  ASN A CA  1 
ATOM   69   C  C   . ASN A 1 10  ? -4.97992  12.00669  -13.75549 1.000 12.04685 ? 10  ASN A C   1 
ATOM   70   O  O   . ASN A 1 10  ? -5.17385  12.76919  -12.80274 1.000 12.20008 ? 10  ASN A O   1 
ATOM   71   C  CB  . ASN A 1 10  ? -5.86046  10.02470  -12.50895 1.000 14.45102 ? 10  ASN A CB  1 
ATOM   72   C  CG  . ASN A 1 10  ? -7.27022  10.07094  -13.07242 1.000 19.91512 ? 10  ASN A CG  1 
ATOM   73   O  OD1 . ASN A 1 10  ? -7.60753  10.93986  -13.88169 1.000 19.71216 ? 10  ASN A OD1 1 
ATOM   74   N  ND2 . ASN A 1 10  ? -8.10648  9.13703   -12.64127 1.000 22.31749 ? 10  ASN A ND2 1 
ATOM   75   N  N   . PRO A 1 11  ? -4.90538  12.45381  -15.01339 1.000 12.83479 ? 11  PRO A N   1 
ATOM   76   C  CA  . PRO A 1 11  ? -4.98097  13.89687  -15.28868 1.000 13.83002 ? 11  PRO A CA  1 
ATOM   77   C  C   . PRO A 1 11  ? -6.30929  14.54215  -14.92135 1.000 13.69957 ? 11  PRO A C   1 
ATOM   78   O  O   . PRO A 1 11  ? -6.34304  15.77120  -14.75200 1.000 17.97759 ? 11  PRO A O   1 
ATOM   79   C  CB  . PRO A 1 11  ? -4.71210  13.98571  -16.79833 1.000 15.78868 ? 11  PRO A CB  1 
ATOM   80   C  CG  . PRO A 1 11  ? -4.02258  12.71368  -17.14324 1.000 15.66616 ? 11  PRO A CG  1 
ATOM   81   C  CD  . PRO A 1 11  ? -4.62378  11.67992  -16.23393 1.000 14.08126 ? 11  PRO A CD  1 
ATOM   82   N  N   . ASN A 1 12  ? -7.39889  13.77622  -14.79556 1.000 15.73971 ? 12  ASN A N   1 
ATOM   83   C  CA  . ASN A 1 12  ? -8.68411  14.31288  -14.34836 1.000 20.32488 ? 12  ASN A CA  1 
ATOM   84   C  C   . ASN A 1 12  ? -8.71231  14.60579  -12.85233 1.000 18.91929 ? 12  ASN A C   1 
ATOM   85   O  O   . ASN A 1 12  ? -9.53860  15.40540  -12.40003 1.000 22.71024 ? 12  ASN A O   1 
ATOM   86   C  CB  . ASN A 1 12  ? -9.81114  13.30013  -14.60532 1.000 27.88266 ? 12  ASN A CB  1 
ATOM   87   C  CG  . ASN A 1 12  ? -10.06833 13.03777  -16.08390 1.000 27.61067 ? 12  ASN A CG  1 
ATOM   88   O  OD1 . ASN A 1 12  ? -10.24915 11.88681  -16.49228 1.000 32.34535 ? 12  ASN A OD1 1 
ATOM   89   N  ND2 . ASN A 1 12  ? -10.11264 14.09651  -16.88567 1.000 25.41984 ? 12  ASN A ND2 1 
ATOM   90   N  N   . LYS A 1 13  ? -7.85900  13.97675  -12.08801 1.000 14.22519 ? 13  LYS A N   1 
ATOM   91   C  CA  . LYS A 1 13  ? -7.87898  14.02003  -10.63469 1.000 13.86705 ? 13  LYS A CA  1 
ATOM   92   C  C   . LYS A 1 13  ? -6.94306  15.12644  -10.16157 1.000 11.49451 ? 13  LYS A C   1 
ATOM   93   O  O   . LYS A 1 13  ? -5.82392  15.23604  -10.66943 1.000 14.45831 ? 13  LYS A O   1 
ATOM   94   C  CB  . LYS A 1 13  ? -7.39623  12.67934  -10.11022 1.000 14.28492 ? 13  LYS A CB  1 
ATOM   95   C  CG  . LYS A 1 13  ? -7.52423  12.48619  -8.61912  1.000 13.66738 ? 13  LYS A CG  1 
ATOM   96   C  CD  . LYS A 1 13  ? -7.00629  11.10020  -8.25123  1.000 14.66597 ? 13  LYS A CD  1 
ATOM   97   C  CE  . LYS A 1 13  ? -7.30105  10.76672  -6.81282  1.000 16.18712 ? 13  LYS A CE  1 
ATOM   98   N  NZ  . LYS A 1 13  ? -6.50487  11.64489  -5.92135  1.000 15.90865 ? 13  LYS A NZ  1 
ATOM   99   N  N   . PRO A 1 14  ? -7.37195  15.99090  -9.24580  1.000 14.56331 ? 14  PRO A N   1 
ATOM   100  C  CA  . PRO A 1 14  ? -6.49316  17.07441  -8.79591  1.000 14.53090 ? 14  PRO A CA  1 
ATOM   101  C  C   . PRO A 1 14  ? -5.36867  16.53012  -7.92754  1.000 14.49360 ? 14  PRO A C   1 
ATOM   102  O  O   . PRO A 1 14  ? -5.54049  15.55629  -7.18586  1.000 15.63885 ? 14  PRO A O   1 
ATOM   103  C  CB  . PRO A 1 14  ? -7.43372  17.97194  -7.98484  1.000 15.01186 ? 14  PRO A CB  1 
ATOM   104  C  CG  . PRO A 1 14  ? -8.46219  17.01656  -7.43822  1.000 17.45789 ? 14  PRO A CG  1 
ATOM   105  C  CD  . PRO A 1 14  ? -8.67195  15.99935  -8.55025  1.000 15.01145 ? 14  PRO A CD  1 
ATOM   106  N  N   . LYS A 1 15  ? -4.20580  17.17706  -8.02667  1.000 14.62926 ? 15  LYS A N   1 
ATOM   107  C  CA  . LYS A 1 15  ? -3.01681  16.80549  -7.27050  1.000 14.73881 ? 15  LYS A CA  1 
ATOM   108  C  C   . LYS A 1 15  ? -2.87868  17.71520  -6.05706  1.000 14.68804 ? 15  LYS A C   1 
ATOM   109  O  O   . LYS A 1 15  ? -3.42562  18.81867  -6.01964  1.000 13.38727 ? 15  LYS A O   1 
ATOM   110  C  CB  . LYS A 1 15  ? -1.76223  16.97205  -8.13177  1.000 13.93339 ? 15  LYS A CB  1 
ATOM   111  C  CG  . LYS A 1 15  ? -1.61555  16.03796  -9.31241  1.000 14.85024 ? 15  LYS A CG  1 
ATOM   112  C  CD  . LYS A 1 15  ? -0.22178  16.21577  -9.89851  1.000 17.59241 ? 15  LYS A CD  1 
ATOM   113  C  CE  . LYS A 1 15  ? 0.09943   15.16821  -10.95003 1.000 18.45441 ? 15  LYS A CE  1 
ATOM   114  N  NZ  . LYS A 1 15  ? 1.52932   15.24806  -11.38287 1.000 19.38924 ? 15  LYS A NZ  1 
ATOM   115  N  N   . ARG A 1 16  ? -2.10068  17.26023  -5.07524  1.000 13.29935 ? 16  ARG A N   1 
ATOM   116  C  CA  . ARG A 1 16  ? -1.80728  18.11656  -3.93916  1.000 13.72001 ? 16  ARG A CA  1 
ATOM   117  C  C   . ARG A 1 16  ? -0.52304  17.64475  -3.28602  1.000 14.82078 ? 16  ARG A C   1 
ATOM   118  O  O   . ARG A 1 16  ? -0.19815  16.45531  -3.31053  1.000 15.04076 ? 16  ARG A O   1 
ATOM   119  C  CB  . ARG A 1 16  ? -2.94610  18.02926  -2.92792  1.000 16.17767 ? 16  ARG A CB  1 
ATOM   120  C  CG  . ARG A 1 16  ? -3.10723  19.20439  -2.01208  1.000 19.02861 ? 16  ARG A CG  1 
ATOM   121  C  CD  . ARG A 1 16  ? -4.53226  19.15339  -1.53675  1.000 20.49426 ? 16  ARG A CD  1 
ATOM   122  N  NE  . ARG A 1 16  ? -4.88065  20.14157  -0.53678  1.000 23.66470 ? 16  ARG A NE  1 
ATOM   123  C  CZ  . ARG A 1 16  ? -5.21738  19.86678  0.71495   1.000 15.49974 ? 16  ARG A CZ  1 
ATOM   124  N  NH1 . ARG A 1 16  ? -5.18388  18.63098  1.19806   1.000 16.19407 ? 16  ARG A NH1 1 
ATOM   125  N  NH2 . ARG A 1 16  ? -5.60203  20.85889  1.50601   1.000 21.00097 ? 16  ARG A NH2 1 
ATOM   126  N  N   . GLN A 1 17  ? 0.20398   18.59197  -2.71437  1.000 15.78897 ? 17  GLN A N   1 
ATOM   127  C  CA  . GLN A 1 17  ? 1.33130   18.28633  -1.85503  1.000 18.47588 ? 17  GLN A CA  1 
ATOM   128  C  C   . GLN A 1 17  ? 1.08457   18.92996  -0.50168  1.000 18.37245 ? 17  GLN A C   1 
ATOM   129  O  O   . GLN A 1 17  ? 0.72729   20.11172  -0.42317  1.000 17.91520 ? 17  GLN A O   1 
ATOM   130  C  CB  . GLN A 1 17  ? 2.65151   18.77772  -2.44958  1.000 20.67235 ? 17  GLN A CB  1 
ATOM   131  C  CG  . GLN A 1 17  ? 3.86942   18.34144  -1.64481  1.000 24.09749 ? 17  GLN A CG  1 
ATOM   132  C  CD  . GLN A 1 17  ? 4.04340   16.83024  -1.59067  1.000 25.99161 ? 17  GLN A CD  1 
ATOM   133  O  OE1 . GLN A 1 17  ? 3.28174   16.11961  -0.92136  1.000 21.30063 ? 17  GLN A OE1 1 
ATOM   134  N  NE2 . GLN A 1 17  ? 5.06694   16.33194  -2.27958  1.000 30.27489 ? 17  GLN A NE2 1 
ATOM   135  N  N   . THR A 1 18  ? 1.22371   18.13749  0.55364   1.000 17.60043 ? 18  THR A N   1 
ATOM   136  C  CA  . THR A 1 18  ? 1.08179   18.61440  1.91689   1.000 15.45970 ? 18  THR A CA  1 
ATOM   137  C  C   . THR A 1 18  ? 2.26784   18.09869  2.71520   1.000 16.04711 ? 18  THR A C   1 
ATOM   138  O  O   . THR A 1 18  ? 2.94071   17.14327  2.31263   1.000 15.07261 ? 18  THR A O   1 
ATOM   139  C  CB  . THR A 1 18  ? -0.21009  18.09954  2.55928   1.000 14.89031 ? 18  THR A CB  1 
ATOM   140  O  OG1 . THR A 1 18  ? -0.11745  16.67556  2.70896   1.000 15.26113 ? 18  THR A OG1 1 
ATOM   141  C  CG2 . THR A 1 18  ? -1.42637  18.42476  1.70101   1.000 17.56455 ? 18  THR A CG2 1 
ATOM   142  N  N   . ASN A 1 19  ? 2.51725   18.73738  3.86192   1.000 16.88947 ? 19  ASN A N   1 
ATOM   143  C  CA  . ASN A 1 19  ? 3.56957   18.25378  4.74915   1.000 18.01286 ? 19  ASN A CA  1 
ATOM   144  C  C   . ASN A 1 19  ? 3.32109   16.81023  5.14711   1.000 14.07176 ? 19  ASN A C   1 
ATOM   145  O  O   . ASN A 1 19  ? 4.26517   16.02190  5.28843   1.000 14.30833 ? 19  ASN A O   1 
ATOM   146  C  CB  . ASN A 1 19  ? 3.64506   19.11998  6.00750   1.000 20.48949 ? 19  ASN A CB  1 
ATOM   147  C  CG  . ASN A 1 19  ? 4.13061   20.52177  5.72297   1.000 24.79218 ? 19  ASN A CG  1 
ATOM   148  O  OD1 . ASN A 1 19  ? 4.83370   20.76222  4.74237   1.000 26.68102 ? 19  ASN A OD1 1 
ATOM   149  N  ND2 . ASN A 1 19  ? 3.76812   21.45861  6.59622   1.000 26.60427 ? 19  ASN A ND2 1 
ATOM   150  N  N   . GLN A 1 20  ? 2.05653   16.45554  5.36683   1.000 14.25073 ? 20  GLN A N   1 
ATOM   151  C  CA  . GLN A 1 20  ? 1.74182   15.08988  5.76281   1.000 12.90273 ? 20  GLN A CA  1 
ATOM   152  C  C   . GLN A 1 20  ? 2.02461   14.09677  4.63509   1.000 12.44813 ? 20  GLN A C   1 
ATOM   153  O  O   . GLN A 1 20  ? 2.58379   13.02262  4.88264   1.000 12.17976 ? 20  GLN A O   1 
ATOM   154  C  CB  . GLN A 1 20  ? 0.30927   15.00434  6.28337   1.000 13.68747 ? 20  GLN A CB  1 
ATOM   155  C  CG  . GLN A 1 20  ? 0.11353   15.81820  7.55800   1.000 15.36026 ? 20  GLN A CG  1 
ATOM   156  C  CD  . GLN A 1 20  ? -1.22804  15.59609  8.21799   1.000 21.19259 ? 20  GLN A CD  1 
ATOM   157  O  OE1 . GLN A 1 20  ? -1.46329  16.05525  9.34139   1.000 24.37899 ? 20  GLN A OE1 1 
ATOM   158  N  NE2 . GLN A 1 20  ? -2.12496  14.90769  7.52407   1.000 25.05546 ? 20  GLN A NE2 1 
ATOM   159  N  N   . LEU A 1 21  ? 1.68091   14.44359  3.38971   1.000 11.65086 ? 21  LEU A N   1 
ATOM   160  C  CA  . LEU A 1 21  ? 1.99256   13.54366  2.28099   1.000 12.60484 ? 21  LEU A CA  1 
ATOM   161  C  C   . LEU A 1 21  ? 3.49601   13.41219  2.07765   1.000 11.60617 ? 21  LEU A C   1 
ATOM   162  O  O   . LEU A 1 21  ? 3.99193   12.32171  1.76619   1.000 12.56787 ? 21  LEU A O   1 
ATOM   163  C  CB  . LEU A 1 21  ? 1.29314   13.99668  0.99797   1.000 13.32827 ? 21  LEU A CB  1 
ATOM   164  C  CG  . LEU A 1 21  ? -0.21117  13.72899  0.97717   1.000 11.61736 ? 21  LEU A CG  1 
ATOM   165  C  CD1 . LEU A 1 21  ? -0.90624  14.59667  -0.06552  1.000 12.26556 ? 21  LEU A CD1 1 
ATOM   166  C  CD2 . LEU A 1 21  ? -0.47538  12.25508  0.68407   1.000 12.79161 ? 21  LEU A CD2 1 
ATOM   167  N  N   . GLN A 1 22  ? 4.24602   14.50660  2.25868   1.000 14.38863 ? 22  GLN A N   1 
ATOM   168  C  CA  . GLN A 1 22  ? 5.69672   14.41100  2.13298   1.000 15.70857 ? 22  GLN A CA  1 
ATOM   169  C  C   . GLN A 1 22  ? 6.26859   13.45988  3.17325   1.000 12.43084 ? 22  GLN A C   1 
ATOM   170  O  O   . GLN A 1 22  ? 7.12260   12.62190  2.85815   1.000 14.74997 ? 22  GLN A O   1 
ATOM   171  C  CB  . GLN A 1 22  ? 6.33252   15.79473  2.23851   1.000 17.57166 ? 22  GLN A CB  1 
ATOM   172  C  CG  . GLN A 1 22  ? 6.01557   16.64651  1.03731   1.000 20.49827 ? 22  GLN A CG  1 
ATOM   173  C  CD  . GLN A 1 22  ? 6.66268   18.01468  1.07647   1.000 29.05412 ? 22  GLN A CD  1 
ATOM   174  O  OE1 . GLN A 1 22  ? 6.40286   18.81455  1.97896   1.000 31.82810 ? 22  GLN A OE1 1 
ATOM   175  N  NE2 . GLN A 1 22  ? 7.49454   18.30134  0.08024   1.000 35.32068 ? 22  GLN A NE2 1 
ATOM   176  N  N   . TYR A 1 23  ? 5.76955   13.54708  4.40411   1.000 13.36624 ? 23  TYR A N   1 
ATOM   177  C  CA  . TYR A 1 23  ? 6.19541   12.66290  5.48374   1.000 13.11523 ? 23  TYR A CA  1 
ATOM   178  C  C   . TYR A 1 23  ? 5.80672   11.21843  5.19587   1.000 12.03386 ? 23  TYR A C   1 
ATOM   179  O  O   . TYR A 1 23  ? 6.57232   10.28754  5.48064   1.000 12.09427 ? 23  TYR A O   1 
ATOM   180  C  CB  . TYR A 1 23  ? 5.53082   13.15178  6.76786   1.000 12.49444 ? 23  TYR A CB  1 
ATOM   181  C  CG  . TYR A 1 23  ? 5.83305   12.36534  8.01621   1.000 11.95426 ? 23  TYR A CG  1 
ATOM   182  C  CD1 . TYR A 1 23  ? 6.93640   12.67966  8.80347   1.000 16.27058 ? 23  TYR A CD1 1 
ATOM   183  C  CD2 . TYR A 1 23  ? 4.97285   11.37667  8.45713   1.000 13.76075 ? 23  TYR A CD2 1 
ATOM   184  C  CE1 . TYR A 1 23  ? 7.20024   11.98856  9.95662   1.000 17.82201 ? 23  TYR A CE1 1 
ATOM   185  C  CE2 . TYR A 1 23  ? 5.22630   10.67921  9.61115   1.000 14.63511 ? 23  TYR A CE2 1 
ATOM   186  C  CZ  . TYR A 1 23  ? 6.34554   10.99154  10.35748  1.000 15.14547 ? 23  TYR A CZ  1 
ATOM   187  O  OH  . TYR A 1 23  ? 6.61085   10.30900  11.51978  1.000 18.05799 ? 23  TYR A OH  1 
ATOM   188  N  N   . LEU A 1 24  ? 4.61951   11.01321  4.62881   1.000 11.46832 ? 24  LEU A N   1 
ATOM   189  C  CA  . LEU A 1 24  ? 4.19637   9.66072   4.28849   1.000 11.08953 ? 24  LEU A CA  1 
ATOM   190  C  C   . LEU A 1 24  ? 5.15095   8.98941   3.31179   1.000 10.53011 ? 24  LEU A C   1 
ATOM   191  O  O   . LEU A 1 24  ? 5.35328   7.77313   3.38675   1.000 11.26030 ? 24  LEU A O   1 
ATOM   192  C  CB  . LEU A 1 24  ? 2.77086   9.66719   3.74279   1.000 11.93562 ? 24  LEU A CB  1 
ATOM   193  C  CG  . LEU A 1 24  ? 1.69663   9.66586   4.81856   1.000 12.45868 ? 24  LEU A CG  1 
ATOM   194  C  CD1 . LEU A 1 24  ? 0.33552   9.91824   4.20700   1.000 14.48430 ? 24  LEU A CD1 1 
ATOM   195  C  CD2 . LEU A 1 24  ? 1.71343   8.33474   5.56817   1.000 17.47261 ? 24  LEU A CD2 1 
ATOM   196  N  N   . LEU A 1 25  ? 5.74146   9.75066   2.39215   1.000 10.96379 ? 25  LEU A N   1 
ATOM   197  C  CA  . LEU A 1 25  ? 6.72499   9.18929   1.47348   1.000 12.37614 ? 25  LEU A CA  1 
ATOM   198  C  C   . LEU A 1 25  ? 8.09660   9.07295   2.13012   1.000 13.45202 ? 25  LEU A C   1 
ATOM   199  O  O   . LEU A 1 25  ? 8.68951   7.98562   2.16798   1.000 14.39046 ? 25  LEU A O   1 
ATOM   200  C  CB  . LEU A 1 25  ? 6.80119   10.04401  0.20297   1.000 13.55551 ? 25  LEU A CB  1 
ATOM   201  C  CG  . LEU A 1 25  ? 7.86489   9.62613   -0.81552  1.000 12.80158 ? 25  LEU A CG  1 
ATOM   202  C  CD1 . LEU A 1 25  ? 7.63820   8.19320   -1.29336  1.000 13.90226 ? 25  LEU A CD1 1 
ATOM   203  C  CD2 . LEU A 1 25  ? 7.87023   10.59076  -1.98988  1.000 18.14963 ? 25  LEU A CD2 1 
ATOM   204  N  N   . ARG A 1 26  ? 8.60956   10.19071  2.65994   1.000 13.41253 ? 26  ARG A N   1 
ATOM   205  C  CA  . ARG A 1 26  ? 9.99091   10.22824  3.12887   1.000 15.27403 ? 26  ARG A CA  1 
ATOM   206  C  C   . ARG A 1 26  ? 10.19728  9.36674   4.36791   1.000 14.39701 ? 26  ARG A C   1 
ATOM   207  O  O   . ARG A 1 26  ? 11.24424  8.72585   4.51168   1.000 17.37689 ? 26  ARG A O   1 
ATOM   208  C  CB  . ARG A 1 26  ? 10.41098  11.67248  3.40906   1.000 19.38744 ? 26  ARG A CB  1 
ATOM   209  C  CG  . ARG A 1 26  ? 11.80827  11.78498  4.01156   1.000 24.09917 ? 26  ARG A CG  1 
ATOM   210  C  CD  . ARG A 1 26  ? 12.14342  13.20813  4.43446   1.000 25.12935 ? 26  ARG A CD  1 
ATOM   211  N  NE  . ARG A 1 26  ? 11.39292  13.63878  5.60863   1.000 26.92330 ? 26  ARG A NE  1 
ATOM   212  C  CZ  . ARG A 1 26  ? 11.77104  13.42570  6.86223   1.000 24.84508 ? 26  ARG A CZ  1 
ATOM   213  N  NH1 . ARG A 1 26  ? 12.87569  12.75242  7.14795   1.000 28.60548 ? 26  ARG A NH1 1 
ATOM   214  N  NH2 . ARG A 1 26  ? 11.01784  13.89135  7.85540   1.000 27.11192 ? 26  ARG A NH2 1 
ATOM   215  N  N   . VAL A 1 27  ? 9.22322   9.33872   5.27581   1.000 13.52223 ? 27  VAL A N   1 
ATOM   216  C  CA  . VAL A 1 27  ? 9.39312   8.63455   6.54084   1.000 14.66516 ? 27  VAL A CA  1 
ATOM   217  C  C   . VAL A 1 27  ? 8.62061   7.32335   6.55345   1.000 13.51554 ? 27  VAL A C   1 
ATOM   218  O  O   . VAL A 1 27  ? 9.20332   6.25350   6.74303   1.000 15.27957 ? 27  VAL A O   1 
ATOM   219  C  CB  . VAL A 1 27  ? 9.01994   9.52615   7.73996   1.000 15.18552 ? 27  VAL A CB  1 
ATOM   220  C  CG1 . VAL A 1 27  ? 9.10951   8.72946   9.03062   1.000 17.63928 ? 27  VAL A CG1 1 
ATOM   221  C  CG2 . VAL A 1 27  ? 9.94138   10.73229  7.79859   1.000 17.02882 ? 27  VAL A CG2 1 
ATOM   222  N  N   . VAL A 1 28  ? 7.30545   7.38651   6.35369   1.000 13.62395 ? 28  VAL A N   1 
ATOM   223  C  CA  . VAL A 1 28  ? 6.47950   6.20623   6.58685   1.000 12.46758 ? 28  VAL A CA  1 
ATOM   224  C  C   . VAL A 1 28  ? 6.76531   5.12682   5.54669   1.000 13.02646 ? 28  VAL A C   1 
ATOM   225  O  O   . VAL A 1 28  ? 7.15608   4.00598   5.88866   1.000 14.25486 ? 28  VAL A O   1 
ATOM   226  C  CB  . VAL A 1 28  ? 4.98824   6.57264   6.66681   1.000 13.33119 ? 28  VAL A CB  1 
ATOM   227  C  CG1 . VAL A 1 28  ? 4.16547   5.32679   6.95389   1.000 13.20540 ? 28  VAL A CG1 1 
ATOM   228  C  CG2 . VAL A 1 28  ? 4.75252   7.60995   7.75261   1.000 14.12511 ? 28  VAL A CG2 1 
ATOM   229  N  N   . LEU A 1 29  ? 6.58492   5.44852   4.26599   1.000 11.90571 ? 29  LEU A N   1 
ATOM   230  C  CA  . LEU A 1 29  ? 6.76600   4.44977   3.22086   1.000 11.00792 ? 29  LEU A CA  1 
ATOM   231  C  C   . LEU A 1 29  ? 8.21460   3.99908   3.13078   1.000 10.78382 ? 29  LEU A C   1 
ATOM   232  O  O   . LEU A 1 29  ? 8.49053   2.79693   3.07467   1.000 11.78887 ? 29  LEU A O   1 
ATOM   233  C  CB  . LEU A 1 29  ? 6.29218   4.98970   1.87416   1.000 11.95695 ? 29  LEU A CB  1 
ATOM   234  C  CG  . LEU A 1 29  ? 6.33992   3.92955   0.76845   1.000 15.44487 ? 29  LEU A CG  1 
ATOM   235  C  CD1 . LEU A 1 29  ? 5.09173   4.00675   -0.09123  1.000 19.38455 ? 29  LEU A CD1 1 
ATOM   236  C  CD2 . LEU A 1 29  ? 7.59659   4.05633   -0.08193  1.000 16.47934 ? 29  LEU A CD2 1 
ATOM   237  N  N   . LYS A 1 30  ? 9.15383   4.94841   3.10191   1.000 13.11723 ? 30  LYS A N   1 
ATOM   238  C  CA  . LYS A 1 30  ? 10.54132  4.57241   2.87243   1.000 14.81834 ? 30  LYS A CA  1 
ATOM   239  C  C   . LYS A 1 30  ? 11.13110  3.79795   4.04160   1.000 15.11983 ? 30  LYS A C   1 
ATOM   240  O  O   . LYS A 1 30  ? 12.07814  3.02958   3.84450   1.000 18.02436 ? 30  LYS A O   1 
ATOM   241  C  CB  . LYS A 1 30  ? 11.37386  5.78223   2.44131   1.000 17.34371 ? 30  LYS A CB  1 
ATOM   242  C  CG  . LYS A 1 30  ? 11.03162  6.22793   1.02328   1.000 18.13579 ? 30  LYS A CG  1 
ATOM   243  C  CD  . LYS A 1 30  ? 11.93881  7.32668   0.52010   1.000 23.03205 ? 30  LYS A CD  1 
ATOM   244  C  CE  . LYS A 1 30  ? 11.55451  7.72538   -0.89610  1.000 25.63356 ? 30  LYS A CE  1 
ATOM   245  N  NZ  . LYS A 1 30  ? 12.36233  8.87744   -1.39061  1.000 29.85114 ? 30  LYS A NZ  1 
ATOM   246  N  N   . THR A 1 31  ? 10.56722  3.94182   5.23992   1.000 12.22274 ? 31  THR A N   1 
ATOM   247  C  CA  . THR A 1 31  ? 11.00567  3.12298   6.36006   1.000 13.75733 ? 31  THR A CA  1 
ATOM   248  C  C   . THR A 1 31  ? 10.36329  1.74013   6.31281   1.000 12.96551 ? 31  THR A C   1 
ATOM   249  O  O   . THR A 1 31  ? 11.05069  0.73240   6.48831   1.000 13.55949 ? 31  THR A O   1 
ATOM   250  C  CB  . THR A 1 31  ? 10.71490  3.83910   7.68106   1.000 18.90811 ? 31  THR A CB  1 
ATOM   251  O  OG1 . THR A 1 31  ? 11.28702  5.15332   7.63308   1.000 16.62642 ? 31  THR A OG1 1 
ATOM   252  C  CG2 . THR A 1 31  ? 11.30120  3.07465   8.85829   1.000 16.51964 ? 31  THR A CG2 1 
ATOM   253  N  N   . LEU A 1 32  ? 9.04620   1.66917   6.07988   1.000 13.87020 ? 32  LEU A N   1 
ATOM   254  C  CA  . LEU A 1 32  ? 8.38086   0.37080   5.95846   1.000 13.23263 ? 32  LEU A CA  1 
ATOM   255  C  C   . LEU A 1 32  ? 8.99951   -0.46355  4.85072   1.000 12.49111 ? 32  LEU A C   1 
ATOM   256  O  O   . LEU A 1 32  ? 9.09119   -1.69111  4.96547   1.000 12.44956 ? 32  LEU A O   1 
ATOM   257  C  CB  . LEU A 1 32  ? 6.89568   0.57147   5.65273   1.000 13.23361 ? 32  LEU A CB  1 
ATOM   258  C  CG  . LEU A 1 32  ? 5.95283   0.88330   6.81275   1.000 18.56108 ? 32  LEU A CG  1 
ATOM   259  C  CD1 . LEU A 1 32  ? 4.60508   1.32417   6.26521   1.000 19.50258 ? 32  LEU A CD1 1 
ATOM   260  C  CD2 . LEU A 1 32  ? 5.79841   -0.34219  7.69733   1.000 23.91626 ? 32  LEU A CD2 1 
ATOM   261  N  N   . TRP A 1 33  ? 9.41857   0.19599   3.77245   1.000 11.35751 ? 33  TRP A N   1 
ATOM   262  C  CA  . TRP A 1 33  ? 9.97230   -0.48237  2.60917   1.000 10.99192 ? 33  TRP A CA  1 
ATOM   263  C  C   . TRP A 1 33  ? 11.18218  -1.32570  2.97152   1.000 13.27181 ? 33  TRP A C   1 
ATOM   264  O  O   . TRP A 1 33  ? 11.42925  -2.35344  2.33567   1.000 13.38770 ? 33  TRP A O   1 
ATOM   265  C  CB  . TRP A 1 33  ? 10.38393  0.57568   1.59481   1.000 12.85938 ? 33  TRP A CB  1 
ATOM   266  C  CG  . TRP A 1 33  ? 10.70268  0.04978   0.23206   1.000 13.84867 ? 33  TRP A CG  1 
ATOM   267  C  CD1 . TRP A 1 33  ? 11.91180  -0.40269  -0.21935  1.000 15.78356 ? 33  TRP A CD1 1 
ATOM   268  C  CD2 . TRP A 1 33  ? 9.80223   -0.03923  -0.87472  1.000 12.58953 ? 33  TRP A CD2 1 
ATOM   269  N  NE1 . TRP A 1 33  ? 11.81189  -0.77703  -1.54126  1.000 16.27245 ? 33  TRP A NE1 1 
ATOM   270  C  CE2 . TRP A 1 33  ? 10.52513  -0.56537  -1.96344  1.000 12.75919 ? 33  TRP A CE2 1 
ATOM   271  C  CE3 . TRP A 1 33  ? 8.45177   0.26518   -1.04495  1.000 12.67616 ? 33  TRP A CE3 1 
ATOM   272  C  CZ2 . TRP A 1 33  ? 9.93622   -0.79185  -3.21122  1.000 13.93142 ? 33  TRP A CZ2 1 
ATOM   273  C  CZ3 . TRP A 1 33  ? 7.86952   0.03961   -2.28355  1.000 13.56925 ? 33  TRP A CZ3 1 
ATOM   274  C  CH2 . TRP A 1 33  ? 8.61449   -0.47282  -3.35028  1.000 12.08025 ? 33  TRP A CH2 1 
ATOM   275  N  N   . LYS A 1 34  ? 11.94378  -0.91023  3.98172   1.000 12.39555 ? 34  LYS A N   1 
ATOM   276  C  CA  . LYS A 1 34  ? 13.17659  -1.58420  4.36567   1.000 13.48581 ? 34  LYS A CA  1 
ATOM   277  C  C   . LYS A 1 34  ? 12.96735  -2.68642  5.39002   1.000 13.17552 ? 34  LYS A C   1 
ATOM   278  O  O   . LYS A 1 34  ? 13.92813  -3.40220  5.70755   1.000 14.99366 ? 34  LYS A O   1 
ATOM   279  C  CB  . LYS A 1 34  ? 14.17752  -0.56346  4.91253   1.000 14.48417 ? 34  LYS A CB  1 
ATOM   280  C  CG  . LYS A 1 34  ? 14.49280  0.55374   3.92585   1.000 17.32756 ? 34  LYS A CG  1 
ATOM   281  C  CD  . LYS A 1 34  ? 15.35708  1.62762   4.56359   1.000 20.04639 ? 34  LYS A CD  1 
ATOM   282  C  CE  . LYS A 1 34  ? 15.65246  2.75611   3.59734   1.000 21.95420 ? 34  LYS A CE  1 
ATOM   283  N  NZ  . LYS A 1 34  ? 16.52679  2.30975   2.48158   1.000 28.67469 ? 34  LYS A NZ  1 
ATOM   284  N  N   . HIS A 1 35  ? 11.75032  -2.84973  5.90189   1.000 12.42803 ? 35  HIS A N   1 
ATOM   285  C  CA  . HIS A 1 35  ? 11.46530  -3.89855  6.87038   1.000 13.80429 ? 35  HIS A CA  1 
ATOM   286  C  C   . HIS A 1 35  ? 11.64898  -5.27370  6.23551   1.000 14.61657 ? 35  HIS A C   1 
ATOM   287  O  O   . HIS A 1 35  ? 11.43783  -5.46048  5.03426   1.000 14.01283 ? 35  HIS A O   1 
ATOM   288  C  CB  . HIS A 1 35  ? 10.02991  -3.74751  7.37599   1.000 13.54937 ? 35  HIS A CB  1 
ATOM   289  C  CG  . HIS A 1 35  ? 9.71222   -4.56887  8.58542   1.000 14.11516 ? 35  HIS A CG  1 
ATOM   290  N  ND1 . HIS A 1 35  ? 9.33611   -5.89219  8.50893   1.000 13.36129 ? 35  HIS A ND1 1 
ATOM   291  C  CD2 . HIS A 1 35  ? 9.67285   -4.24240  9.89901   1.000 16.63093 ? 35  HIS A CD2 1 
ATOM   292  C  CE1 . HIS A 1 35  ? 9.11213   -6.35570  9.72496   1.000 13.99482 ? 35  HIS A CE1 1 
ATOM   293  N  NE2 . HIS A 1 35  ? 9.29831   -5.37111  10.58533  1.000 15.53199 ? 35  HIS A NE2 1 
ATOM   294  N  N   . GLN A 1 36  ? 12.04541  -6.25006  7.06067   1.000 14.54553 ? 36  GLN A N   1 
ATOM   295  C  CA  . GLN A 1 36  ? 12.31595  -7.59370  6.55249   1.000 14.77943 ? 36  GLN A CA  1 
ATOM   296  C  C   . GLN A 1 36  ? 11.07879  -8.26711  5.96923   1.000 15.65041 ? 36  GLN A C   1 
ATOM   297  O  O   . GLN A 1 36  ? 11.21544  -9.23854  5.21812   1.000 15.75573 ? 36  GLN A O   1 
ATOM   298  C  CB  . GLN A 1 36  ? 12.92251  -8.47503  7.65207   1.000 18.28476 ? 36  GLN A CB  1 
ATOM   299  C  CG  . GLN A 1 36  ? 12.00406  -8.73907  8.82858   1.000 19.88070 ? 36  GLN A CG  1 
ATOM   300  C  CD  . GLN A 1 36  ? 12.50872  -9.87323  9.70014   1.000 25.56402 ? 36  GLN A CD  1 
ATOM   301  O  OE1 . GLN A 1 36  ? 13.36959  -10.64673 9.28392   1.000 29.88102 ? 36  GLN A OE1 1 
ATOM   302  N  NE2 . GLN A 1 36  ? 11.97317  -9.97937  10.91248  1.000 25.63886 ? 36  GLN A NE2 1 
ATOM   303  N  N   . PHE A 1 37  ? 9.88113   -7.78680  6.29437   1.000 13.19564 ? 37  PHE A N   1 
ATOM   304  C  CA  . PHE A 1 37  ? 8.64152   -8.36210  5.79221   1.000 13.39172 ? 37  PHE A CA  1 
ATOM   305  C  C   . PHE A 1 37  ? 8.00545   -7.52536  4.68513   1.000 13.05436 ? 37  PHE A C   1 
ATOM   306  O  O   . PHE A 1 37  ? 6.87402   -7.82021  4.27385   1.000 12.38671 ? 37  PHE A O   1 
ATOM   307  C  CB  . PHE A 1 37  ? 7.62665   -8.55442  6.92466   1.000 13.19969 ? 37  PHE A CB  1 
ATOM   308  C  CG  . PHE A 1 37  ? 8.04347   -9.54016  7.98694   1.000 13.75306 ? 37  PHE A CG  1 
ATOM   309  C  CD1 . PHE A 1 37  ? 8.99551   -10.51411 7.73974   1.000 15.23160 ? 37  PHE A CD1 1 
ATOM   310  C  CD2 . PHE A 1 37  ? 7.44750   -9.49656  9.23462   1.000 14.17201 ? 37  PHE A CD2 1 
ATOM   311  C  CE1 . PHE A 1 37  ? 9.36240   -11.42155 8.74104   1.000 16.44782 ? 37  PHE A CE1 1 
ATOM   312  C  CE2 . PHE A 1 37  ? 7.80455   -10.39720 10.22746  1.000 15.90740 ? 37  PHE A CE2 1 
ATOM   313  C  CZ  . PHE A 1 37  ? 8.76060   -11.36189 9.97738   1.000 18.39038 ? 37  PHE A CZ  1 
ATOM   314  N  N   . ALA A 1 38  ? 8.69563   -6.49162  4.19620   1.000 12.36309 ? 38  ALA A N   1 
ATOM   315  C  CA  . ALA A 1 38  ? 8.10294   -5.60132  3.20263   1.000 11.71825 ? 38  ALA A CA  1 
ATOM   316  C  C   . ALA A 1 38  ? 8.04124   -6.22100  1.81858   1.000 11.13575 ? 38  ALA A C   1 
ATOM   317  O  O   . ALA A 1 38  ? 7.17997   -5.83906  1.01942   1.000 11.89023 ? 38  ALA A O   1 
ATOM   318  C  CB  . ALA A 1 38  ? 8.90632   -4.30961  3.09096   1.000 13.29136 ? 38  ALA A CB  1 
ATOM   319  N  N   . TRP A 1 39  ? 8.94000   -7.15684  1.51005   1.000 11.70827 ? 39  TRP A N   1 
ATOM   320  C  CA  . TRP A 1 39  ? 9.12313   -7.58367  0.12299   1.000 12.63447 ? 39  TRP A CA  1 
ATOM   321  C  C   . TRP A 1 39  ? 7.86926   -8.09728  -0.57865  1.000 9.99741  ? 39  TRP A C   1 
ATOM   322  O  O   . TRP A 1 39  ? 7.71712   -7.79767  -1.77629  1.000 11.73175 ? 39  TRP A O   1 
ATOM   323  C  CB  . TRP A 1 39  ? 10.31603  -8.54465  -0.01605  1.000 13.71241 ? 39  TRP A CB  1 
ATOM   324  C  CG  . TRP A 1 39  ? 10.17901  -9.79782  0.77854   1.000 14.59490 ? 39  TRP A CG  1 
ATOM   325  C  CD1 . TRP A 1 39  ? 10.63044  -10.02118 2.04441   1.000 13.90118 ? 39  TRP A CD1 1 
ATOM   326  C  CD2 . TRP A 1 39  ? 9.52724   -11.00122 0.36701   1.000 13.35008 ? 39  TRP A CD2 1 
ATOM   327  N  NE1 . TRP A 1 39  ? 10.30776  -11.29458 2.44450   1.000 14.10277 ? 39  TRP A NE1 1 
ATOM   328  C  CE2 . TRP A 1 39  ? 9.62590   -11.91574 1.43200   1.000 13.63290 ? 39  TRP A CE2 1 
ATOM   329  C  CE3 . TRP A 1 39  ? 8.86862   -11.39633 -0.80137  1.000 14.70529 ? 39  TRP A CE3 1 
ATOM   330  C  CZ2 . TRP A 1 39  ? 9.09443   -13.19836 1.36592   1.000 14.51754 ? 39  TRP A CZ2 1 
ATOM   331  C  CZ3 . TRP A 1 39  ? 8.33740   -12.66668 -0.86288  1.000 14.74854 ? 39  TRP A CZ3 1 
ATOM   332  C  CH2 . TRP A 1 39  ? 8.46149   -13.55764 0.20751   1.000 14.07097 ? 39  TRP A CH2 1 
ATOM   333  N  N   . PRO A 1 40  ? 6.94473   -8.83600  0.05571   1.000 9.56762  ? 40  PRO A N   1 
ATOM   334  C  CA  . PRO A 1 40  ? 5.73956   -9.24586  -0.68389  1.000 11.62833 ? 40  PRO A CA  1 
ATOM   335  C  C   . PRO A 1 40  ? 4.86335   -8.08412  -1.09452  1.000 12.03340 ? 40  PRO A C   1 
ATOM   336  O  O   . PRO A 1 40  ? 4.01023   -8.25027  -1.97529  1.000 11.00892 ? 40  PRO A O   1 
ATOM   337  C  CB  . PRO A 1 40  ? 4.99587   -10.15209 0.30480   1.000 9.77264  ? 40  PRO A CB  1 
ATOM   338  C  CG  . PRO A 1 40  ? 6.02140   -10.55219 1.32136   1.000 11.84647 ? 40  PRO A CG  1 
ATOM   339  C  CD  . PRO A 1 40  ? 6.91003   -9.35448  1.43491   1.000 12.62876 ? 40  PRO A CD  1 
ATOM   340  N  N   . PHE A 1 41  ? 5.05619   -6.91601  -0.49304  1.000 10.22123 ? 41  PHE A N   1 
ATOM   341  C  CA  . PHE A 1 41  ? 4.13307   -5.80479  -0.63072  1.000 9.69046  ? 41  PHE A CA  1 
ATOM   342  C  C   . PHE A 1 41  ? 4.70775   -4.68040  -1.47790  1.000 10.83007 ? 41  PHE A C   1 
ATOM   343  O  O   . PHE A 1 41  ? 4.09486   -3.61119  -1.57800  1.000 11.62807 ? 41  PHE A O   1 
ATOM   344  C  CB  . PHE A 1 41  ? 3.72044   -5.32642  0.76591   1.000 10.50166 ? 41  PHE A CB  1 
ATOM   345  C  CG  . PHE A 1 41  ? 3.13209   -6.42485  1.61069   1.000 9.55140  ? 41  PHE A CG  1 
ATOM   346  C  CD1 . PHE A 1 41  ? 1.82217   -6.82553  1.41386   1.000 11.28847 ? 41  PHE A CD1 1 
ATOM   347  C  CD2 . PHE A 1 41  ? 3.89210   -7.09491  2.56629   1.000 11.41019 ? 41  PHE A CD2 1 
ATOM   348  C  CE1 . PHE A 1 41  ? 1.26749   -7.86226  2.16216   1.000 13.15516 ? 41  PHE A CE1 1 
ATOM   349  C  CE2 . PHE A 1 41  ? 3.34056   -8.13143  3.31869   1.000 11.28836 ? 41  PHE A CE2 1 
ATOM   350  C  CZ  . PHE A 1 41  ? 2.02861   -8.51349  3.11881   1.000 12.73783 ? 41  PHE A CZ  1 
ATOM   351  N  N   . GLN A 1 42  ? 5.86711   -4.89228  -2.08728  1.000 10.29261 ? 42  GLN A N   1 
ATOM   352  C  CA  . GLN A 1 42  ? 6.55855   -3.84525  -2.82651  1.000 10.64369 ? 42  GLN A CA  1 
ATOM   353  C  C   . GLN A 1 42  ? 6.11161   -3.72244  -4.27447  1.000 11.52993 ? 42  GLN A C   1 
ATOM   354  O  O   . GLN A 1 42  ? 6.59181   -2.83049  -4.98191  1.000 11.38013 ? 42  GLN A O   1 
ATOM   355  C  CB  . GLN A 1 42  ? 8.06879   -4.06302  -2.75409  1.000 11.48232 ? 42  GLN A CB  1 
ATOM   356  C  CG  . GLN A 1 42  ? 8.64080   -3.78030  -1.37386  1.000 12.16598 ? 42  GLN A CG  1 
ATOM   357  C  CD  . GLN A 1 42  ? 10.09398  -4.17817  -1.24843  1.000 13.92324 ? 42  GLN A CD  1 
ATOM   358  O  OE1 . GLN A 1 42  ? 10.60331  -4.96142  -2.04449  1.000 16.28009 ? 42  GLN A OE1 1 
ATOM   359  N  NE2 . GLN A 1 42  ? 10.77440  -3.64134  -0.23451  1.000 15.17993 ? 42  GLN A NE2 1 
ATOM   360  N  N   . GLN A 1 43  ? 5.18979   -4.56116  -4.72275  1.000 10.27292 ? 43  GLN A N   1 
ATOM   361  C  CA  . GLN A 1 43  ? 4.74369   -4.52527  -6.10450  1.000 10.93949 ? 43  GLN A CA  1 
ATOM   362  C  C   . GLN A 1 43  ? 3.36646   -5.15410  -6.16717  1.000 11.26037 ? 43  GLN A C   1 
ATOM   363  O  O   . GLN A 1 43  ? 2.99148   -5.92004  -5.27238  1.000 10.66262 ? 43  GLN A O   1 
ATOM   364  C  CB  . GLN A 1 43  ? 5.71175   -5.29853  -7.01930  1.000 11.74239 ? 43  GLN A CB  1 
ATOM   365  C  CG  . GLN A 1 43  ? 5.87133   -6.76311  -6.64471  1.000 13.39410 ? 43  GLN A CG  1 
ATOM   366  C  CD  . GLN A 1 43  ? 6.76341   -6.95183  -5.43170  1.000 13.40172 ? 43  GLN A CD  1 
ATOM   367  O  OE1 . GLN A 1 43  ? 7.84366   -6.37143  -5.34901  1.000 15.45837 ? 43  GLN A OE1 1 
ATOM   368  N  NE2 . GLN A 1 43  ? 6.29927   -7.73863  -4.47566  1.000 13.29959 ? 43  GLN A NE2 1 
ATOM   369  N  N   . PRO A 1 44  ? 2.59167   -4.85867  -7.21042  1.000 11.05980 ? 126 PRO A N   1 
ATOM   370  C  CA  . PRO A 1 44  ? 1.30948   -5.54573  -7.38912  1.000 10.55485 ? 126 PRO A CA  1 
ATOM   371  C  C   . PRO A 1 44  ? 1.50963   -7.05074  -7.42237  1.000 11.74371 ? 126 PRO A C   1 
ATOM   372  O  O   . PRO A 1 44  ? 2.51420   -7.55825  -7.92266  1.000 13.22335 ? 126 PRO A O   1 
ATOM   373  C  CB  . PRO A 1 44  ? 0.82833   -5.03968  -8.75510  1.000 12.38771 ? 126 PRO A CB  1 
ATOM   374  C  CG  . PRO A 1 44  ? 1.50407   -3.73495  -8.93830  1.000 14.02739 ? 126 PRO A CG  1 
ATOM   375  C  CD  . PRO A 1 44  ? 2.85391   -3.89094  -8.29143  1.000 12.79170 ? 126 PRO A CD  1 
ATOM   376  N  N   . VAL A 1 45  ? 0.53421   -7.76195  -6.86271  1.000 11.21141 ? 128 VAL A N   1 
ATOM   377  C  CA  . VAL A 1 45  ? 0.54232   -9.21797  -6.90801  1.000 11.85206 ? 128 VAL A CA  1 
ATOM   378  C  C   . VAL A 1 45  ? 0.49958   -9.67211  -8.35936  1.000 12.65409 ? 128 VAL A C   1 
ATOM   379  O  O   . VAL A 1 45  ? -0.42644  -9.33180  -9.10631  1.000 13.39587 ? 128 VAL A O   1 
ATOM   380  C  CB  . VAL A 1 45  ? -0.63616  -9.77992  -6.10373  1.000 12.62089 ? 128 VAL A CB  1 
ATOM   381  C  CG1 . VAL A 1 45  ? -0.75290  -11.29291 -6.29553  1.000 15.74197 ? 128 VAL A CG1 1 
ATOM   382  C  CG2 . VAL A 1 45  ? -0.48207  -9.44259  -4.62762  1.000 15.45521 ? 128 VAL A CG2 1 
ATOM   383  N  N   . ASP A 1 46  ? 1.50887   -10.43866 -8.76910  1.000 14.70853 ? 130 ASP A N   1 
ATOM   384  C  CA  . ASP A 1 46  ? 1.52979   -11.05246 -10.09417 1.000 14.59406 ? 130 ASP A CA  1 
ATOM   385  C  C   . ASP A 1 46  ? 0.94945   -12.45164 -9.93572  1.000 13.17458 ? 130 ASP A C   1 
ATOM   386  O  O   . ASP A 1 46  ? 1.63566   -13.37866 -9.49454  1.000 13.37724 ? 130 ASP A O   1 
ATOM   387  C  CB  . ASP A 1 46  ? 2.95003   -11.06692 -10.64985 1.000 16.71155 ? 130 ASP A CB  1 
ATOM   388  C  CG  . ASP A 1 46  ? 3.01668   -11.55443 -12.09179 1.000 16.21741 ? 130 ASP A CG  1 
ATOM   389  O  OD1 . ASP A 1 46  ? 2.15372   -12.35319 -12.50550 1.000 14.34537 ? 130 ASP A OD1 1 
ATOM   390  O  OD2 . ASP A 1 46  ? 3.93747   -11.12553 -12.82129 1.000 20.62194 ? 130 ASP A OD2 1 
ATOM   391  N  N   . ALA A 1 47  ? -0.33083  -12.59714 -10.28939 1.000 14.60449 ? 131 ALA A N   1 
ATOM   392  C  CA  . ALA A 1 47  ? -1.02891  -13.86018 -10.07866 1.000 16.23145 ? 131 ALA A CA  1 
ATOM   393  C  C   . ALA A 1 47  ? -0.47130  -14.97291 -10.95584 1.000 13.86625 ? 131 ALA A C   1 
ATOM   394  O  O   . ALA A 1 47  ? -0.53117  -16.14518 -10.56917 1.000 15.10406 ? 131 ALA A O   1 
ATOM   395  C  CB  . ALA A 1 47  ? -2.52990  -13.68734 -10.32500 1.000 15.37448 ? 131 ALA A CB  1 
ATOM   396  N  N   . VAL A 1 48  ? 0.06028   -14.63803 -12.13282 1.000 14.96584 ? 134 VAL A N   1 
ATOM   397  C  CA  . VAL A 1 48  ? 0.65731   -15.65675 -12.99402 1.000 16.61434 ? 134 VAL A CA  1 
ATOM   398  C  C   . VAL A 1 48  ? 1.98764   -16.12340 -12.41967 1.000 13.82302 ? 134 VAL A C   1 
ATOM   399  O  O   . VAL A 1 48  ? 2.25343   -17.32994 -12.31838 1.000 16.42511 ? 134 VAL A O   1 
ATOM   400  C  CB  . VAL A 1 48  ? 0.82306   -15.12837 -14.42887 1.000 19.10954 ? 134 VAL A CB  1 
ATOM   401  C  CG1 . VAL A 1 48  ? 1.49689   -16.18101 -15.31149 1.000 19.27941 ? 134 VAL A CG1 1 
ATOM   402  C  CG2 . VAL A 1 48  ? -0.52304  -14.70771 -15.00622 1.000 19.48909 ? 134 VAL A CG2 1 
ATOM   403  N  N   . LYS A 1 49  ? 2.84850   -15.17206 -12.04349 1.000 13.00480 ? 135 LYS A N   1 
ATOM   404  C  CA  . LYS A 1 49  ? 4.13239   -15.52406 -11.44990 1.000 15.07154 ? 135 LYS A CA  1 
ATOM   405  C  C   . LYS A 1 49  ? 3.94050   -16.35362 -10.18632 1.000 15.20428 ? 135 LYS A C   1 
ATOM   406  O  O   . LYS A 1 49  ? 4.54885   -17.41770 -10.02428 1.000 16.63895 ? 135 LYS A O   1 
ATOM   407  C  CB  . LYS A 1 49  ? 4.90893   -14.24825 -11.13435 1.000 15.11546 ? 135 LYS A CB  1 
ATOM   408  C  CG  . LYS A 1 49  ? 6.01065   -14.43025 -10.10924 1.000 26.52820 ? 135 LYS A CG  1 
ATOM   409  C  CD  . LYS A 1 49  ? 7.36081   -14.21892 -10.74322 1.000 28.47491 ? 135 LYS A CD  1 
ATOM   410  C  CE  . LYS A 1 49  ? 8.50053   -14.53079 -9.79087  1.000 24.95706 ? 135 LYS A CE  1 
ATOM   411  N  NZ  . LYS A 1 49  ? 9.64772   -15.05608 -10.57816 1.000 22.64668 ? 135 LYS A NZ  1 
ATOM   412  N  N   . LEU A 1 50  ? 3.08087   -15.88734 -9.28496  1.000 13.15775 ? 137 LEU A N   1 
ATOM   413  C  CA  . LEU A 1 50  ? 2.93079   -16.47654 -7.96287  1.000 12.58457 ? 137 LEU A CA  1 
ATOM   414  C  C   . LEU A 1 50  ? 1.99264   -17.66920 -7.93417  1.000 16.61973 ? 137 LEU A C   1 
ATOM   415  O  O   . LEU A 1 50  ? 1.79021   -18.24408 -6.85999  1.000 14.70698 ? 137 LEU A O   1 
ATOM   416  C  CB  . LEU A 1 50  ? 2.43412   -15.41773 -6.98133  1.000 14.11165 ? 137 LEU A CB  1 
ATOM   417  C  CG  . LEU A 1 50  ? 3.47549   -14.36132 -6.62893  1.000 15.86050 ? 137 LEU A CG  1 
ATOM   418  C  CD1 . LEU A 1 50  ? 2.83122   -13.22280 -5.85524  1.000 16.79124 ? 137 LEU A CD1 1 
ATOM   419  C  CD2 . LEU A 1 50  ? 4.58949   -15.01624 -5.82197  1.000 20.69741 ? 137 LEU A CD2 1 
ATOM   420  N  N   . ASN A 1 51  ? 1.40736   -18.03073 -9.06987  1.000 15.22302 ? 139 ASN A N   1 
ATOM   421  C  CA  . ASN A 1 51  ? 0.49407   -19.16714 -9.17603  1.000 16.87444 ? 139 ASN A CA  1 
ATOM   422  C  C   . ASN A 1 51  ? -0.69993  -19.00718 -8.23822  1.000 17.18681 ? 139 ASN A C   1 
ATOM   423  O  O   . ASN A 1 51  ? -1.08737  -19.92665 -7.51244  1.000 16.69436 ? 139 ASN A O   1 
ATOM   424  C  CB  . ASN A 1 51  ? 1.22947   -20.49429 -8.97558  1.000 19.22572 ? 139 ASN A CB  1 
ATOM   425  C  CG  . ASN A 1 51  ? 2.54488   -20.52568 -9.72795  1.000 15.34535 ? 139 ASN A CG  1 
ATOM   426  O  OD1 . ASN A 1 51  ? 2.61963   -20.09163 -10.87372 1.000 16.70489 ? 139 ASN A OD1 1 
ATOM   427  N  ND2 . ASN A 1 51  ? 3.59668   -20.98584 -9.06810  1.000 19.26091 ? 139 ASN A ND2 1 
ATOM   428  N  N   . LEU A 1 52  ? -1.28539  -17.80717 -8.26339  1.000 14.21191 ? 141 LEU A N   1 
ATOM   429  C  CA  . LEU A 1 52  ? -2.46192  -17.46006 -7.46940  1.000 15.10538 ? 141 LEU A CA  1 
ATOM   430  C  C   . LEU A 1 52  ? -3.58549  -17.10117 -8.43333  1.000 15.73250 ? 141 LEU A C   1 
ATOM   431  O  O   . LEU A 1 52  ? -4.00851  -15.93897 -8.50333  1.000 14.03829 ? 141 LEU A O   1 
ATOM   432  C  CB  . LEU A 1 52  ? -2.16824  -16.29205 -6.52911  1.000 14.86309 ? 141 LEU A CB  1 
ATOM   433  C  CG  . LEU A 1 52  ? -0.99212  -16.43184 -5.55841  1.000 13.54650 ? 141 LEU A CG  1 
ATOM   434  C  CD1 . LEU A 1 52  ? -0.79291  -15.14889 -4.75900  1.000 14.94715 ? 141 LEU A CD1 1 
ATOM   435  C  CD2 . LEU A 1 52  ? -1.20430  -17.61502 -4.62451  1.000 17.97885 ? 141 LEU A CD2 1 
ATOM   436  N  N   . PRO A 1 53  ? -4.10418  -18.07856 -9.18462  1.000 14.87461 ? 142 PRO A N   1 
ATOM   437  C  CA  . PRO A 1 53  ? -5.07301  -17.74590 -10.23469 1.000 15.43543 ? 142 PRO A CA  1 
ATOM   438  C  C   . PRO A 1 53  ? -6.37633  -17.18187 -9.71075  1.000 15.57973 ? 142 PRO A C   1 
ATOM   439  O  O   . PRO A 1 53  ? -7.11839  -16.57543 -10.49013 1.000 16.77961 ? 142 PRO A O   1 
ATOM   440  C  CB  . PRO A 1 53  ? -5.28487  -19.08325 -10.95982 1.000 16.95213 ? 142 PRO A CB  1 
ATOM   441  C  CG  . PRO A 1 53  ? -4.94009  -20.10903 -9.95923  1.000 17.32441 ? 142 PRO A CG  1 
ATOM   442  C  CD  . PRO A 1 53  ? -3.83608  -19.52787 -9.13211  1.000 18.71973 ? 142 PRO A CD  1 
ATOM   443  N  N   . ASP A 1 54  ? -6.67490  -17.34330 -8.42675  1.000 13.86388 ? 144 ASP A N   1 
ATOM   444  C  CA  . ASP A 1 54  ? -7.88578  -16.77862 -7.84921  1.000 14.06699 ? 144 ASP A CA  1 
ATOM   445  C  C   . ASP A 1 54  ? -7.66147  -15.45296 -7.14484  1.000 14.34388 ? 144 ASP A C   1 
ATOM   446  O  O   . ASP A 1 54  ? -8.62281  -14.90941 -6.60647  1.000 13.00790 ? 144 ASP A O   1 
ATOM   447  C  CB  . ASP A 1 54  ? -8.53342  -17.75949 -6.87055  1.000 16.54591 ? 144 ASP A CB  1 
ATOM   448  C  CG  . ASP A 1 54  ? -7.60843  -18.16106 -5.74435  1.000 18.91426 ? 144 ASP A CG  1 
ATOM   449  O  OD1 . ASP A 1 54  ? -6.41352  -17.79699 -5.77437  1.000 16.27766 ? 144 ASP A OD1 1 
ATOM   450  O  OD2 . ASP A 1 54  ? -8.07763  -18.86084 -4.82242  1.000 19.43284 ? 144 ASP A OD2 1 
ATOM   451  N  N   . TYR A 1 55  ? -6.43229  -14.92691 -7.12696  1.000 11.52099 ? 146 TYR A N   1 
ATOM   452  C  CA  . TYR A 1 55  ? -6.17060  -13.73349 -6.32357  1.000 12.01795 ? 146 TYR A CA  1 
ATOM   453  C  C   . TYR A 1 55  ? -7.11948  -12.60346 -6.69663  1.000 11.88976 ? 146 TYR A C   1 
ATOM   454  O  O   . TYR A 1 55  ? -7.76922  -12.00875 -5.82742  1.000 11.43996 ? 146 TYR A O   1 
ATOM   455  C  CB  . TYR A 1 55  ? -4.72771  -13.26137 -6.48164  1.000 11.37550 ? 146 TYR A CB  1 
ATOM   456  C  CG  . TYR A 1 55  ? -4.46431  -12.11204 -5.54582  1.000 11.53893 ? 146 TYR A CG  1 
ATOM   457  C  CD1 . TYR A 1 55  ? -4.18575  -12.35235 -4.21938  1.000 12.54830 ? 146 TYR A CD1 1 
ATOM   458  C  CD2 . TYR A 1 55  ? -4.56889  -10.79516 -5.97093  1.000 11.21316 ? 146 TYR A CD2 1 
ATOM   459  C  CE1 . TYR A 1 55  ? -3.97353  -11.31419 -3.34335  1.000 12.48852 ? 146 TYR A CE1 1 
ATOM   460  C  CE2 . TYR A 1 55  ? -4.35479  -9.74066  -5.10046  1.000 11.33035 ? 146 TYR A CE2 1 
ATOM   461  C  CZ  . TYR A 1 55  ? -4.06526  -10.01902 -3.79007  1.000 10.68016 ? 146 TYR A CZ  1 
ATOM   462  O  OH  . TYR A 1 55  ? -3.86110  -8.98069  -2.90279  1.000 12.37033 ? 146 TYR A OH  1 
ATOM   463  N  N   . TYR A 1 56  ? -7.21639  -12.30109 -7.98937  1.000 12.55272 ? 148 TYR A N   1 
ATOM   464  C  CA  . TYR A 1 56  ? -8.06095  -11.21225 -8.45393  1.000 11.72175 ? 148 TYR A CA  1 
ATOM   465  C  C   . TYR A 1 56  ? -9.51342  -11.62748 -8.62751  1.000 12.74624 ? 148 TYR A C   1 
ATOM   466  O  O   . TYR A 1 56  ? -10.36239 -10.76758 -8.88069  1.000 13.16353 ? 148 TYR A O   1 
ATOM   467  C  CB  . TYR A 1 56  ? -7.45861  -10.58263 -9.70596  1.000 12.64107 ? 148 TYR A CB  1 
ATOM   468  C  CG  . TYR A 1 56  ? -6.13930  -9.90465  -9.41898  1.000 10.66361 ? 148 TYR A CG  1 
ATOM   469  C  CD1 . TYR A 1 56  ? -6.10926  -8.68627  -8.74485  1.000 13.24062 ? 148 TYR A CD1 1 
ATOM   470  C  CD2 . TYR A 1 56  ? -4.93046  -10.46602 -9.82534  1.000 12.24441 ? 148 TYR A CD2 1 
ATOM   471  C  CE1 . TYR A 1 56  ? -4.92027  -8.05088  -8.47378  1.000 11.95948 ? 148 TYR A CE1 1 
ATOM   472  C  CE2 . TYR A 1 56  ? -3.72117  -9.82481  -9.56677  1.000 13.17140 ? 148 TYR A CE2 1 
ATOM   473  C  CZ  . TYR A 1 56  ? -3.72908  -8.61760  -8.88592  1.000 11.71734 ? 148 TYR A CZ  1 
ATOM   474  O  OH  . TYR A 1 56  ? -2.55221  -7.95370  -8.61026  1.000 13.03575 ? 148 TYR A OH  1 
ATOM   475  N  N   . LYS A 1 57  ? -9.82296  -12.91373 -8.45609  1.000 12.66908 ? 149 LYS A N   1 
ATOM   476  C  CA  . LYS A 1 57  ? -11.21448 -13.31705 -8.30011  1.000 14.73064 ? 149 LYS A CA  1 
ATOM   477  C  C   . LYS A 1 57  ? -11.73420 -12.97321 -6.91803  1.000 13.35354 ? 149 LYS A C   1 
ATOM   478  O  O   . LYS A 1 57  ? -12.94689 -12.81362 -6.73698  1.000 16.25142 ? 149 LYS A O   1 
ATOM   479  C  CB  . LYS A 1 57  ? -11.36605 -14.82126 -8.52958  1.000 15.49808 ? 149 LYS A CB  1 
ATOM   480  C  CG  . LYS A 1 57  ? -10.82662 -15.29623 -9.86706  1.000 14.26107 ? 149 LYS A CG  1 
ATOM   481  C  CD  . LYS A 1 57  ? -11.24988 -16.73816 -10.14523 1.000 17.84886 ? 149 LYS A CD  1 
ATOM   482  C  CE  . LYS A 1 57  ? -10.61873 -17.28050 -11.42071 1.000 16.17827 ? 149 LYS A CE  1 
ATOM   483  N  NZ  . LYS A 1 57  ? -10.95942 -16.43816 -12.60323 1.000 17.81915 ? 149 LYS A NZ  1 
ATOM   484  N  N   . ILE A 1 58  ? -10.83501 -12.83914 -5.94903  1.000 12.29052 ? 150 ILE A N   1 
ATOM   485  C  CA  . ILE A 1 58  ? -11.18687 -12.51270 -4.57717  1.000 13.19071 ? 150 ILE A CA  1 
ATOM   486  C  C   . ILE A 1 58  ? -10.96163 -11.03514 -4.27507  1.000 13.14582 ? 150 ILE A C   1 
ATOM   487  O  O   . ILE A 1 58  ? -11.81804 -10.38846 -3.67238  1.000 15.12158 ? 150 ILE A O   1 
ATOM   488  C  CB  . ILE A 1 58  ? -10.38515 -13.41517 -3.60866  1.000 13.19222 ? 150 ILE A CB  1 
ATOM   489  C  CG1 . ILE A 1 58  ? -10.76205 -14.88998 -3.80404  1.000 18.21924 ? 150 ILE A CG1 1 
ATOM   490  C  CG2 . ILE A 1 58  ? -10.56875 -12.97563 -2.14697  1.000 15.51696 ? 150 ILE A CG2 1 
ATOM   491  C  CD1 . ILE A 1 58  ? -12.10684 -15.25577 -3.23872  1.000 21.55823 ? 150 ILE A CD1 1 
ATOM   492  N  N   . ILE A 1 59  ? -9.82735  -10.48943 -4.70696  1.000 10.76239 ? 153 ILE A N   1 
ATOM   493  C  CA  . ILE A 1 59  ? -9.40825  -9.13707  -4.35509  1.000 12.37253 ? 153 ILE A CA  1 
ATOM   494  C  C   . ILE A 1 59  ? -9.79623  -8.19875  -5.49410  1.000 11.71887 ? 153 ILE A C   1 
ATOM   495  O  O   . ILE A 1 59  ? -9.19867  -8.23066  -6.57506  1.000 12.45413 ? 153 ILE A O   1 
ATOM   496  C  CB  . ILE A 1 59  ? -7.90237  -9.09261  -4.05976  1.000 11.32969 ? 153 ILE A CB  1 
ATOM   497  C  CG1 . ILE A 1 59  ? -7.57539  -9.96443  -2.84461  1.000 12.77171 ? 153 ILE A CG1 1 
ATOM   498  C  CG2 . ILE A 1 59  ? -7.42078  -7.66273  -3.85863  1.000 10.81726 ? 153 ILE A CG2 1 
ATOM   499  C  CD1 . ILE A 1 59  ? -8.33663  -9.58614  -1.58663  1.000 12.66775 ? 153 ILE A CD1 1 
ATOM   500  N  N   . LYS A 1 60  ? -10.79012 -7.33805  -5.24787  1.000 11.99172 ? 155 LYS A N   1 
ATOM   501  C  CA  . LYS A 1 60  ? -11.29702 -6.43934  -6.27558  1.000 12.75971 ? 155 LYS A CA  1 
ATOM   502  C  C   . LYS A 1 60  ? -10.72663 -5.03369  -6.18179  1.000 12.79450 ? 155 LYS A C   1 
ATOM   503  O  O   . LYS A 1 60  ? -10.90469 -4.24538  -7.11576  1.000 13.54280 ? 155 LYS A O   1 
ATOM   504  C  CB  . LYS A 1 60  ? -12.83220 -6.37686  -6.24460  1.000 13.86509 ? 155 LYS A CB  1 
ATOM   505  C  CG  . LYS A 1 60  ? -13.52818 -7.72910  -6.41246  1.000 13.27557 ? 155 LYS A CG  1 
ATOM   506  C  CD  . LYS A 1 60  ? -13.04289 -8.47073  -7.65162  1.000 13.88313 ? 155 LYS A CD  1 
ATOM   507  C  CE  . LYS A 1 60  ? -13.80147 -9.78458  -7.83290  1.000 12.91129 ? 155 LYS A CE  1 
ATOM   508  N  NZ  . LYS A 1 60  ? -13.29645 -10.55629 -8.99182  1.000 13.38367 ? 155 LYS A NZ  1 
ATOM   509  N  N   . THR A 1 61  ? -10.03952 -4.69822  -5.09249  1.000 13.08678 ? 157 THR A N   1 
ATOM   510  C  CA  . THR A 1 61  ? -9.38950  -3.39505  -4.93806  1.000 12.70516 ? 157 THR A CA  1 
ATOM   511  C  C   . THR A 1 61  ? -7.93687  -3.63530  -4.53909  1.000 11.72287 ? 157 THR A C   1 
ATOM   512  O  O   . THR A 1 61  ? -7.54287  -3.40136  -3.39162  1.000 11.63441 ? 157 THR A O   1 
ATOM   513  C  CB  . THR A 1 61  ? -10.11191 -2.51601  -3.90790  1.000 17.27120 ? 157 THR A CB  1 
ATOM   514  O  OG1 . THR A 1 61  ? -11.51815 -2.45250  -4.20330  1.000 22.63876 ? 157 THR A OG1 1 
ATOM   515  C  CG2 . THR A 1 61  ? -9.53180  -1.09665  -3.89239  1.000 21.33676 ? 157 THR A CG2 1 
ATOM   516  N  N   . PRO A 1 62  ? -7.11355  -4.12266  -5.45998  1.000 10.77641 ? 159 PRO A N   1 
ATOM   517  C  CA  . PRO A 1 62  ? -5.72856  -4.43903  -5.10483  1.000 10.84078 ? 159 PRO A CA  1 
ATOM   518  C  C   . PRO A 1 62  ? -4.93877  -3.17922  -4.80557  1.000 9.72638  ? 159 PRO A C   1 
ATOM   519  O  O   . PRO A 1 62  ? -5.22858  -2.09225  -5.31053  1.000 11.18395 ? 159 PRO A O   1 
ATOM   520  C  CB  . PRO A 1 62  ? -5.18760  -5.15466  -6.34988  1.000 13.97988 ? 159 PRO A CB  1 
ATOM   521  C  CG  . PRO A 1 62  ? -6.08912  -4.76686  -7.44127  1.000 14.15787 ? 159 PRO A CG  1 
ATOM   522  C  CD  . PRO A 1 62  ? -7.42712  -4.47203  -6.85422  1.000 12.68221 ? 159 PRO A CD  1 
ATOM   523  N  N   . MET A 1 63  ? -3.94404  -3.33254  -3.94150  1.000 10.41187 ? 160 MET A N   1 
ATOM   524  C  CA  . MET A 1 63  ? -3.07939  -2.21333  -3.61365  1.000 9.12383  ? 160 MET A CA  1 
ATOM   525  C  C   . MET A 1 63  ? -1.78571  -2.76807  -3.05037  1.000 9.85437  ? 160 MET A C   1 
ATOM   526  O  O   . MET A 1 63  ? -1.76149  -3.85615  -2.47193  1.000 10.88857 ? 160 MET A O   1 
ATOM   527  C  CB  . MET A 1 63  ? -3.75156  -1.27310  -2.61439  1.000 8.64866  ? 160 MET A CB  1 
ATOM   528  C  CG  . MET A 1 63  ? -2.98102  0.01923   -2.31856  1.000 10.85011 ? 160 MET A CG  1 
ATOM   529  S  SD  . MET A 1 63  ? -2.49123  0.95454   -3.79079  1.000 10.10941 ? 160 MET A SD  1 
ATOM   530  C  CE  . MET A 1 63  ? -4.06265  1.20727   -4.63679  1.000 12.58672 ? 160 MET A CE  1 
ATOM   531  N  N   . ASP A 1 64  ? -0.70643  -2.02683  -3.26348  1.000 8.88351  ? 162 ASP A N   1 
ATOM   532  C  CA  . ASP A 1 64  ? 0.62025   -2.43800  -2.83800  1.000 8.76202  ? 162 ASP A CA  1 
ATOM   533  C  C   . ASP A 1 64  ? 1.45674   -1.18682  -2.62979  1.000 8.73916  ? 162 ASP A C   1 
ATOM   534  O  O   . ASP A 1 64  ? 1.11661   -0.10384  -3.10772  1.000 9.68133  ? 162 ASP A O   1 
ATOM   535  C  CB  . ASP A 1 64  ? 1.29161   -3.30536  -3.90009  1.000 11.69940 ? 162 ASP A CB  1 
ATOM   536  C  CG  . ASP A 1 64  ? 1.53119   -2.53731  -5.18214  1.000 9.30251  ? 162 ASP A CG  1 
ATOM   537  O  OD1 . ASP A 1 64  ? 0.57166   -2.37506  -5.97224  1.000 10.43434 ? 162 ASP A OD1 1 
ATOM   538  O  OD2 . ASP A 1 64  ? 2.65754   -2.02647  -5.37285  1.000 10.08960 ? 162 ASP A OD2 1 
ATOM   539  N  N   . MET A 1 65  ? 2.59730   -1.35922  -1.95787  1.000 8.91292  ? 164 MET A N   1 
ATOM   540  C  CA  . MET A 1 65  ? 3.43234   -0.20988  -1.62971  1.000 11.29073 ? 164 MET A CA  1 
ATOM   541  C  C   . MET A 1 65  ? 4.18419   0.35768   -2.82719  1.000 10.31310 ? 164 MET A C   1 
ATOM   542  O  O   . MET A 1 65  ? 4.56779   1.53160   -2.78608  1.000 11.27807 ? 164 MET A O   1 
ATOM   543  C  CB  . MET A 1 65  ? 4.43058   -0.54473  -0.52478  1.000 11.50627 ? 164 MET A CB  1 
ATOM   544  C  CG  . MET A 1 65  ? 3.78279   -0.80648  0.83019   1.000 10.98134 ? 164 MET A CG  1 
ATOM   545  S  SD  . MET A 1 65  ? 4.92647   -0.65847  2.22075   1.000 13.18744 ? 164 MET A SD  1 
ATOM   546  C  CE  . MET A 1 65  ? 6.10759   -1.92111  1.79836   1.000 12.91428 ? 164 MET A CE  1 
ATOM   547  N  N   . GLY A 1 66  ? 4.44267   -0.44036  -3.86685  1.000 10.58658 ? 166 GLY A N   1 
ATOM   548  C  CA  . GLY A 1 66  ? 5.03719   0.12515   -5.06773  1.000 10.77290 ? 166 GLY A CA  1 
ATOM   549  C  C   . GLY A 1 66  ? 4.10901   1.12708   -5.72573  1.000 11.67395 ? 166 GLY A C   1 
ATOM   550  O  O   . GLY A 1 66  ? 4.52643   2.22175   -6.11593  1.000 11.35300 ? 166 GLY A O   1 
ATOM   551  N  N   . THR A 1 67  ? 2.82590   0.77963   -5.81355  1.000 9.62007  ? 168 THR A N   1 
ATOM   552  C  CA  . THR A 1 67  ? 1.81625   1.70531   -6.30766  1.000 9.36030  ? 168 THR A CA  1 
ATOM   553  C  C   . THR A 1 67  ? 1.72387   2.93871   -5.42191  1.000 9.86486  ? 168 THR A C   1 
ATOM   554  O  O   . THR A 1 67  ? 1.68478   4.06650   -5.91972  1.000 11.00255 ? 168 THR A O   1 
ATOM   555  C  CB  . THR A 1 67  ? 0.47935   0.97274   -6.36024  1.000 9.96762  ? 168 THR A CB  1 
ATOM   556  O  OG1 . THR A 1 67  ? 0.55906   -0.09563  -7.31432  1.000 11.03003 ? 168 THR A OG1 1 
ATOM   557  C  CG2 . THR A 1 67  ? -0.65117  1.92007   -6.75750  1.000 11.71389 ? 168 THR A CG2 1 
ATOM   558  N  N   . ILE A 1 68  ? 1.68745   2.74071   -4.10217  1.000 10.17628 ? 170 ILE A N   1 
ATOM   559  C  CA  . ILE A 1 68  ? 1.60112   3.87501   -3.18983  1.000 10.99129 ? 170 ILE A CA  1 
ATOM   560  C  C   . ILE A 1 68  ? 2.79905   4.79199   -3.36623  1.000 11.14022 ? 170 ILE A C   1 
ATOM   561  O  O   . ILE A 1 68  ? 2.65659   6.02048   -3.41538  1.000 10.68440 ? 170 ILE A O   1 
ATOM   562  C  CB  . ILE A 1 68  ? 1.45541   3.40130   -1.73095  1.000 10.43163 ? 170 ILE A CB  1 
ATOM   563  C  CG1 . ILE A 1 68  ? 0.12903   2.66901   -1.55449  1.000 9.85477  ? 170 ILE A CG1 1 
ATOM   564  C  CG2 . ILE A 1 68  ? 1.53670   4.59721   -0.78066  1.000 10.13282 ? 170 ILE A CG2 1 
ATOM   565  C  CD1 . ILE A 1 68  ? -0.00614  1.90427   -0.24438  1.000 10.25867 ? 170 ILE A CD1 1 
ATOM   566  N  N   . LYS A 1 69  ? 3.99376   4.20475   -3.46043  1.000 10.03866 ? 172 LYS A N   1 
ATOM   567  C  CA  . LYS A 1 69  ? 5.20686   4.98949   -3.65736  1.000 12.45473 ? 172 LYS A CA  1 
ATOM   568  C  C   . LYS A 1 69  ? 5.11481   5.83622   -4.91981  1.000 12.27841 ? 172 LYS A C   1 
ATOM   569  O  O   . LYS A 1 69  ? 5.40167   7.03632   -4.89672  1.000 14.41552 ? 172 LYS A O   1 
ATOM   570  C  CB  . LYS A 1 69  ? 6.42221   4.06461   -3.70826  1.000 13.10922 ? 172 LYS A CB  1 
ATOM   571  C  CG  . LYS A 1 69  ? 7.75709   4.77271   -3.88547  1.000 16.43625 ? 172 LYS A CG  1 
ATOM   572  C  CD  . LYS A 1 69  ? 8.90315   3.77773   -3.75975  1.000 18.96026 ? 172 LYS A CD  1 
ATOM   573  C  CE  . LYS A 1 69  ? 10.25316  4.42564   -4.01718  1.000 24.45813 ? 172 LYS A CE  1 
ATOM   574  N  NZ  . LYS A 1 69  ? 10.45405  4.76102   -5.45399  1.000 29.94061 ? 172 LYS A NZ  1 
ATOM   575  N  N   . LYS A 1 70  ? 4.68139   5.23931   -6.02679  1.000 11.68600 ? 174 LYS A N   1 
ATOM   576  C  CA  . LYS A 1 70  ? 4.57067   6.01302   -7.26012  1.000 13.66005 ? 174 LYS A CA  1 
ATOM   577  C  C   . LYS A 1 70  ? 3.49891   7.08801   -7.14685  1.000 13.60748 ? 174 LYS A C   1 
ATOM   578  O  O   . LYS A 1 70  ? 3.67096   8.19713   -7.66438  1.000 14.11882 ? 174 LYS A O   1 
ATOM   579  C  CB  . LYS A 1 70  ? 4.28623   5.09896   -8.44758  1.000 13.82564 ? 174 LYS A CB  1 
ATOM   580  C  CG  . LYS A 1 70  ? 5.41842   4.17243   -8.79175  1.000 16.98817 ? 174 LYS A CG  1 
ATOM   581  C  CD  . LYS A 1 70  ? 4.99334   3.21660   -9.89885  1.000 24.96827 ? 174 LYS A CD  1 
ATOM   582  C  CE  . LYS A 1 70  ? 5.91730   2.00694   -9.97985  1.000 30.80598 ? 174 LYS A CE  1 
ATOM   583  N  NZ  . LYS A 1 70  ? 7.34980   2.39834   -10.06516 1.000 35.96554 ? 174 LYS A NZ  1 
ATOM   584  N  N   . ARG A 1 71  ? 2.38591   6.78540   -6.47526  1.000 10.59283 ? 175 ARG A N   1 
ATOM   585  C  CA  . ARG A 1 71  ? 1.35103   7.79606   -6.28425  1.000 10.45399 ? 175 ARG A CA  1 
ATOM   586  C  C   . ARG A 1 71  ? 1.88301   8.97715   -5.48894  1.000 11.90163 ? 175 ARG A C   1 
ATOM   587  O  O   . ARG A 1 71  ? 1.63247   10.13795  -5.83342  1.000 12.47038 ? 175 ARG A O   1 
ATOM   588  C  CB  . ARG A 1 71  ? 0.13375   7.17821   -5.59812  1.000 9.67919  ? 175 ARG A CB  1 
ATOM   589  C  CG  . ARG A 1 71  ? -0.66254  6.26211   -6.51726  1.000 10.34590 ? 175 ARG A CG  1 
ATOM   590  C  CD  . ARG A 1 71  ? -1.89655  5.66152   -5.83650  1.000 9.09837  ? 175 ARG A CD  1 
ATOM   591  N  NE  . ARG A 1 71  ? -2.69643  4.93243   -6.81156  1.000 10.24564 ? 175 ARG A NE  1 
ATOM   592  C  CZ  . ARG A 1 71  ? -3.93038  4.49448   -6.61589  1.000 9.79603  ? 175 ARG A CZ  1 
ATOM   593  N  NH1 . ARG A 1 71  ? -4.54230  4.64666   -5.45679  1.000 10.69705 ? 175 ARG A NH1 1 
ATOM   594  N  NH2 . ARG A 1 71  ? -4.58273  3.92634   -7.62847  1.000 11.68381 ? 175 ARG A NH2 1 
ATOM   595  N  N   . LEU A 1 72  ? 2.62018   8.69714   -4.41295  1.000 11.02683 ? 177 LEU A N   1 
ATOM   596  C  CA  . LEU A 1 72  ? 3.20855   9.77280   -3.62271  1.000 11.35471 ? 177 LEU A CA  1 
ATOM   597  C  C   . LEU A 1 72  ? 4.20129   10.57698  -4.44675  1.000 12.52330 ? 177 LEU A C   1 
ATOM   598  O  O   . LEU A 1 72  ? 4.21188   11.81460  -4.38751  1.000 14.11851 ? 177 LEU A O   1 
ATOM   599  C  CB  . LEU A 1 72  ? 3.88505   9.18925   -2.38338  1.000 11.11999 ? 177 LEU A CB  1 
ATOM   600  C  CG  . LEU A 1 72  ? 2.92466   8.73007   -1.28705  1.000 10.13861 ? 177 LEU A CG  1 
ATOM   601  C  CD1 . LEU A 1 72  ? 3.64499   7.84993   -0.28032  1.000 10.69155 ? 177 LEU A CD1 1 
ATOM   602  C  CD2 . LEU A 1 72  ? 2.31021   9.92921   -0.57870  1.000 12.80426 ? 177 LEU A CD2 1 
ATOM   603  N  N   . GLU A 1 73  ? 5.04226   9.89527   -5.22227  1.000 14.06300 ? 178 GLU A N   1 
ATOM   604  C  CA  . GLU A 1 73  ? 6.03480   10.59010  -6.03793  1.000 15.34081 ? 178 GLU A CA  1 
ATOM   605  C  C   . GLU A 1 73  ? 5.37921   11.46241  -7.09893  1.000 18.80329 ? 178 GLU A C   1 
ATOM   606  O  O   . GLU A 1 73  ? 5.95805   12.47288  -7.51462  1.000 22.64285 ? 178 GLU A O   1 
ATOM   607  C  CB  . GLU A 1 73  ? 6.96627   9.57266   -6.69845  1.000 17.06752 ? 178 GLU A CB  1 
ATOM   608  C  CG  . GLU A 1 73  ? 7.89172   8.87030   -5.72166  1.000 17.82499 ? 178 GLU A CG  1 
ATOM   609  C  CD  . GLU A 1 73  ? 8.61755   7.68247   -6.33187  1.000 19.64817 ? 178 GLU A CD  1 
ATOM   610  O  OE1 . GLU A 1 73  ? 8.17152   7.17062   -7.38241  1.000 22.63125 ? 178 GLU A OE1 1 
ATOM   611  O  OE2 . GLU A 1 73  ? 9.63849   7.26041   -5.75137  1.000 25.55469 ? 178 GLU A OE2 1 
ATOM   612  N  N   . ASN A 1 74  ? 4.17834   11.09679  -7.53771  1.000 15.15061 ? 180 ASN A N   1 
ATOM   613  C  CA  . ASN A 1 74  ? 3.44162   11.80992  -8.57223  1.000 15.60282 ? 180 ASN A CA  1 
ATOM   614  C  C   . ASN A 1 74  ? 2.48472   12.86369  -8.02487  1.000 18.77237 ? 180 ASN A C   1 
ATOM   615  O  O   . ASN A 1 74  ? 1.82998   13.55253  -8.81599  1.000 19.87923 ? 180 ASN A O   1 
ATOM   616  C  CB  . ASN A 1 74  ? 2.69599   10.79394  -9.44380  1.000 15.56398 ? 180 ASN A CB  1 
ATOM   617  C  CG  . ASN A 1 74  ? 3.64238   9.96025   -10.28857 1.000 24.75733 ? 180 ASN A CG  1 
ATOM   618  O  OD1 . ASN A 1 74  ? 4.72266   10.42667  -10.66186 1.000 33.43691 ? 180 ASN A OD1 1 
ATOM   619  N  ND2 . ASN A 1 74  ? 3.25346   8.71990   -10.58708 1.000 24.84970 ? 180 ASN A ND2 1 
ATOM   620  N  N   . ASN A 1 75  ? 2.42359   13.04170  -6.70458  1.000 14.88004 ? 182 ASN A N   1 
ATOM   621  C  CA  . ASN A 1 75  ? 1.45102   13.92392  -6.04640  1.000 15.40364 ? 182 ASN A CA  1 
ATOM   622  C  C   . ASN A 1 75  ? 0.02068   13.57237  -6.42146  1.000 14.62149 ? 182 ASN A C   1 
ATOM   623  O  O   . ASN A 1 75  ? -0.84586  14.44599  -6.51962  1.000 15.31721 ? 182 ASN A O   1 
ATOM   624  C  CB  . ASN A 1 75  ? 1.75334   15.41269  -6.24571  1.000 16.43754 ? 182 ASN A CB  1 
ATOM   625  C  CG  . ASN A 1 75  ? 3.17968   15.74474  -5.90211  1.000 21.03810 ? 182 ASN A CG  1 
ATOM   626  O  OD1 . ASN A 1 75  ? 3.59503   15.62379  -4.74512  1.000 25.43239 ? 182 ASN A OD1 1 
ATOM   627  N  ND2 . ASN A 1 75  ? 3.96009   16.11702  -6.91068  1.000 25.62266 ? 182 ASN A ND2 1 
ATOM   628  N  N   . TYR A 1 76  ? -0.20886  12.27240  -6.59457  1.000 12.98034 ? 185 TYR A N   1 
ATOM   629  C  CA  . TYR A 1 76  ? -1.49763  11.74705  -7.03086  1.000 11.71711 ? 185 TYR A CA  1 
ATOM   630  C  C   . TYR A 1 76  ? -2.59730  11.99756  -6.01636  1.000 12.21126 ? 185 TYR A C   1 
ATOM   631  O  O   . TYR A 1 76  ? -3.76560  12.12855  -6.39629  1.000 12.91435 ? 185 TYR A O   1 
ATOM   632  C  CB  . TYR A 1 76  ? -1.34262  10.24651  -7.26685  1.000 11.18090 ? 185 TYR A CB  1 
ATOM   633  C  CG  . TYR A 1 76  ? -2.61096  9.49213   -7.56371  1.000 10.98269 ? 185 TYR A CG  1 
ATOM   634  C  CD1 . TYR A 1 76  ? -3.06628  9.37246   -8.86607  1.000 12.21191 ? 185 TYR A CD1 1 
ATOM   635  C  CD2 . TYR A 1 76  ? -3.33971  8.86564   -6.54765  1.000 12.93025 ? 185 TYR A CD2 1 
ATOM   636  C  CE1 . TYR A 1 76  ? -4.21747  8.65382   -9.15467  1.000 12.72375 ? 185 TYR A CE1 1 
ATOM   637  C  CE2 . TYR A 1 76  ? -4.48336  8.14789   -6.82138  1.000 11.64440 ? 185 TYR A CE2 1 
ATOM   638  C  CZ  . TYR A 1 76  ? -4.92247  8.04705   -8.12618  1.000 11.98473 ? 185 TYR A CZ  1 
ATOM   639  O  OH  . TYR A 1 76  ? -6.06618  7.33618   -8.40358  1.000 14.24230 ? 185 TYR A OH  1 
ATOM   640  N  N   . TYR A 1 77  ? -2.25359  12.05771  -4.72787  1.000 10.89256 ? 187 TYR A N   1 
ATOM   641  C  CA  . TYR A 1 77  ? -3.23815  12.11051  -3.65979  1.000 12.44955 ? 187 TYR A CA  1 
ATOM   642  C  C   . TYR A 1 77  ? -3.62845  13.54660  -3.33492  1.000 12.08020 ? 187 TYR A C   1 
ATOM   643  O  O   . TYR A 1 77  ? -2.82063  14.47038  -3.45437  1.000 13.71268 ? 187 TYR A O   1 
ATOM   644  C  CB  . TYR A 1 77  ? -2.66707  11.51129  -2.37659  1.000 11.24197 ? 187 TYR A CB  1 
ATOM   645  C  CG  . TYR A 1 77  ? -2.34385  10.04669  -2.42992  1.000 9.52295  ? 187 TYR A CG  1 
ATOM   646  C  CD1 . TYR A 1 77  ? -3.35249  9.11055   -2.53662  1.000 11.45350 ? 187 TYR A CD1 1 
ATOM   647  C  CD2 . TYR A 1 77  ? -1.02896  9.59582   -2.32160  1.000 10.21473 ? 187 TYR A CD2 1 
ATOM   648  C  CE1 . TYR A 1 77  ? -3.07230  7.75693   -2.55199  1.000 10.21447 ? 187 TYR A CE1 1 
ATOM   649  C  CE2 . TYR A 1 77  ? -0.73735  8.24399   -2.34773  1.000 10.42924 ? 187 TYR A CE2 1 
ATOM   650  C  CZ  . TYR A 1 77  ? -1.75766  7.33784   -2.45704  1.000 10.06088 ? 187 TYR A CZ  1 
ATOM   651  O  OH  . TYR A 1 77  ? -1.45896  6.00057   -2.45339  1.000 10.60558 ? 187 TYR A OH  1 
ATOM   652  N  N   . TRP A 1 78  ? -4.86561  13.71507  -2.86694  1.000 11.84993 ? 189 TRP A N   1 
ATOM   653  C  CA  . TRP A 1 78  ? -5.27982  15.01273  -2.33565  1.000 11.62735 ? 189 TRP A CA  1 
ATOM   654  C  C   . TRP A 1 78  ? -4.77980  15.22476  -0.90984  1.000 10.87882 ? 189 TRP A C   1 
ATOM   655  O  O   . TRP A 1 78  ? -4.41452  16.34374  -0.53030  1.000 13.16569 ? 189 TRP A O   1 
ATOM   656  C  CB  . TRP A 1 78  ? -6.80674  15.12414  -2.36019  1.000 12.26727 ? 189 TRP A CB  1 
ATOM   657  C  CG  . TRP A 1 78  ? -7.31305  16.45437  -1.93206  1.000 12.79763 ? 189 TRP A CG  1 
ATOM   658  C  CD1 . TRP A 1 78  ? -7.89654  16.77088  -0.73988  1.000 14.36861 ? 189 TRP A CD1 1 
ATOM   659  C  CD2 . TRP A 1 78  ? -7.27729  17.65506  -2.69676  1.000 12.54087 ? 189 TRP A CD2 1 
ATOM   660  N  NE1 . TRP A 1 78  ? -8.22847  18.10003  -0.72179  1.000 14.91931 ? 189 TRP A NE1 1 
ATOM   661  C  CE2 . TRP A 1 78  ? -7.85625  18.66855  -1.91150  1.000 13.75828 ? 189 TRP A CE2 1 
ATOM   662  C  CE3 . TRP A 1 78  ? -6.80646  17.97407  -3.97751  1.000 13.01513 ? 189 TRP A CE3 1 
ATOM   663  C  CZ2 . TRP A 1 78  ? -7.97958  19.97992  -2.36072  1.000 15.72639 ? 189 TRP A CZ2 1 
ATOM   664  C  CZ3 . TRP A 1 78  ? -6.92974  19.27820  -4.42075  1.000 14.08881 ? 189 TRP A CZ3 1 
ATOM   665  C  CH2 . TRP A 1 78  ? -7.51116  20.26472  -3.61230  1.000 13.88167 ? 189 TRP A CH2 1 
ATOM   666  N  N   . ASN A 1 79  ? -4.79982  14.18445  -0.08525  1.000 11.88994 ? 190 ASN A N   1 
ATOM   667  C  CA  . ASN A 1 79  ? -4.41585  14.36675  1.30496   1.000 12.61124 ? 190 ASN A CA  1 
ATOM   668  C  C   . ASN A 1 79  ? -3.87897  13.06765  1.88767   1.000 11.45024 ? 190 ASN A C   1 
ATOM   669  O  O   . ASN A 1 79  ? -3.93153  11.99650  1.26426   1.000 11.68465 ? 190 ASN A O   1 
ATOM   670  C  CB  . ASN A 1 79  ? -5.53424  15.00032  2.15030   1.000 12.65030 ? 190 ASN A CB  1 
ATOM   671  C  CG  . ASN A 1 79  ? -6.78126  14.13263  2.25010   1.000 13.34803 ? 190 ASN A CG  1 
ATOM   672  O  OD1 . ASN A 1 79  ? -6.75796  12.92765  1.98889   1.000 13.56652 ? 190 ASN A OD1 1 
ATOM   673  N  ND2 . ASN A 1 79  ? -7.88609  14.75069  2.65021   1.000 16.07108 ? 190 ASN A ND2 1 
ATOM   674  N  N   . ALA A 1 80  ? -3.34832  13.18760  3.10642   1.000 11.44730 ? 192 ALA A N   1 
ATOM   675  C  CA  . ALA A 1 80  ? -2.73706  12.04032  3.76475   1.000 10.37802 ? 192 ALA A CA  1 
ATOM   676  C  C   . ALA A 1 80  ? -3.75484  10.94214  4.00374   1.000 11.06720 ? 192 ALA A C   1 
ATOM   677  O  O   . ALA A 1 80  ? -3.43087  9.75852   3.88742   1.000 9.65363  ? 192 ALA A O   1 
ATOM   678  C  CB  . ALA A 1 80  ? -2.11166  12.48168  5.08698   1.000 13.60069 ? 192 ALA A CB  1 
ATOM   679  N  N   . GLN A 1 81  ? -4.99196  11.30479  4.33090   1.000 11.42955 ? 194 GLN A N   1 
ATOM   680  C  CA  . GLN A 1 81  ? -6.00172  10.28591  4.58872   1.000 13.27021 ? 194 GLN A CA  1 
ATOM   681  C  C   . GLN A 1 81  ? -6.22692  9.39369   3.36766   1.000 12.94500 ? 194 GLN A C   1 
ATOM   682  O  O   . GLN A 1 81  ? -6.43382  8.18518   3.51039   1.000 11.49409 ? 194 GLN A O   1 
ATOM   683  C  CB  . GLN A 1 81  ? -7.29995  10.92597  5.08209   1.000 16.61139 ? 194 GLN A CB  1 
ATOM   684  C  CG  . GLN A 1 81  ? -8.27748  9.92587   5.68847   1.000 25.73817 ? 194 GLN A CG  1 
ATOM   685  C  CD  . GLN A 1 81  ? -7.58158  8.84762   6.51565   1.000 27.70642 ? 194 GLN A CD  1 
ATOM   686  O  OE1 . GLN A 1 81  ? -7.55969  7.66937   6.13413   1.000 31.11876 ? 194 GLN A OE1 1 
ATOM   687  N  NE2 . GLN A 1 81  ? -7.00774  9.24419   7.65103   1.000 28.97759 ? 194 GLN A NE2 1 
ATOM   688  N  N   . GLU A 1 82  ? -6.14731  9.95833   2.16080   1.000 11.69832 ? 196 GLU A N   1 
ATOM   689  C  CA  . GLU A 1 82  ? -6.32332  9.15805   0.95501   1.000 11.66893 ? 196 GLU A CA  1 
ATOM   690  C  C   . GLU A 1 82  ? -5.20153  8.13731   0.81129   1.000 11.12678 ? 196 GLU A C   1 
ATOM   691  O  O   . GLU A 1 82  ? -5.43503  6.98804   0.40986   1.000 11.11877 ? 196 GLU A O   1 
ATOM   692  C  CB  . GLU A 1 82  ? -6.37280  10.08611  -0.25887  1.000 13.09103 ? 196 GLU A CB  1 
ATOM   693  C  CG  . GLU A 1 82  ? -6.84260  9.41324   -1.52693  1.000 15.42375 ? 196 GLU A CG  1 
ATOM   694  C  CD  . GLU A 1 82  ? -6.75999  10.32186  -2.73317  1.000 16.50629 ? 196 GLU A CD  1 
ATOM   695  O  OE1 . GLU A 1 82  ? -6.58393  11.55174  -2.57010  1.000 14.90671 ? 196 GLU A OE1 1 
ATOM   696  O  OE2 . GLU A 1 82  ? -6.86164  9.79756   -3.85570  1.000 19.12486 ? 196 GLU A OE2 1 
ATOM   697  N  N   . CYS A 1 83  ? -3.97571  8.54158   1.14102   1.000 10.36225 ? 198 CYS A N   1 
ATOM   698  C  CA  . CYS A 1 83  ? -2.84956  7.62009   1.07863   1.000 9.89096  ? 198 CYS A CA  1 
ATOM   699  C  C   . CYS A 1 83  ? -2.95451  6.55672   2.16303   1.000 9.60782  ? 198 CYS A C   1 
ATOM   700  O  O   . CYS A 1 83  ? -2.73586  5.36135   1.90936   1.000 9.51033  ? 198 CYS A O   1 
ATOM   701  C  CB  . CYS A 1 83  ? -1.55264  8.41731   1.18762   1.000 10.84184 ? 198 CYS A CB  1 
ATOM   702  S  SG  . CYS A 1 83  ? -0.07116  7.43832   1.34527   1.000 12.33488 ? 198 CYS A SG  1 
ATOM   703  N  N   . ILE A 1 84  ? -3.31448  6.97174   3.37315   1.000 9.87603  ? 200 ILE A N   1 
ATOM   704  C  CA  . ILE A 1 84  ? -3.46825  6.03024   4.47063   1.000 8.94603  ? 200 ILE A CA  1 
ATOM   705  C  C   . ILE A 1 84  ? -4.50518  4.97411   4.11639   1.000 9.71451  ? 200 ILE A C   1 
ATOM   706  O  O   . ILE A 1 84  ? -4.33322  3.78873   4.41615   1.000 10.13660 ? 200 ILE A O   1 
ATOM   707  C  CB  . ILE A 1 84  ? -3.79685  6.79578   5.76816   1.000 10.70643 ? 200 ILE A CB  1 
ATOM   708  C  CG1 . ILE A 1 84  ? -2.54331  7.55563   6.21879   1.000 10.17802 ? 200 ILE A CG1 1 
ATOM   709  C  CG2 . ILE A 1 84  ? -4.36160  5.85582   6.84108   1.000 11.10410 ? 200 ILE A CG2 1 
ATOM   710  C  CD1 . ILE A 1 84  ? -2.77885  8.63618   7.27524   1.000 13.43845 ? 200 ILE A CD1 1 
ATOM   711  N  N   . GLN A 1 85  ? -5.57936  5.38448   3.43870   1.000 10.95262 ? 201 GLN A N   1 
ATOM   712  C  CA  . GLN A 1 85  ? -6.58751  4.43567   2.98201   1.000 10.87957 ? 201 GLN A CA  1 
ATOM   713  C  C   . GLN A 1 85  ? -5.99741  3.37522   2.06181   1.000 10.51504 ? 201 GLN A C   1 
ATOM   714  O  O   . GLN A 1 85  ? -6.37641  2.20458   2.15399   1.000 11.31087 ? 201 GLN A O   1 
ATOM   715  C  CB  . GLN A 1 85  ? -7.74115  5.18176   2.30733   1.000 13.89060 ? 201 GLN A CB  1 
ATOM   716  C  CG  . GLN A 1 85  ? -8.64798  5.89783   3.29766   1.000 23.00808 ? 201 GLN A CG  1 
ATOM   717  C  CD  . GLN A 1 85  ? -9.68498  6.77785   2.62495   1.000 28.52341 ? 201 GLN A CD  1 
ATOM   718  O  OE1 . GLN A 1 85  ? -9.55912  7.12429   1.44848   1.000 32.88869 ? 201 GLN A OE1 1 
ATOM   719  N  NE2 . GLN A 1 85  ? -10.71844 7.14891   3.37472   1.000 34.76005 ? 201 GLN A NE2 1 
ATOM   720  N  N   . ASP A 1 86  ? -5.06235  3.75284   1.18075   1.000 8.98820  ? 202 ASP A N   1 
ATOM   721  C  CA  . ASP A 1 86  ? -4.42192  2.74986   0.32772   1.000 9.56718  ? 202 ASP A CA  1 
ATOM   722  C  C   . ASP A 1 86  ? -3.59702  1.75489   1.14648   1.000 8.94714  ? 202 ASP A C   1 
ATOM   723  O  O   . ASP A 1 86  ? -3.61684  0.55015   0.86402   1.000 9.53320  ? 202 ASP A O   1 
ATOM   724  C  CB  . ASP A 1 86  ? -3.54263  3.41964   -0.72861  1.000 9.28693  ? 202 ASP A CB  1 
ATOM   725  C  CG  . ASP A 1 86  ? -4.33109  3.93018   -1.92999  1.000 11.00323 ? 202 ASP A CG  1 
ATOM   726  O  OD1 . ASP A 1 86  ? -5.52542  3.61163   -2.05488  1.000 12.17920 ? 202 ASP A OD1 1 
ATOM   727  O  OD2 . ASP A 1 86  ? -3.73583  4.66298   -2.74689  1.000 10.96079 ? 202 ASP A OD2 1 
ATOM   728  N  N   . PHE A 1 87  ? -2.83943  2.23151   2.14790   1.000 8.64545  ? 203 PHE A N   1 
ATOM   729  C  CA  . PHE A 1 87  ? -2.14715  1.29125   3.02819   1.000 8.88251  ? 203 PHE A CA  1 
ATOM   730  C  C   . PHE A 1 87  ? -3.13927  0.34397   3.68455   1.000 9.50323  ? 203 PHE A C   1 
ATOM   731  O  O   . PHE A 1 87  ? -2.91999  -0.87010  3.73450   1.000 10.17881 ? 203 PHE A O   1 
ATOM   732  C  CB  . PHE A 1 87  ? -1.36835  2.02560   4.11840   1.000 8.92655  ? 203 PHE A CB  1 
ATOM   733  C  CG  . PHE A 1 87  ? -0.01941  2.51048   3.69776   1.000 8.63957  ? 203 PHE A CG  1 
ATOM   734  C  CD1 . PHE A 1 87  ? 1.08693   1.67194   3.72485   1.000 9.95525  ? 203 PHE A CD1 1 
ATOM   735  C  CD2 . PHE A 1 87  ? 0.15927   3.82673   3.31035   1.000 9.75463  ? 203 PHE A CD2 1 
ATOM   736  C  CE1 . PHE A 1 87  ? 2.33459   2.14684   3.35444   1.000 10.91448 ? 203 PHE A CE1 1 
ATOM   737  C  CE2 . PHE A 1 87  ? 1.41124   4.29049   2.94087   1.000 11.09472 ? 203 PHE A CE2 1 
ATOM   738  C  CZ  . PHE A 1 87  ? 2.49422   3.45657   2.97411   1.000 11.41443 ? 203 PHE A CZ  1 
ATOM   739  N  N   . ASN A 1 88  ? -4.23412  0.89256   4.21469   1.000 9.62795  ? 204 ASN A N   1 
ATOM   740  C  CA  . ASN A 1 88  ? -5.21644  0.04907   4.88196   1.000 11.19739 ? 204 ASN A CA  1 
ATOM   741  C  C   . ASN A 1 88  ? -5.83226  -0.96274  3.92834   1.000 11.10001 ? 204 ASN A C   1 
ATOM   742  O  O   . ASN A 1 88  ? -6.05572  -2.11265  4.30887   1.000 12.16270 ? 204 ASN A O   1 
ATOM   743  C  CB  . ASN A 1 88  ? -6.26345  0.91108   5.57867   1.000 13.44145 ? 204 ASN A CB  1 
ATOM   744  C  CG  . ASN A 1 88  ? -5.74734  1.47362   6.89360   1.000 19.21490 ? 204 ASN A CG  1 
ATOM   745  O  OD1 . ASN A 1 88  ? -4.90127  0.86013   7.55127   1.000 22.46284 ? 204 ASN A OD1 1 
ATOM   746  N  ND2 . ASN A 1 88  ? -6.24675  2.63856   7.28276   1.000 21.69243 ? 204 ASN A ND2 1 
ATOM   747  N  N   . THR A 1 89  ? -6.09082  -0.56478  2.68305   1.000 10.41445 ? 205 THR A N   1 
ATOM   748  C  CA  . THR A 1 89  ? -6.58730  -1.50950  1.68882   1.000 10.30494 ? 205 THR A CA  1 
ATOM   749  C  C   . THR A 1 89  ? -5.58929  -2.64275  1.45889   1.000 9.59846  ? 205 THR A C   1 
ATOM   750  O  O   . THR A 1 89  ? -5.97069  -3.82151  1.38430   1.000 10.30806 ? 205 THR A O   1 
ATOM   751  C  CB  . THR A 1 89  ? -6.86825  -0.75828  0.38448   1.000 10.71427 ? 205 THR A CB  1 
ATOM   752  O  OG1 . THR A 1 89  ? -7.98708  0.12072   0.57255   1.000 13.12945 ? 205 THR A OG1 1 
ATOM   753  C  CG2 . THR A 1 89  ? -7.20063  -1.71865  -0.74595  1.000 12.65246 ? 205 THR A CG2 1 
ATOM   754  N  N   . MET A 1 90  ? -4.30701  -2.29867  1.33094   1.000 9.23535  ? 206 MET A N   1 
ATOM   755  C  CA  . MET A 1 90  ? -3.27575  -3.30748  1.13656   1.000 9.82641  ? 206 MET A CA  1 
ATOM   756  C  C   . MET A 1 90  ? -3.26990  -4.32353  2.27392   1.000 9.49722  ? 206 MET A C   1 
ATOM   757  O  O   . MET A 1 90  ? -3.22455  -5.53360  2.03628   1.000 10.10270 ? 206 MET A O   1 
ATOM   758  C  CB  . MET A 1 90  ? -1.91844  -2.62998  1.00726   1.000 8.74953  ? 206 MET A CB  1 
ATOM   759  C  CG  . MET A 1 90  ? -0.75907  -3.58288  0.94113   1.000 10.25296 ? 206 MET A CG  1 
ATOM   760  S  SD  . MET A 1 90  ? 0.81660   -2.70968  0.88688   1.000 10.51866 ? 206 MET A SD  1 
ATOM   761  C  CE  . MET A 1 90  ? 1.09010   -2.41886  2.63963   1.000 12.42142 ? 206 MET A CE  1 
ATOM   762  N  N   . PHE A 1 91  ? -3.34221  -3.84981  3.52051   1.000 9.98116  ? 207 PHE A N   1 
ATOM   763  C  CA  . PHE A 1 91  ? -3.32565  -4.77901  4.64546   1.000 9.89898  ? 207 PHE A CA  1 
ATOM   764  C  C   . PHE A 1 91  ? -4.58810  -5.63455  4.66568   1.000 11.14274 ? 207 PHE A C   1 
ATOM   765  O  O   . PHE A 1 91  ? -4.51545  -6.86073  4.81756   1.000 11.70117 ? 207 PHE A O   1 
ATOM   766  C  CB  . PHE A 1 91  ? -3.14395  -4.02037  5.96645   1.000 10.68020 ? 207 PHE A CB  1 
ATOM   767  C  CG  . PHE A 1 91  ? -1.81391  -3.32882  6.09614   1.000 10.63082 ? 207 PHE A CG  1 
ATOM   768  C  CD1 . PHE A 1 91  ? -0.63152  -4.00886  5.88904   1.000 12.44619 ? 207 PHE A CD1 1 
ATOM   769  C  CD2 . PHE A 1 91  ? -1.74945  -1.98872  6.43061   1.000 12.79371 ? 207 PHE A CD2 1 
ATOM   770  C  CE1 . PHE A 1 91  ? 0.58697   -3.37458  6.01046   1.000 12.99086 ? 207 PHE A CE1 1 
ATOM   771  C  CE2 . PHE A 1 91  ? -0.52345  -1.33878  6.55391   1.000 12.07991 ? 207 PHE A CE2 1 
ATOM   772  C  CZ  . PHE A 1 91  ? 0.64397   -2.03959  6.34237   1.000 13.53386 ? 207 PHE A CZ  1 
ATOM   773  N  N   . THR A 1 92  ? -5.75902  -5.00851  4.51561   1.000 10.81935 ? 208 THR A N   1 
ATOM   774  C  CA  . THR A 1 92  ? -7.00973  -5.75725  4.56328   1.000 13.96165 ? 208 THR A CA  1 
ATOM   775  C  C   . THR A 1 92  ? -7.08793  -6.78781  3.44650   1.000 13.29489 ? 208 THR A C   1 
ATOM   776  O  O   . THR A 1 92  ? -7.57434  -7.89774  3.67172   1.000 11.95762 ? 208 THR A O   1 
ATOM   777  C  CB  . THR A 1 92  ? -8.21970  -4.82133  4.53216   1.000 16.05534 ? 208 THR A CB  1 
ATOM   778  O  OG1 . THR A 1 92  ? -8.21408  -4.05445  3.33078   1.000 24.03219 ? 208 THR A OG1 1 
ATOM   779  C  CG2 . THR A 1 92  ? -8.18965  -3.88641  5.70886   1.000 14.77077 ? 208 THR A CG2 1 
ATOM   780  N  N   . ASN A 1 93  ? -6.61234  -6.45027  2.23841   1.000 11.58658 ? 209 ASN A N   1 
ATOM   781  C  CA  . ASN A 1 93  ? -6.56461  -7.43844  1.15705   1.000 11.74232 ? 209 ASN A CA  1 
ATOM   782  C  C   . ASN A 1 93  ? -5.80093  -8.68420  1.58130   1.000 12.04856 ? 209 ASN A C   1 
ATOM   783  O  O   . ASN A 1 93  ? -6.16687  -9.81009  1.21649   1.000 11.75131 ? 209 ASN A O   1 
ATOM   784  C  CB  . ASN A 1 93  ? -5.86060  -6.84976  -0.05730  1.000 10.86147 ? 209 ASN A CB  1 
ATOM   785  C  CG  . ASN A 1 93  ? -6.69460  -5.84296  -0.78095  1.000 11.04677 ? 209 ASN A CG  1 
ATOM   786  O  OD1 . ASN A 1 93  ? -7.89676  -5.72791  -0.54350  1.000 11.75099 ? 209 ASN A OD1 1 
ATOM   787  N  ND2 . ASN A 1 93  ? -6.06792  -5.12494  -1.70138  1.000 10.68433 ? 209 ASN A ND2 1 
ATOM   788  N  N   . CYS A 1 94  ? -4.70983  -8.49747  2.32102   1.000 10.99933 ? 210 CYS A N   1 
ATOM   789  C  CA  . CYS A 1 94  ? -3.93191  -9.64556  2.76410   1.000 11.58007 ? 210 CYS A CA  1 
ATOM   790  C  C   . CYS A 1 94  ? -4.74698  -10.51179 3.71736   1.000 11.99463 ? 210 CYS A C   1 
ATOM   791  O  O   . CYS A 1 94  ? -4.75224  -11.74358 3.59824   1.000 12.13895 ? 210 CYS A O   1 
ATOM   792  C  CB  . CYS A 1 94  ? -2.63651  -9.16282  3.41326   1.000 11.86872 ? 210 CYS A CB  1 
ATOM   793  S  SG  . CYS A 1 94  ? -1.50158  -10.48143 3.82609   1.000 13.30456 ? 210 CYS A SG  1 
ATOM   794  N  N   . TYR A 1 95  ? -5.47223  -9.88263  4.64301   1.000 11.89656 ? 211 TYR A N   1 
ATOM   795  C  CA  . TYR A 1 95  ? -6.31165  -10.64725 5.56242   1.000 11.90263 ? 211 TYR A CA  1 
ATOM   796  C  C   . TYR A 1 95  ? -7.47710  -11.31216 4.83042   1.000 16.33040 ? 211 TYR A C   1 
ATOM   797  O  O   . TYR A 1 95  ? -7.87011  -12.43444 5.16735   1.000 17.52926 ? 211 TYR A O   1 
ATOM   798  C  CB  . TYR A 1 95  ? -6.79963  -9.73652  6.68991   1.000 14.10677 ? 211 TYR A CB  1 
ATOM   799  C  CG  . TYR A 1 95  ? -5.68574  -8.92593  7.32115   1.000 11.60673 ? 211 TYR A CG  1 
ATOM   800  C  CD1 . TYR A 1 95  ? -4.44596  -9.49707  7.56651   1.000 13.63635 ? 211 TYR A CD1 1 
ATOM   801  C  CD2 . TYR A 1 95  ? -5.86510  -7.58966  7.65751   1.000 12.98051 ? 211 TYR A CD2 1 
ATOM   802  C  CE1 . TYR A 1 95  ? -3.42101  -8.78450  8.12175   1.000 13.08544 ? 211 TYR A CE1 1 
ATOM   803  C  CE2 . TYR A 1 95  ? -4.83240  -6.85884  8.23209   1.000 12.62173 ? 211 TYR A CE2 1 
ATOM   804  C  CZ  . TYR A 1 95  ? -3.61213  -7.46149  8.45428   1.000 13.38160 ? 211 TYR A CZ  1 
ATOM   805  O  OH  . TYR A 1 95  ? -2.57100  -6.76343  9.00840   1.000 13.77085 ? 211 TYR A OH  1 
ATOM   806  N  N   . ILE A 1 96  ? -8.02306  -10.65810 3.80907   1.000 13.67884 ? 212 ILE A N   1 
ATOM   807  C  CA  . ILE A 1 96  ? -9.13839  -11.23538 3.06433   1.000 15.46897 ? 212 ILE A CA  1 
ATOM   808  C  C   . ILE A 1 96  ? -8.69031  -12.42679 2.22202   1.000 14.25961 ? 212 ILE A C   1 
ATOM   809  O  O   . ILE A 1 96  ? -9.37348  -13.46005 2.17081   1.000 14.91319 ? 212 ILE A O   1 
ATOM   810  C  CB  . ILE A 1 96  ? -9.81471  -10.15117 2.21089   1.000 13.31234 ? 212 ILE A CB  1 
ATOM   811  C  CG1 . ILE A 1 96  ? -10.51812 -9.14352  3.11563   1.000 14.18284 ? 212 ILE A CG1 1 
ATOM   812  C  CG2 . ILE A 1 96  ? -10.78783 -10.77545 1.20571   1.000 13.97498 ? 212 ILE A CG2 1 
ATOM   813  C  CD1 . ILE A 1 96  ? -10.99458 -7.90832  2.38684   1.000 20.08384 ? 212 ILE A CD1 1 
ATOM   814  N  N   . TYR A 1 97  ? -7.56517  -12.29943 1.51623   1.000 14.78410 ? 213 TYR A N   1 
ATOM   815  C  CA  . TYR A 1 97  ? -7.17360  -13.35142 0.58646   1.000 14.31423 ? 213 TYR A CA  1 
ATOM   816  C  C   . TYR A 1 97  ? -6.64270  -14.58148 1.30015   1.000 15.63676 ? 213 TYR A C   1 
ATOM   817  O  O   . TYR A 1 97  ? -6.67412  -15.68342 0.73434   1.000 16.98420 ? 213 TYR A O   1 
ATOM   818  C  CB  . TYR A 1 97  ? -6.14245  -12.86461 -0.44384  1.000 13.64832 ? 213 TYR A CB  1 
ATOM   819  C  CG  . TYR A 1 97  ? -5.72395  -13.97468 -1.37963  1.000 14.51043 ? 213 TYR A CG  1 
ATOM   820  C  CD1 . TYR A 1 97  ? -6.60110  -14.44922 -2.34228  1.000 14.54360 ? 213 TYR A CD1 1 
ATOM   821  C  CD2 . TYR A 1 97  ? -4.47464  -14.58395 -1.26550  1.000 14.98157 ? 213 TYR A CD2 1 
ATOM   822  C  CE1 . TYR A 1 97  ? -6.24352  -15.48913 -3.17711  1.000 14.23777 ? 213 TYR A CE1 1 
ATOM   823  C  CE2 . TYR A 1 97  ? -4.10534  -15.62932 -2.09688  1.000 14.94583 ? 213 TYR A CE2 1 
ATOM   824  C  CZ  . TYR A 1 97  ? -4.99554  -16.07273 -3.05396  1.000 13.53604 ? 213 TYR A CZ  1 
ATOM   825  O  OH  . TYR A 1 97  ? -4.65216  -17.11158 -3.89886  1.000 15.71700 ? 213 TYR A OH  1 
ATOM   826  N  N   . ASN A 1 98  ? -6.16525  -14.42044 2.52356   1.000 13.39865 ? 214 ASN A N   1 
ATOM   827  C  CA  . ASN A 1 98  ? -5.51756  -15.50873 3.23190   1.000 16.33485 ? 214 ASN A CA  1 
ATOM   828  C  C   . ASN A 1 98  ? -6.37232  -15.89009 4.42735   1.000 18.05371 ? 214 ASN A C   1 
ATOM   829  O  O   . ASN A 1 98  ? -7.60513  -15.89382 4.32009   1.000 19.50260 ? 214 ASN A O   1 
ATOM   830  C  CB  . ASN A 1 98  ? -4.08750  -15.09655 3.57593   1.000 14.37137 ? 214 ASN A CB  1 
ATOM   831  C  CG  . ASN A 1 98  ? -3.28943  -14.73750 2.32608   1.000 15.46389 ? 214 ASN A CG  1 
ATOM   832  O  OD1 . ASN A 1 98  ? -2.90054  -15.62089 1.56809   1.000 14.45103 ? 214 ASN A OD1 1 
ATOM   833  N  ND2 . ASN A 1 98  ? -3.07638  -13.44032 2.08831   1.000 14.31054 ? 214 ASN A ND2 1 
ATOM   834  N  N   . LYS A 1 99  ? -5.74088  -16.22885 5.54682   1.000 19.63130 ? 215 LYS A N   1 
ATOM   835  C  CA  . LYS A 1 99  ? -6.45155  -16.65216 6.74565   1.000 20.78450 ? 215 LYS A CA  1 
ATOM   836  C  C   . LYS A 1 99  ? -5.52705  -16.45206 7.94109   1.000 19.94956 ? 215 LYS A C   1 
ATOM   837  O  O   . LYS A 1 99  ? -4.30218  -16.37357 7.77554   1.000 18.02956 ? 215 LYS A O   1 
ATOM   838  C  CB  . LYS A 1 99  ? -6.89131  -18.12274 6.63606   1.000 24.16901 ? 215 LYS A CB  1 
ATOM   839  C  CG  . LYS A 1 99  ? -5.75609  -19.10616 6.77493   1.000 25.01918 ? 215 LYS A CG  1 
ATOM   840  C  CD  . LYS A 1 99  ? -6.25400  -20.46063 7.24873   1.000 30.16554 ? 215 LYS A CD  1 
ATOM   841  C  CE  . LYS A 1 99  ? -6.67658  -21.33048 6.09044   1.000 28.13388 ? 215 LYS A CE  1 
ATOM   842  N  NZ  . LYS A 1 99  ? -7.22113  -22.64290 6.55846   1.000 27.80575 ? 215 LYS A NZ  1 
ATOM   843  N  N   . PRO A 1 100 ? -6.07656  -16.35377 9.15531   1.000 20.01619 ? 216 PRO A N   1 
ATOM   844  C  CA  . PRO A 1 100 ? -5.22638  -16.05518 10.31551  1.000 16.37233 ? 216 PRO A CA  1 
ATOM   845  C  C   . PRO A 1 100 ? -4.13182  -17.09682 10.49926  1.000 19.75572 ? 216 PRO A C   1 
ATOM   846  O  O   . PRO A 1 100 ? -4.34897  -18.29465 10.31503  1.000 23.80097 ? 216 PRO A O   1 
ATOM   847  C  CB  . PRO A 1 100 ? -6.20896  -16.06699 11.49261  1.000 22.47835 ? 216 PRO A CB  1 
ATOM   848  C  CG  . PRO A 1 100 ? -7.52161  -15.73326 10.87570  1.000 23.92073 ? 216 PRO A CG  1 
ATOM   849  C  CD  . PRO A 1 100 ? -7.50750  -16.36824 9.51661   1.000 21.53156 ? 216 PRO A CD  1 
ATOM   850  N  N   . GLY A 1 101 ? -2.94174  -16.61761 10.85241  1.000 17.00139 ? 217 GLY A N   1 
ATOM   851  C  CA  . GLY A 1 101 ? -1.81249  -17.47382 11.12903  1.000 18.79991 ? 217 GLY A CA  1 
ATOM   852  C  C   . GLY A 1 101 ? -0.89512  -17.74644 9.95189   1.000 17.01538 ? 217 GLY A C   1 
ATOM   853  O  O   . GLY A 1 101 ? 0.23115   -18.21200 10.16592  1.000 20.09379 ? 217 GLY A O   1 
ATOM   854  N  N   . ASP A 1 102 ? -1.33798  -17.48731 8.72138   1.000 15.17316 ? 218 ASP A N   1 
ATOM   855  C  CA  . ASP A 1 102 ? -0.48434  -17.70331 7.56014   1.000 14.96552 ? 218 ASP A CA  1 
ATOM   856  C  C   . ASP A 1 102 ? 0.74124   -16.80590 7.64710   1.000 13.57444 ? 218 ASP A C   1 
ATOM   857  O  O   . ASP A 1 102 ? 0.68036   -15.69540 8.17773   1.000 12.12826 ? 218 ASP A O   1 
ATOM   858  C  CB  . ASP A 1 102 ? -1.23511  -17.34012 6.27948   1.000 14.99557 ? 218 ASP A CB  1 
ATOM   859  C  CG  . ASP A 1 102 ? -2.30611  -18.34274 5.90484   1.000 18.50461 ? 218 ASP A CG  1 
ATOM   860  O  OD1 . ASP A 1 102 ? -2.36191  -19.43909 6.50426   1.000 19.65629 ? 218 ASP A OD1 1 
ATOM   861  O  OD2 . ASP A 1 102 ? -3.09358  -18.03292 4.98501   1.000 19.05066 ? 218 ASP A OD2 1 
ATOM   862  N  N   . ASP A 1 103 ? 1.85501   -17.27686 7.07922   1.000 14.02060 ? 219 ASP A N   1 
ATOM   863  C  CA  . ASP A 1 103 ? 3.08340   -16.48318 7.08565   1.000 12.32970 ? 219 ASP A CA  1 
ATOM   864  C  C   . ASP A 1 103 ? 2.86788   -15.07893 6.51475   1.000 13.35314 ? 219 ASP A C   1 
ATOM   865  O  O   . ASP A 1 103 ? 3.35094   -14.09537 7.08325   1.000 12.42779 ? 219 ASP A O   1 
ATOM   866  C  CB  . ASP A 1 103 ? 4.21131   -17.21183 6.34059   1.000 12.76095 ? 219 ASP A CB  1 
ATOM   867  C  CG  . ASP A 1 103 ? 4.93504   -18.23536 7.21082   1.000 14.38324 ? 219 ASP A CG  1 
ATOM   868  O  OD1 . ASP A 1 103 ? 4.65608   -18.30964 8.43292   1.000 13.42351 ? 219 ASP A OD1 1 
ATOM   869  O  OD2 . ASP A 1 103 ? 5.80821   -18.95435 6.67138   1.000 15.09962 ? 219 ASP A OD2 1 
ATOM   870  N  N   . ILE A 1 104 ? 2.14570   -14.96327 5.39880   1.000 11.37384 ? 220 ILE A N   1 
ATOM   871  C  CA  . ILE A 1 104 ? 1.97068   -13.65212 4.78313   1.000 9.97232  ? 220 ILE A CA  1 
ATOM   872  C  C   . ILE A 1 104 ? 1.13511   -12.74424 5.67685   1.000 11.62077 ? 220 ILE A C   1 
ATOM   873  O  O   . ILE A 1 104 ? 1.34746   -11.52354 5.71019   1.000 10.51145 ? 220 ILE A O   1 
ATOM   874  C  CB  . ILE A 1 104 ? 1.36336   -13.81425 3.37926   1.000 10.93300 ? 220 ILE A CB  1 
ATOM   875  C  CG1 . ILE A 1 104 ? 1.40429   -12.49296 2.61112   1.000 13.68740 ? 220 ILE A CG1 1 
ATOM   876  C  CG2 . ILE A 1 104 ? -0.06014  -14.33612 3.45954   1.000 15.26961 ? 220 ILE A CG2 1 
ATOM   877  C  CD1 . ILE A 1 104 ? 2.78743   -12.06885 2.23968   1.000 16.37775 ? 220 ILE A CD1 1 
ATOM   878  N  N   . VAL A 1 105 ? 0.18785   -13.32420 6.42023   1.000 11.12707 ? 221 VAL A N   1 
ATOM   879  C  CA  . VAL A 1 105 ? -0.63711  -12.56742 7.35772   1.000 11.09629 ? 221 VAL A CA  1 
ATOM   880  C  C   . VAL A 1 105 ? 0.19108   -12.08258 8.53393   1.000 11.98067 ? 221 VAL A C   1 
ATOM   881  O  O   . VAL A 1 105 ? 0.04671   -10.93939 8.97478   1.000 13.06612 ? 221 VAL A O   1 
ATOM   882  C  CB  . VAL A 1 105 ? -1.85864  -13.39930 7.79293   1.000 12.03112 ? 221 VAL A CB  1 
ATOM   883  C  CG1 . VAL A 1 105 ? -2.58473  -12.76654 8.98983   1.000 14.18948 ? 221 VAL A CG1 1 
ATOM   884  C  CG2 . VAL A 1 105 ? -2.80525  -13.57996 6.61926   1.000 12.95496 ? 221 VAL A CG2 1 
ATOM   885  N  N   . LEU A 1 106 ? 1.06360   -12.94119 9.06904   1.000 12.07078 ? 222 LEU A N   1 
ATOM   886  C  CA  . LEU A 1 106 ? 1.97675   -12.49136 10.11623  1.000 11.65787 ? 222 LEU A CA  1 
ATOM   887  C  C   . LEU A 1 106 ? 2.82081   -11.31703 9.63102   1.000 12.13883 ? 222 LEU A C   1 
ATOM   888  O  O   . LEU A 1 106 ? 3.09141   -10.37644 10.39159  1.000 11.91496 ? 222 LEU A O   1 
ATOM   889  C  CB  . LEU A 1 106 ? 2.87710   -13.64691 10.55852  1.000 12.66916 ? 222 LEU A CB  1 
ATOM   890  C  CG  . LEU A 1 106 ? 2.17123   -14.88820 11.10210  1.000 14.53837 ? 222 LEU A CG  1 
ATOM   891  C  CD1 . LEU A 1 106 ? 3.19940   -15.95396 11.47453  1.000 16.16067 ? 222 LEU A CD1 1 
ATOM   892  C  CD2 . LEU A 1 106 ? 1.29099   -14.55153 12.29732  1.000 17.13005 ? 222 LEU A CD2 1 
ATOM   893  N  N   . MET A 1 107 ? 3.23973   -11.35013 8.36120   1.000 10.41528 ? 223 MET A N   1 
ATOM   894  C  CA  . MET A 1 107 ? 4.02173   -10.24947 7.80201   1.000 10.47561 ? 223 MET A CA  1 
ATOM   895  C  C   . MET A 1 107 ? 3.19792   -8.97197  7.73662   1.000 12.60013 ? 223 MET A C   1 
ATOM   896  O  O   . MET A 1 107 ? 3.65415   -7.90296  8.15794   1.000 11.69380 ? 223 MET A O   1 
ATOM   897  C  CB  . MET A 1 107 ? 4.53265   -10.62692 6.41062   1.000 9.93328  ? 223 MET A CB  1 
ATOM   898  C  CG  . MET A 1 107 ? 5.48544   -11.81270 6.43351   1.000 9.92415  ? 223 MET A CG  1 
ATOM   899  S  SD  . MET A 1 107 ? 5.87324   -12.46072 4.81492   1.000 16.59730 ? 223 MET A SD  1 
ATOM   900  C  CE  . MET A 1 107 ? 7.29573   -11.48674 4.43760   1.000 14.36050 ? 223 MET A CE  1 
ATOM   901  N  N   . ALA A 1 108 ? 1.96923   -9.07015  7.23020   1.000 10.13940 ? 224 ALA A N   1 
ATOM   902  C  CA  . ALA A 1 108 ? 1.10462   -7.89719  7.15342   1.000 10.43531 ? 224 ALA A CA  1 
ATOM   903  C  C   . ALA A 1 108 ? 0.79503   -7.33852  8.53853   1.000 10.50526 ? 224 ALA A C   1 
ATOM   904  O  O   . ALA A 1 108 ? 0.79949   -6.11827  8.73109   1.000 12.17741 ? 224 ALA A O   1 
ATOM   905  C  CB  . ALA A 1 108 ? -0.18333  -8.23768  6.40363   1.000 10.52708 ? 224 ALA A CB  1 
ATOM   906  N  N   . GLU A 1 109 ? 0.52637   -8.21880  9.51242   1.000 11.33749 ? 225 GLU A N   1 
ATOM   907  C  CA  . GLU A 1 109 ? 0.23152   -7.77026  10.87187  1.000 12.45746 ? 225 GLU A CA  1 
ATOM   908  C  C   . GLU A 1 109 ? 1.39115   -6.96554  11.44286  1.000 12.19329 ? 225 GLU A C   1 
ATOM   909  O  O   . GLU A 1 109 ? 1.18509   -5.92260  12.07523  1.000 13.08989 ? 225 GLU A O   1 
ATOM   910  C  CB  . GLU A 1 109 ? -0.05428  -8.98581  11.76256  1.000 13.33633 ? 225 GLU A CB  1 
ATOM   911  C  CG  . GLU A 1 109 ? -1.42205  -9.65358  11.57103  1.000 16.27408 ? 225 GLU A CG  1 
ATOM   912  C  CD  . GLU A 1 109 ? -1.48634  -11.04175 12.20431  1.000 15.51152 ? 225 GLU A CD  1 
ATOM   913  O  OE1 . GLU A 1 109 ? -0.45171  -11.51485 12.70106  1.000 19.50196 ? 225 GLU A OE1 1 
ATOM   914  O  OE2 . GLU A 1 109 ? -2.57325  -11.64917 12.21371  1.000 19.71080 ? 225 GLU A OE2 1 
ATOM   915  N  N   . ALA A 1 110 ? 2.61983   -7.43882  11.23877  1.000 11.55563 ? 226 ALA A N   1 
ATOM   916  C  CA  . ALA A 1 110 ? 3.78431   -6.71976  11.73596  1.000 12.60635 ? 226 ALA A CA  1 
ATOM   917  C  C   . ALA A 1 110 ? 3.92871   -5.37045  11.04483  1.000 13.16540 ? 226 ALA A C   1 
ATOM   918  O  O   . ALA A 1 110 ? 4.19505   -4.35302  11.69792  1.000 14.26176 ? 226 ALA A O   1 
ATOM   919  C  CB  . ALA A 1 110 ? 5.03728   -7.56933  11.51998  1.000 15.05671 ? 226 ALA A CB  1 
ATOM   920  N  N   . LEU A 1 111 ? 3.75434   -5.34263  9.72066   1.000 12.16108 ? 227 LEU A N   1 
ATOM   921  C  CA  . LEU A 1 111 ? 3.87159   -4.09097  8.97922   1.000 12.91431 ? 227 LEU A CA  1 
ATOM   922  C  C   . LEU A 1 111 ? 2.77404   -3.11411  9.37100   1.000 9.81945  ? 227 LEU A C   1 
ATOM   923  O  O   . LEU A 1 111 ? 3.02546   -1.90487  9.48546   1.000 12.36154 ? 227 LEU A O   1 
ATOM   924  C  CB  . LEU A 1 111 ? 3.81820   -4.35486  7.47576   1.000 13.43401 ? 227 LEU A CB  1 
ATOM   925  C  CG  . LEU A 1 111 ? 5.02748   -5.06602  6.88566   1.000 15.18198 ? 227 LEU A CG  1 
ATOM   926  C  CD1 . LEU A 1 111 ? 4.74326   -5.34160  5.42418   1.000 15.73269 ? 227 LEU A CD1 1 
ATOM   927  C  CD2 . LEU A 1 111 ? 6.29986   -4.25398  7.03336   1.000 18.18863 ? 227 LEU A CD2 1 
ATOM   928  N  N   . GLU A 1 112 ? 1.55080   -3.61893  9.56486   1.000 13.09146 ? 228 GLU A N   1 
ATOM   929  C  CA  . GLU A 1 112 ? 0.44787   -2.74968  9.96370   1.000 12.31054 ? 228 GLU A CA  1 
ATOM   930  C  C   . GLU A 1 112 ? 0.73337   -2.08077  11.29966  1.000 11.54587 ? 228 GLU A C   1 
ATOM   931  O  O   . GLU A 1 112 ? 0.46439   -0.88619  11.47726  1.000 12.09978 ? 228 GLU A O   1 
ATOM   932  C  CB  . GLU A 1 112 ? -0.86391  -3.52519  10.02716  1.000 13.73062 ? 228 GLU A CB  1 
ATOM   933  C  CG  . GLU A 1 112 ? -2.04789  -2.61486  10.30480  1.000 15.02621 ? 228 GLU A CG  1 
ATOM   934  C  CD  . GLU A 1 112 ? -3.35384  -3.36259  10.42919  1.000 18.29177 ? 228 GLU A CD  1 
ATOM   935  O  OE1 . GLU A 1 112 ? -3.37034  -4.59786  10.22678  1.000 21.91188 ? 228 GLU A OE1 1 
ATOM   936  O  OE2 . GLU A 1 112 ? -4.37578  -2.72210  10.74535  1.000 20.68729 ? 228 GLU A OE2 1 
ATOM   937  N  N   . LYS A 1 113 ? 1.27739   -2.83303  12.25524  1.000 12.46440 ? 229 LYS A N   1 
ATOM   938  C  CA  . LYS A 1 113 ? 1.61802   -2.25670  13.55372  1.000 12.35732 ? 229 LYS A CA  1 
ATOM   939  C  C   . LYS A 1 113 ? 2.65355   -1.15362  13.41767  1.000 11.51004 ? 229 LYS A C   1 
ATOM   940  O  O   . LYS A 1 113 ? 2.51180   -0.08173  14.01953  1.000 11.72735 ? 229 LYS A O   1 
ATOM   941  C  CB  . LYS A 1 113 ? 2.14150   -3.34342  14.48487  1.000 14.10637 ? 229 LYS A CB  1 
ATOM   942  C  CG  . LYS A 1 113 ? 1.07393   -4.21263  15.06805  1.000 17.88840 ? 229 LYS A CG  1 
ATOM   943  C  CD  . LYS A 1 113 ? 1.72822   -5.26327  15.93212  1.000 21.15184 ? 229 LYS A CD  1 
ATOM   944  C  CE  . LYS A 1 113 ? 0.76395   -6.34441  16.31804  1.000 22.62797 ? 229 LYS A CE  1 
ATOM   945  N  NZ  . LYS A 1 113 ? 1.49593   -7.42027  17.04399  1.000 23.45974 ? 229 LYS A NZ  1 
ATOM   946  N  N   . LEU A 1 114 ? 3.71094   -1.40065  12.64152  1.000 12.08240 ? 230 LEU A N   1 
ATOM   947  C  CA  . LEU A 1 114 ? 4.72195   -0.37972  12.39608  1.000 11.23145 ? 230 LEU A CA  1 
ATOM   948  C  C   . LEU A 1 114 ? 4.12738   0.83308   11.68661  1.000 12.02530 ? 230 LEU A C   1 
ATOM   949  O  O   . LEU A 1 114 ? 4.45887   1.98128   12.01338  1.000 12.04999 ? 230 LEU A O   1 
ATOM   950  C  CB  . LEU A 1 114 ? 5.87699   -0.97058  11.58885  1.000 15.36415 ? 230 LEU A CB  1 
ATOM   951  C  CG  . LEU A 1 114 ? 7.07255   -0.06025  11.31999  1.000 18.90475 ? 230 LEU A CG  1 
ATOM   952  C  CD1 . LEU A 1 114 ? 7.69740   0.41368   12.62905  1.000 22.23164 ? 230 LEU A CD1 1 
ATOM   953  C  CD2 . LEU A 1 114 ? 8.11553   -0.76949  10.45174  1.000 22.29253 ? 230 LEU A CD2 1 
ATOM   954  N  N   . PHE A 1 115 ? 3.26237   0.59370   10.69933  1.000 11.47664 ? 231 PHE A N   1 
ATOM   955  C  CA  . PHE A 1 115 ? 2.60327   1.68355   9.98817   1.000 10.05964 ? 231 PHE A CA  1 
ATOM   956  C  C   . PHE A 1 115 ? 1.81047   2.55584   10.95142  1.000 10.19179 ? 231 PHE A C   1 
ATOM   957  O  O   . PHE A 1 115 ? 1.94028   3.78567   10.94127  1.000 10.35061 ? 231 PHE A O   1 
ATOM   958  C  CB  . PHE A 1 115 ? 1.70342   1.08656   8.90712   1.000 10.90483 ? 231 PHE A CB  1 
ATOM   959  C  CG  . PHE A 1 115 ? 0.81873   2.08014   8.23841   1.000 10.78733 ? 231 PHE A CG  1 
ATOM   960  C  CD1 . PHE A 1 115 ? 1.34162   3.00095   7.34295   1.000 9.55706  ? 231 PHE A CD1 1 
ATOM   961  C  CD2 . PHE A 1 115 ? -0.54693  2.07949   8.48341   1.000 12.74109 ? 231 PHE A CD2 1 
ATOM   962  C  CE1 . PHE A 1 115 ? 0.50747   3.91565   6.71743   1.000 10.73715 ? 231 PHE A CE1 1 
ATOM   963  C  CE2 . PHE A 1 115 ? -1.37404  2.98432   7.85292   1.000 13.41909 ? 231 PHE A CE2 1 
ATOM   964  C  CZ  . PHE A 1 115 ? -0.84221  3.89507   6.97994   1.000 11.86642 ? 231 PHE A CZ  1 
ATOM   965  N  N   . LEU A 1 116 ? 0.98883   1.93296   11.80260  1.000 11.13551 ? 232 LEU A N   1 
ATOM   966  C  CA  . LEU A 1 116 ? 0.20432   2.70626   12.75996  1.000 11.71911 ? 232 LEU A CA  1 
ATOM   967  C  C   . LEU A 1 116 ? 1.10158   3.48224   13.71299  1.000 12.25193 ? 232 LEU A C   1 
ATOM   968  O  O   . LEU A 1 116 ? 0.81393   4.63820   14.04901  1.000 12.57986 ? 232 LEU A O   1 
ATOM   969  C  CB  . LEU A 1 116 ? -0.74080  1.78415   13.52799  1.000 11.59374 ? 232 LEU A CB  1 
ATOM   970  C  CG  . LEU A 1 116 ? -1.93331  1.29283   12.71650  1.000 13.91733 ? 232 LEU A CG  1 
ATOM   971  C  CD1 . LEU A 1 116 ? -2.74002  0.26517   13.50606  1.000 17.83767 ? 232 LEU A CD1 1 
ATOM   972  C  CD2 . LEU A 1 116 ? -2.80474  2.45499   12.27860  1.000 17.95370 ? 232 LEU A CD2 1 
ATOM   973  N  N   . GLN A 1 117 ? 2.19560   2.86526   14.15990  1.000 12.84108 ? 233 GLN A N   1 
ATOM   974  C  CA  . GLN A 1 117 ? 3.14106   3.57070   15.01726  1.000 14.81968 ? 233 GLN A CA  1 
ATOM   975  C  C   . GLN A 1 117 ? 3.62687   4.84543   14.34004  1.000 13.54616 ? 233 GLN A C   1 
ATOM   976  O  O   . GLN A 1 117 ? 3.69262   5.91455   14.96500  1.000 14.42361 ? 233 GLN A O   1 
ATOM   977  C  CB  . GLN A 1 117 ? 4.31647   2.63635   15.28715  1.000 18.32783 ? 233 GLN A CB  1 
ATOM   978  C  CG  . GLN A 1 117 ? 5.27470   3.02041   16.37802  1.000 25.71669 ? 233 GLN A CG  1 
ATOM   979  C  CD  . GLN A 1 117 ? 6.20896   1.86292   16.69751  1.000 29.07925 ? 233 GLN A CD  1 
ATOM   980  O  OE1 . GLN A 1 117 ? 7.30749   1.76496   16.15347  1.000 30.34973 ? 233 GLN A OE1 1 
ATOM   981  N  NE2 . GLN A 1 117 ? 5.75551   0.96159   17.55653  1.000 30.31143 ? 233 GLN A NE2 1 
ATOM   982  N  N   . LYS A 1 118 ? 3.94256   4.75457   13.04426  1.000 13.14001 ? 234 LYS A N   1 
ATOM   983  C  CA  . LYS A 1 118 ? 4.52473   5.88248   12.32334  1.000 13.50851 ? 234 LYS A CA  1 
ATOM   984  C  C   . LYS A 1 118 ? 3.50199   6.96810   11.99213  1.000 13.09167 ? 234 LYS A C   1 
ATOM   985  O  O   . LYS A 1 118 ? 3.86651   8.14769   11.92060  1.000 13.70635 ? 234 LYS A O   1 
ATOM   986  C  CB  . LYS A 1 118 ? 5.21600   5.37708   11.05638  1.000 15.37923 ? 234 LYS A CB  1 
ATOM   987  C  CG  . LYS A 1 118 ? 6.47781   4.55963   11.32582  1.000 20.72885 ? 234 LYS A CG  1 
ATOM   988  C  CD  . LYS A 1 118 ? 7.57730   5.44227   11.89176  1.000 23.45129 ? 234 LYS A CD  1 
ATOM   989  C  CE  . LYS A 1 118 ? 8.96642   4.86860   11.62376  1.000 28.38914 ? 234 LYS A CE  1 
ATOM   990  N  NZ  . LYS A 1 118 ? 10.00864  5.94848   11.68516  1.000 26.34515 ? 234 LYS A NZ  1 
ATOM   991  N  N   . ILE A 1 119 ? 2.23134   6.60920   11.77565  1.000 12.28727 ? 235 ILE A N   1 
ATOM   992  C  CA  . ILE A 1 119 ? 1.22539   7.61432   11.44249  1.000 11.49879 ? 235 ILE A CA  1 
ATOM   993  C  C   . ILE A 1 119 ? 0.48731   8.13134   12.67032  1.000 14.61719 ? 235 ILE A C   1 
ATOM   994  O  O   . ILE A 1 119 ? -0.32089  9.06486   12.54754  1.000 15.89227 ? 235 ILE A O   1 
ATOM   995  C  CB  . ILE A 1 119 ? 0.22840   7.16920   10.34885  1.000 11.41752 ? 235 ILE A CB  1 
ATOM   996  C  CG1 . ILE A 1 119 ? -0.72704  6.10853   10.89475  1.000 12.35711 ? 235 ILE A CG1 1 
ATOM   997  C  CG2 . ILE A 1 119 ? 0.96694   6.71749   9.08497   1.000 12.22084 ? 235 ILE A CG2 1 
ATOM   998  C  CD1 . ILE A 1 119 ? -1.96689  5.90001   10.03441  1.000 13.13583 ? 235 ILE A CD1 1 
ATOM   999  N  N   . ASN A 1 120 ? 0.74883   7.56130   13.85099  1.000 14.85993 ? 236 ASN A N   1 
ATOM   1000 C  CA  . ASN A 1 120 ? 0.12674   8.03582   15.08504  1.000 17.42284 ? 236 ASN A CA  1 
ATOM   1001 C  C   . ASN A 1 120 ? 0.29921   9.54037   15.24403  1.000 19.52821 ? 236 ASN A C   1 
ATOM   1002 O  O   . ASN A 1 120 ? -0.63553  10.24329  15.64707  1.000 22.10391 ? 236 ASN A O   1 
ATOM   1003 C  CB  . ASN A 1 120 ? 0.74649   7.28573   16.26464  1.000 18.70051 ? 236 ASN A CB  1 
ATOM   1004 C  CG  . ASN A 1 120 ? 0.09924   7.62540   17.59394  1.000 21.69808 ? 236 ASN A CG  1 
ATOM   1005 O  OD1 . ASN A 1 120 ? 0.51674   8.55849   18.27223  1.000 24.41618 ? 236 ASN A OD1 1 
ATOM   1006 N  ND2 . ASN A 1 120 ? -0.90183  6.84624   17.98748  1.000 21.99036 ? 236 ASN A ND2 1 
ATOM   1007 N  N   . GLU A 1 121 ? 1.48142   10.05195  14.90934  1.000 15.81740 ? 237 GLU A N   1 
ATOM   1008 C  CA  . GLU A 1 121 ? 1.76040   11.48186  14.89888  1.000 17.75482 ? 237 GLU A CA  1 
ATOM   1009 C  C   . GLU A 1 121 ? 2.29893   11.87039  13.53411  1.000 17.50728 ? 237 GLU A C   1 
ATOM   1010 O  O   . GLU A 1 121 ? 3.33603   11.35439  13.10036  1.000 16.44946 ? 237 GLU A O   1 
ATOM   1011 C  CB  . GLU A 1 121 ? 2.79638   11.83554  15.95968  1.000 20.62297 ? 237 GLU A CB  1 
ATOM   1012 C  CG  . GLU A 1 121 ? 2.26303   11.84505  17.34899  1.000 28.31617 ? 237 GLU A CG  1 
ATOM   1013 C  CD  . GLU A 1 121 ? 3.06145   12.76727  18.22817  1.000 29.42874 ? 237 GLU A CD  1 
ATOM   1014 O  OE1 . GLU A 1 121 ? 4.21224   13.09647  17.84451  1.000 25.94003 ? 237 GLU A OE1 1 
ATOM   1015 O  OE2 . GLU A 1 121 ? 2.53007   13.17368  19.28285  1.000 30.94520 ? 237 GLU A OE2 1 
ATOM   1016 N  N   . LEU A 1 122 ? 1.60937   12.78009  12.87122  1.000 16.45498 ? 238 LEU A N   1 
ATOM   1017 C  CA  . LEU A 1 122 ? 2.04910   13.33714  11.61213  1.000 16.20087 ? 238 LEU A CA  1 
ATOM   1018 C  C   . LEU A 1 122 ? 2.42169   14.79656  11.81305  1.000 17.17787 ? 238 LEU A C   1 
ATOM   1019 O  O   . LEU A 1 122 ? 1.99777   15.42632  12.78879  1.000 17.16309 ? 238 LEU A O   1 
ATOM   1020 C  CB  . LEU A 1 122 ? 0.89917   13.26145  10.60130  1.000 17.00171 ? 238 LEU A CB  1 
ATOM   1021 C  CG  . LEU A 1 122 ? 0.37215   11.86624  10.27141  1.000 15.47113 ? 238 LEU A CG  1 
ATOM   1022 C  CD1 . LEU A 1 122 ? -0.86183  11.96736  9.38138   1.000 20.01653 ? 238 LEU A CD1 1 
ATOM   1023 C  CD2 . LEU A 1 122 ? 1.45095   11.03843  9.60092   1.000 15.24648 ? 238 LEU A CD2 1 
ATOM   1024 N  N   . PRO A 1 123 ? 3.20876   15.37661  10.91404  1.000 15.03226 ? 239 PRO A N   1 
ATOM   1025 C  CA  . PRO A 1 123 ? 3.47261   16.81724  11.01662  1.000 19.30652 ? 239 PRO A CA  1 
ATOM   1026 C  C   . PRO A 1 123 ? 2.19903   17.62540  10.80492  1.000 22.61047 ? 239 PRO A C   1 
ATOM   1027 O  O   . PRO A 1 123 ? 1.18176   17.12877  10.31682  1.000 19.68599 ? 239 PRO A O   1 
ATOM   1028 C  CB  . PRO A 1 123 ? 4.49198   17.08241  9.90340   1.000 20.47568 ? 239 PRO A CB  1 
ATOM   1029 C  CG  . PRO A 1 123 ? 4.35226   15.92712  8.97017   1.000 19.01474 ? 239 PRO A CG  1 
ATOM   1030 C  CD  . PRO A 1 123 ? 3.91872   14.75479  9.78383   1.000 17.23175 ? 239 PRO A CD  1 
ATOM   1031 N  N   . THR A 1 124 ? 2.25550   18.89083  11.20121  1.000 23.00274 ? 240 THR A N   1 
ATOM   1032 C  CA  . THR A 1 124 ? 1.13500   19.80075  11.01799  1.000 24.23167 ? 240 THR A CA  1 
ATOM   1033 C  C   . THR A 1 124 ? 1.33750   20.63323  9.75663   1.000 28.08800 ? 240 THR A C   1 
ATOM   1034 O  O   . THR A 1 124 ? 2.41170   20.64620  9.15121   1.000 28.21951 ? 240 THR A O   1 
ATOM   1035 C  CB  . THR A 1 124 ? 0.99036   20.72123  12.23301  1.000 29.63942 ? 240 THR A CB  1 
ATOM   1036 O  OG1 . THR A 1 124 ? 2.10873   21.61498  12.28309  1.000 35.64452 ? 240 THR A OG1 1 
ATOM   1037 C  CG2 . THR A 1 124 ? 0.94601   19.90458  13.51880  1.000 33.75323 ? 240 THR A CG2 1 
ATOM   1038 N  N   . GLU A 1 125 ? 0.28145   21.33656  9.36311   1.000 33.88203 ? 241 GLU A N   1 
ATOM   1039 C  CA  . GLU A 1 125 ? 0.39194   22.32389  8.29765   1.000 39.59049 ? 241 GLU A CA  1 
ATOM   1040 C  C   . GLU A 1 125 ? 0.77004   23.66882  8.91451   1.000 35.49413 ? 241 GLU A C   1 
ATOM   1041 O  O   . GLU A 1 125 ? 0.80551   24.69240  8.23319   1.000 44.52617 ? 241 GLU A O   1 
ATOM   1042 C  CB  . GLU A 1 125 ? -0.92183  22.44414  7.52237   1.000 38.36351 ? 241 GLU A CB  1 
ATOM   1043 C  CG  . GLU A 1 125 ? -1.52775  21.11327  7.10238   1.000 38.80259 ? 241 GLU A CG  1 
ATOM   1044 C  CD  . GLU A 1 125 ? -0.66284  20.34445  6.11047   1.000 34.63923 ? 241 GLU A CD  1 
ATOM   1045 O  OE1 . GLU A 1 125 ? 0.00979   20.98396  5.26833   1.000 38.17080 ? 241 GLU A OE1 1 
ATOM   1046 O  OE2 . GLU A 1 125 ? -0.65372  19.09268  6.17180   1.000 36.47843 ? 241 GLU A OE2 1 
HETATM 1047 C  C4  . XUK B 2 .   ? 0.31693   -14.04074 -0.99819  1.000 22.77451 ? 301 XUK A C4  1 
HETATM 1048 C  C5  . XUK B 2 .   ? -0.88607  -13.77146 -0.33127  1.000 22.79834 ? 301 XUK A C5  1 
HETATM 1049 C  C7  . XUK B 2 .   ? 0.36784   -10.54038 -1.07681  1.000 20.46768 ? 301 XUK A C7  1 
HETATM 1050 C  C8  . XUK B 2 .   ? 1.52973   -10.33039 -1.73100  1.000 19.58397 ? 301 XUK A C8  1 
HETATM 1051 C  C9  . XUK B 2 .   ? 2.27802   -11.37216 -2.13316  1.000 21.31915 ? 301 XUK A C9  1 
HETATM 1052 C  C10 . XUK B 2 .   ? 1.87644   -12.66422 -1.88549  1.000 18.61279 ? 301 XUK A C10 1 
HETATM 1053 C  C2  . XUK B 2 .   ? -0.02608  -11.85561 -0.83394  1.000 12.10711 ? 301 XUK A C2  1 
HETATM 1054 N  N1  . XUK B 2 .   ? -1.09154  -12.37811 -0.23288  1.000 24.38668 ? 301 XUK A N1  1 
HETATM 1055 N  N11 . XUK B 2 .   ? 3.51892   -11.13027 -2.84069  1.000 20.60060 ? 301 XUK A N11 1 
HETATM 1056 N  N3  . XUK B 2 .   ? 0.70533   -12.87345 -1.23567  1.000 21.62090 ? 301 XUK A N3  1 
HETATM 1057 BR BR6 . XUK B 2 .   ? 1.13095   -15.77559 -1.40813  1.000 33.78747 ? 301 XUK A BR6 1 
HETATM 1058 C  C4  . XUK C 2 .   ? 4.77200   -15.35245 0.98864   1.000 23.17470 ? 302 XUK A C4  1 
HETATM 1059 C  C5  . XUK C 2 .   ? 5.23399   -14.34091 0.14974   1.000 22.77904 ? 302 XUK A C5  1 
HETATM 1060 C  C7  . XUK C 2 .   ? 4.22963   -16.90176 -2.08743  1.000 27.03414 ? 302 XUK A C7  1 
HETATM 1061 C  C8  . XUK C 2 .   ? 3.70446   -18.08649 -1.70288  1.000 28.70654 ? 302 XUK A C8  1 
HETATM 1062 C  C9  . XUK C 2 .   ? 3.54540   -18.34971 -0.39045  1.000 26.73064 ? 302 XUK A C9  1 
HETATM 1063 C  C10 . XUK C 2 .   ? 3.91331   -17.40970 0.55450   1.000 27.24480 ? 302 XUK A C10 1 
HETATM 1064 C  C2  . XUK C 2 .   ? 4.58558   -15.96950 -1.10995  1.000 24.03249 ? 302 XUK A C2  1 
HETATM 1065 N  N1  . XUK C 2 .   ? 5.10951   -14.74714 -1.18360  1.000 25.91541 ? 302 XUK A N1  1 
HETATM 1066 N  N11 . XUK C 2 .   ? 2.98608   -19.62580 0.02593   1.000 31.17847 ? 302 XUK A N11 1 
HETATM 1067 N  N3  . XUK C 2 .   ? 4.43412   -16.22537 0.15821   1.000 25.10166 ? 302 XUK A N3  1 
HETATM 1068 BR BR6 . XUK C 2 .   ? 4.73007   -15.32127 2.93162   1.000 30.90259 ? 302 XUK A BR6 1 
HETATM 1069 O  O   . HOH D 3 .   ? 3.00429   13.22145  21.18715  1.000 20.29101 ? 401 HOH A O   1 
HETATM 1070 O  O   . HOH D 3 .   ? -9.43278  15.94843  -16.74482 1.000 20.43265 ? 402 HOH A O   1 
HETATM 1071 O  O   . HOH D 3 .   ? -8.32413  10.90124  -16.15621 1.000 38.34481 ? 403 HOH A O   1 
HETATM 1072 O  O   . HOH D 3 .   ? 4.93740   9.69160   13.17791  1.000 9.35945  ? 404 HOH A O   1 
HETATM 1073 O  O   . HOH D 3 .   ? -3.93575  14.05247  -11.21306 1.000 9.61543  ? 405 HOH A O   1 
HETATM 1074 O  O   . HOH D 3 .   ? -1.50070  11.43860  17.42370  1.000 36.20190 ? 406 HOH A O   1 
HETATM 1075 O  O   . HOH D 3 .   ? -9.86529  -15.45009 3.32480   1.000 13.06453 ? 407 HOH A O   1 
HETATM 1076 O  O   . HOH D 3 .   ? -1.34590  15.95880  11.80908  1.000 30.78966 ? 408 HOH A O   1 
HETATM 1077 O  O   . HOH D 3 .   ? -9.56628  6.56366   -0.97739  1.000 31.81646 ? 409 HOH A O   1 
HETATM 1078 O  O   . HOH D 3 .   ? 0.21085   13.84205  18.62963  1.000 35.71691 ? 410 HOH A O   1 
HETATM 1079 O  O   . HOH D 3 .   ? -2.65602  -14.15029 12.32149  1.000 23.98033 ? 411 HOH A O   1 
HETATM 1080 O  O   . HOH D 3 .   ? 11.92782  -14.03378 -10.34976 1.000 28.15479 ? 412 HOH A O   1 
HETATM 1081 O  O   . HOH D 3 .   ? 9.38204   8.14204   12.75444  1.000 24.63789 ? 413 HOH A O   1 
HETATM 1082 O  O   . HOH D 3 .   ? -7.57469  7.33863   -4.06083  1.000 22.15305 ? 414 HOH A O   1 
HETATM 1083 O  O   . HOH D 3 .   ? -9.62916  -4.16572  1.15836   1.000 21.28308 ? 415 HOH A O   1 
HETATM 1084 O  O   . HOH D 3 .   ? 9.01257   10.34317  12.51566  1.000 25.12399 ? 416 HOH A O   1 
HETATM 1085 O  O   . HOH D 3 .   ? 9.26158   -4.42961  -6.34412  1.000 39.07734 ? 417 HOH A O   1 
HETATM 1086 O  O   . HOH D 3 .   ? -10.61089 17.39593  -13.69190 1.000 24.23781 ? 418 HOH A O   1 
HETATM 1087 O  O   . HOH D 3 .   ? 3.50224   -10.77078 12.93460  1.000 21.38743 ? 419 HOH A O   1 
HETATM 1088 O  O   . HOH D 3 .   ? -4.45838  -19.05609 3.01259   1.000 26.24438 ? 420 HOH A O   1 
HETATM 1089 O  O   . HOH D 3 .   ? 12.40163  -12.18414 12.25936  1.000 37.21443 ? 421 HOH A O   1 
HETATM 1090 O  O   . HOH D 3 .   ? 7.51089   7.91665   -9.80544  1.000 27.21000 ? 422 HOH A O   1 
HETATM 1091 O  O   . HOH D 3 .   ? 2.66419   -19.34434 9.82048   1.000 17.93099 ? 423 HOH A O   1 
HETATM 1092 O  O   . HOH D 3 .   ? -6.09328  20.94394  4.09802   1.000 35.19162 ? 424 HOH A O   1 
HETATM 1093 O  O   . HOH D 3 .   ? -7.16493  -0.75915  -6.51439  1.000 24.39488 ? 425 HOH A O   1 
HETATM 1094 O  O   . HOH D 3 .   ? -7.73695  2.04197   -1.24552  1.000 18.88996 ? 426 HOH A O   1 
HETATM 1095 O  O   . HOH D 3 .   ? 9.10296   14.97211  5.41386   1.000 27.04995 ? 427 HOH A O   1 
HETATM 1096 O  O   . HOH D 3 .   ? 6.26446   -10.12605 -12.00371 1.000 28.14460 ? 428 HOH A O   1 
HETATM 1097 O  O   . HOH D 3 .   ? -3.07413  -9.61226  -0.43875  1.000 14.93913 ? 429 HOH A O   1 
HETATM 1098 O  O   . HOH D 3 .   ? -8.12698  4.22541   6.24878   1.000 30.53828 ? 430 HOH A O   1 
HETATM 1099 O  O   . HOH D 3 .   ? 4.10959   -7.02995  -9.99988  1.000 21.08727 ? 431 HOH A O   1 
HETATM 1100 O  O   . HOH D 3 .   ? -7.33038  14.21677  -5.71217  1.000 19.59717 ? 432 HOH A O   1 
HETATM 1101 O  O   . HOH D 3 .   ? -8.90840  17.80450  -11.37680 1.000 22.58058 ? 433 HOH A O   1 
HETATM 1102 O  O   . HOH D 3 .   ? 5.84799   -13.21737 -3.26139  1.000 26.30251 ? 434 HOH A O   1 
HETATM 1103 O  O   . HOH D 3 .   ? -3.05608  -20.40186 8.91445   1.000 26.64937 ? 435 HOH A O   1 
HETATM 1104 O  O   . HOH D 3 .   ? -4.98635  -4.01167  -10.26440 1.000 17.81874 ? 436 HOH A O   1 
HETATM 1105 O  O   . HOH D 3 .   ? 5.63139   12.66170  20.08827  1.000 19.71599 ? 437 HOH A O   1 
HETATM 1106 O  O   . HOH D 3 .   ? 3.99486   8.59340   15.08299  1.000 15.07716 ? 438 HOH A O   1 
HETATM 1107 O  O   . HOH D 3 .   ? -0.55479  -6.20114  -1.87823  1.000 13.26186 ? 439 HOH A O   1 
HETATM 1108 O  O   . HOH D 3 .   ? 6.18622   -18.97349 3.98765   1.000 17.50105 ? 440 HOH A O   1 
HETATM 1109 O  O   . HOH D 3 .   ? 6.76162   16.99148  5.71044   1.000 28.18982 ? 441 HOH A O   1 
HETATM 1110 O  O   . HOH D 3 .   ? 7.92246   -2.02808  -7.20886  1.000 28.96654 ? 442 HOH A O   1 
HETATM 1111 O  O   . HOH D 3 .   ? -14.37652 -11.04211 -3.02595  1.000 27.01968 ? 443 HOH A O   1 
HETATM 1112 O  O   . HOH D 3 .   ? 3.90314   16.41312  -9.61432  1.000 35.21412 ? 444 HOH A O   1 
HETATM 1113 O  O   . HOH D 3 .   ? -2.43297  15.80832  3.84774   1.000 15.10268 ? 445 HOH A O   1 
HETATM 1114 O  O   . HOH D 3 .   ? 1.72656   -6.95202  -3.08027  1.000 11.84405 ? 446 HOH A O   1 
HETATM 1115 O  O   . HOH D 3 .   ? -3.45455  -6.27850  -2.96473  1.000 13.10534 ? 447 HOH A O   1 
HETATM 1116 O  O   . HOH D 3 .   ? -5.00157  7.12406   -15.45772 1.000 26.72465 ? 448 HOH A O   1 
HETATM 1117 O  O   . HOH D 3 .   ? 8.76513   4.37118   -7.57357  1.000 28.81990 ? 449 HOH A O   1 
HETATM 1118 O  O   . HOH D 3 .   ? 10.18355  -6.90742  -4.02504  1.000 24.01738 ? 450 HOH A O   1 
HETATM 1119 O  O   . HOH D 3 .   ? -1.79330  5.42467   14.36922  1.000 14.80896 ? 451 HOH A O   1 
HETATM 1120 O  O   . HOH D 3 .   ? -5.00822  -0.11912  10.15250  1.000 24.73851 ? 452 HOH A O   1 
HETATM 1121 O  O   . HOH D 3 .   ? -7.05120  5.92170   -1.54036  1.000 16.52778 ? 453 HOH A O   1 
HETATM 1122 O  O   . HOH D 3 .   ? -2.45854  0.49552   -15.10786 1.000 32.69076 ? 454 HOH A O   1 
HETATM 1123 O  O   . HOH D 3 .   ? -7.56565  6.07916   -6.47067  1.000 26.67724 ? 455 HOH A O   1 
HETATM 1124 O  O   . HOH D 3 .   ? 8.29144   3.98786   14.84012  1.000 24.55807 ? 456 HOH A O   1 
HETATM 1125 O  O   . HOH D 3 .   ? 6.38385   -20.06098 9.69119   1.000 14.46086 ? 457 HOH A O   1 
HETATM 1126 O  O   . HOH D 3 .   ? -10.20022 -1.44390  1.13789   1.000 30.66827 ? 458 HOH A O   1 
HETATM 1127 O  O   . HOH D 3 .   ? -1.42364  -17.65164 2.73456   1.000 24.47402 ? 459 HOH A O   1 
HETATM 1128 O  O   . HOH D 3 .   ? 13.02737  -4.57825  1.92508   1.000 24.40573 ? 460 HOH A O   1 
HETATM 1129 O  O   . HOH D 3 .   ? -15.03186 -12.67457 -9.41918  1.000 21.72323 ? 461 HOH A O   1 
HETATM 1130 O  O   . HOH D 3 .   ? 10.88284  8.93278   -3.92311  1.000 29.79020 ? 462 HOH A O   1 
HETATM 1131 O  O   . HOH D 3 .   ? -2.30065  -17.56312 -12.16889 1.000 32.59153 ? 463 HOH A O   1 
HETATM 1132 O  O   . HOH D 3 .   ? 13.20869  2.84011   1.30841   1.000 27.06790 ? 464 HOH A O   1 
HETATM 1133 O  O   . HOH D 3 .   ? 1.61510   -19.77253 5.86785   1.000 20.56908 ? 465 HOH A O   1 
HETATM 1134 O  O   . HOH D 3 .   ? -6.57668  2.26980   -10.86408 1.000 25.04475 ? 466 HOH A O   1 
HETATM 1135 O  O   . HOH D 3 .   ? 5.84114   -4.62895  13.93187  1.000 21.41543 ? 467 HOH A O   1 
HETATM 1136 O  O   . HOH D 3 .   ? 0.53472   0.36324   -10.06704 1.000 16.06134 ? 468 HOH A O   1 
HETATM 1137 O  O   . HOH D 3 .   ? 11.82098  -6.90388  2.67325   1.000 16.83179 ? 469 HOH A O   1 
HETATM 1138 O  O   . HOH D 3 .   ? 15.28653  1.00391   0.34356   1.000 32.89675 ? 470 HOH A O   1 
HETATM 1139 O  O   . HOH D 3 .   ? -7.01725  3.67452   -4.42203  1.000 22.07458 ? 471 HOH A O   1 
HETATM 1140 O  O   . HOH D 3 .   ? -6.62897  -19.81609 10.88130  1.000 31.18479 ? 472 HOH A O   1 
HETATM 1141 O  O   . HOH D 3 .   ? 6.60722   -17.47752 -8.12666  1.000 22.00513 ? 473 HOH A O   1 
HETATM 1142 O  O   . HOH D 3 .   ? -4.24666  -7.09838  -18.02669 1.000 37.02984 ? 474 HOH A O   1 
HETATM 1143 O  O   . HOH D 3 .   ? -1.85661  -3.70516  -6.46946  1.000 13.01744 ? 475 HOH A O   1 
HETATM 1144 O  O   . HOH D 3 .   ? 4.63478   12.56369  -0.96657  1.000 19.98307 ? 476 HOH A O   1 
HETATM 1145 O  O   . HOH D 3 .   ? 0.09230   -8.01837  -11.54632 1.000 21.64331 ? 477 HOH A O   1 
HETATM 1146 O  O   . HOH D 3 .   ? -0.72918  13.95812  13.92429  1.000 26.64895 ? 478 HOH A O   1 
HETATM 1147 O  O   . HOH D 3 .   ? -6.90371  2.33711   -7.36146  1.000 25.56464 ? 479 HOH A O   1 
HETATM 1148 O  O   . HOH D 3 .   ? -9.16667  11.44928  1.84354   1.000 24.92155 ? 480 HOH A O   1 
HETATM 1149 O  O   . HOH D 3 .   ? -4.45781  13.56266  8.40779   1.000 30.70712 ? 481 HOH A O   1 
HETATM 1150 O  O   . HOH D 3 .   ? 13.64363  -10.33257 4.24260   1.000 28.71801 ? 482 HOH A O   1 
HETATM 1151 O  O   . HOH D 3 .   ? 2.85343   -8.86761  15.01440  1.000 27.40586 ? 483 HOH A O   1 
HETATM 1152 O  O   . HOH D 3 .   ? -1.86522  -7.35476  0.32912   1.000 13.24640 ? 484 HOH A O   1 
HETATM 1153 O  O   . HOH D 3 .   ? 6.19437   13.85353  -4.31661  1.000 24.78443 ? 485 HOH A O   1 
HETATM 1154 O  O   . HOH D 3 .   ? 12.48043  6.59487   9.77678   1.000 21.65654 ? 486 HOH A O   1 
HETATM 1155 O  O   . HOH D 3 .   ? 13.03632  -6.43455  -1.92387  1.000 29.24372 ? 487 HOH A O   1 
HETATM 1156 O  O   . HOH D 3 .   ? -4.15292  13.41171  -8.91545  1.000 16.02239 ? 488 HOH A O   1 
HETATM 1157 O  O   . HOH D 3 .   ? -10.12183 -5.75457  -2.33048  1.000 16.10036 ? 489 HOH A O   1 
HETATM 1158 O  O   . HOH D 3 .   ? -9.04795  1.61855   2.97560   1.000 24.95335 ? 490 HOH A O   1 
HETATM 1159 O  O   . HOH D 3 .   ? -5.67771  11.77641  7.92407   1.000 26.23125 ? 491 HOH A O   1 
HETATM 1160 O  O   . HOH D 3 .   ? -3.81945  -19.75937 -3.10648  1.000 31.14480 ? 492 HOH A O   1 
HETATM 1161 O  O   . HOH D 3 .   ? -5.08560  -12.60516 11.11933  1.000 33.51968 ? 493 HOH A O   1 
HETATM 1162 O  O   . HOH D 3 .   ? -0.08171  13.24927  -3.21210  1.000 15.34010 ? 494 HOH A O   1 
HETATM 1163 O  O   . HOH D 3 .   ? -3.73584  19.25635  -10.00376 1.000 15.08133 ? 495 HOH A O   1 
HETATM 1164 O  O   . HOH D 3 .   ? 3.49265   -6.37005  18.88637  1.000 33.82710 ? 496 HOH A O   1 
HETATM 1165 O  O   . HOH D 3 .   ? 8.69459   -5.48427  13.43861  1.000 33.57031 ? 497 HOH A O   1 
HETATM 1166 O  O   . HOH D 3 .   ? -1.46911  -6.22915  -5.38986  1.000 15.02483 ? 498 HOH A O   1 
HETATM 1167 O  O   . HOH D 3 .   ? -9.05652  -22.97303 8.80760   1.000 35.29337 ? 499 HOH A O   1 
HETATM 1168 O  O   . HOH D 3 .   ? -1.19186  5.25325   -14.23451 1.000 19.46558 ? 500 HOH A O   1 
HETATM 1169 O  O   . HOH D 3 .   ? -0.42001  21.35953  -3.42931  1.000 24.89532 ? 501 HOH A O   1 
HETATM 1170 O  O   . HOH D 3 .   ? -3.15428  9.01860   11.81117  1.000 26.86592 ? 502 HOH A O   1 
HETATM 1171 O  O   . HOH D 3 .   ? 1.34517   -20.31629 -4.83924  1.000 26.88498 ? 503 HOH A O   1 
HETATM 1172 O  O   . HOH D 3 .   ? -7.56828  -13.57913 7.84589   1.000 27.14944 ? 504 HOH A O   1 
HETATM 1173 O  O   . HOH D 3 .   ? 4.14810   -10.36631 -7.50202  1.000 22.03188 ? 505 HOH A O   1 
HETATM 1174 O  O   . HOH D 3 .   ? -2.72547  -5.04438  -8.93537  1.000 14.31840 ? 506 HOH A O   1 
HETATM 1175 O  O   . HOH D 3 .   ? 3.78340   -9.08914  -5.15331  1.000 19.63414 ? 507 HOH A O   1 
HETATM 1176 O  O   . HOH D 3 .   ? -2.95037  8.67394   -16.47864 1.000 26.75440 ? 508 HOH A O   1 
HETATM 1177 O  O   . HOH D 3 .   ? 9.17043   15.96197  8.84089   1.000 29.21885 ? 509 HOH A O   1 
HETATM 1178 O  O   . HOH D 3 .   ? -5.58957  13.95688  5.46405   1.000 14.74472 ? 510 HOH A O   1 
HETATM 1179 O  O   . HOH D 3 .   ? -12.32572 -7.44279  -2.72692  1.000 23.00220 ? 511 HOH A O   1 
HETATM 1180 O  O   . HOH D 3 .   ? -6.50283  -13.63006 -10.53152 1.000 20.08229 ? 512 HOH A O   1 
HETATM 1181 O  O   . HOH D 3 .   ? 6.39433   1.40227   20.41052  1.000 42.06924 ? 513 HOH A O   1 
HETATM 1182 O  O   . HOH D 3 .   ? -0.23261  2.19489   -13.41959 1.000 28.47571 ? 514 HOH A O   1 
HETATM 1183 O  O   . HOH D 3 .   ? -1.67376  -5.99945  -11.67721 1.000 21.84194 ? 515 HOH A O   1 
HETATM 1184 O  O   . HOH D 3 .   ? 1.38736   -17.29231 3.71841   1.000 14.89131 ? 516 HOH A O   1 
HETATM 1185 O  O   . HOH D 3 .   ? 8.88615   13.44424  0.61357   1.000 28.00107 ? 517 HOH A O   1 
HETATM 1186 O  O   . HOH D 3 .   ? -2.90066  -21.80151 4.76832   1.000 31.19179 ? 518 HOH A O   1 
HETATM 1187 O  O   . HOH D 3 .   ? -10.76318 9.32006   -14.00500 1.000 34.09762 ? 519 HOH A O   1 
HETATM 1188 O  O   . HOH D 3 .   ? 2.61397   2.93222   -13.19317 1.000 32.83301 ? 520 HOH A O   1 
HETATM 1189 O  O   . HOH D 3 .   ? 13.14055  -5.57075  9.76451   1.000 17.83721 ? 521 HOH A O   1 
HETATM 1190 O  O   . HOH D 3 .   ? 0.85844   12.68201  21.72289  1.000 33.93033 ? 522 HOH A O   1 
HETATM 1191 O  O   . HOH D 3 .   ? 3.15685   5.86455   17.92011  1.000 27.64037 ? 523 HOH A O   1 
HETATM 1192 O  O   . HOH D 3 .   ? 7.45762   2.20234   -6.79092  1.000 24.74530 ? 524 HOH A O   1 
HETATM 1193 O  O   . HOH D 3 .   ? -7.06585  17.70650  3.36789   1.000 22.49816 ? 525 HOH A O   1 
HETATM 1194 O  O   . HOH D 3 .   ? 5.10210   19.84221  11.55371  1.000 31.08119 ? 526 HOH A O   1 
HETATM 1195 O  O   . HOH D 3 .   ? 7.00249   14.10822  -1.54757  1.000 28.34964 ? 527 HOH A O   1 
HETATM 1196 O  O   . HOH D 3 .   ? 2.57771   13.63980  -2.57790  1.000 19.37780 ? 528 HOH A O   1 
HETATM 1197 O  O   . HOH D 3 .   ? -0.07713  11.64041  -10.25498 1.000 17.52628 ? 529 HOH A O   1 
HETATM 1198 O  O   . HOH D 3 .   ? -4.63256  -20.33535 -6.07409  1.000 34.95401 ? 530 HOH A O   1 
HETATM 1199 O  O   . HOH D 3 .   ? -10.54358 13.56305  3.81626   1.000 29.71836 ? 531 HOH A O   1 
HETATM 1200 O  O   . HOH D 3 .   ? -7.16252  -10.01297 -16.99607 1.000 27.05279 ? 532 HOH A O   1 
HETATM 1201 O  O   . HOH D 3 .   ? -2.02454  9.14035   20.08072  1.000 28.19463 ? 533 HOH A O   1 
HETATM 1202 O  O   . HOH D 3 .   ? 2.68462   -22.22548 -6.29203  1.000 26.36030 ? 534 HOH A O   1 
HETATM 1203 O  O   . HOH D 3 .   ? 11.24464  11.71422  -0.38812  1.000 36.23751 ? 535 HOH A O   1 
HETATM 1204 O  O   . HOH D 3 .   ? 6.59956   10.80936  14.69464  1.000 26.52181 ? 536 HOH A O   1 
HETATM 1205 O  O   . HOH D 3 .   ? -9.00850  13.28277  -4.74432  1.000 30.02993 ? 537 HOH A O   1 
HETATM 1206 O  O   . HOH D 3 .   ? -9.68557  20.14305  1.37387   1.000 24.96548 ? 538 HOH A O   1 
HETATM 1207 O  O   . HOH D 3 .   ? 6.97885   8.11883   13.95148  1.000 22.43725 ? 539 HOH A O   1 
HETATM 1208 O  O   . HOH D 3 .   ? 6.64612   -11.08958 -4.01866  1.000 26.30194 ? 540 HOH A O   1 
HETATM 1209 O  O   . HOH D 3 .   ? 6.95989   6.23528   15.71517  1.000 25.63125 ? 541 HOH A O   1 
HETATM 1210 O  O   . HOH D 3 .   ? -4.66301  10.65379  9.73785   1.000 29.04259 ? 542 HOH A O   1 
HETATM 1211 O  O   . HOH D 3 .   ? -7.86278  8.86428   -16.64554 1.000 31.92500 ? 543 HOH A O   1 
HETATM 1212 O  O   . HOH D 3 .   ? 3.10457   -19.40577 3.50017   1.000 32.31027 ? 544 HOH A O   1 
HETATM 1213 O  O   . HOH D 3 .   ? -2.17662  -22.88492 -9.01007  1.000 34.63177 ? 545 HOH A O   1 
HETATM 1214 O  O   . HOH D 3 .   ? 16.41480  -2.80453  3.28703   1.000 29.80303 ? 546 HOH A O   1 
HETATM 1215 O  O   . HOH D 3 .   ? -12.47079 16.38849  -15.60346 1.000 27.34148 ? 547 HOH A O   1 
HETATM 1216 O  O   . HOH D 3 .   ? 1.42111   11.78690  -12.11295 1.000 34.28053 ? 548 HOH A O   1 
HETATM 1217 O  O   . HOH D 3 .   ? -8.32950  14.36240  6.15763   1.000 26.15995 ? 549 HOH A O   1 
HETATM 1218 O  O   . HOH D 3 .   ? 3.62658   -0.23585  -9.26332  1.000 26.73160 ? 550 HOH A O   1 
HETATM 1219 O  O   . HOH D 3 .   ? -3.51685  -19.25263 13.72588  1.000 35.98668 ? 551 HOH A O   1 
HETATM 1220 O  O   . HOH D 3 .   ? -0.40525  -18.85171 -1.09219  1.000 39.79891 ? 552 HOH A O   1 
HETATM 1221 O  O   . HOH D 3 .   ? -2.88738  -18.08514 -14.22551 1.000 35.32270 ? 553 HOH A O   1 
HETATM 1222 O  O   . HOH D 3 .   ? 12.61401  -4.82943  12.31522  1.000 28.96099 ? 554 HOH A O   1 
HETATM 1223 O  O   . HOH D 3 .   ? 11.49721  3.00536   -1.13117  1.000 26.92251 ? 555 HOH A O   1 
HETATM 1224 O  O   . HOH D 3 .   ? 5.77155   -1.30633  -8.43044  1.000 25.19544 ? 556 HOH A O   1 
HETATM 1225 O  O   . HOH D 3 .   ? -8.57116  12.78210  8.40619   1.000 38.11864 ? 557 HOH A O   1 
HETATM 1226 O  O   . HOH D 3 .   ? 0.33545   15.00885  16.56961  1.000 30.82487 ? 558 HOH A O   1 
HETATM 1227 O  O   . HOH D 3 .   ? -10.34500 11.90394  -3.71267  1.000 37.99341 ? 559 HOH A O   1 
HETATM 1228 O  O   . HOH D 3 .   ? 2.58001   -7.41424  -12.28318 1.000 33.05263 ? 560 HOH A O   1 
HETATM 1229 O  O   . HOH D 3 .   ? -8.27444  1.54025   -4.11606  1.000 34.17441 ? 561 HOH A O   1 
HETATM 1230 O  O   . HOH D 3 .   ? 10.67073  -2.28418  12.75257  1.000 29.93250 ? 562 HOH A O   1 
HETATM 1231 O  O   . HOH D 3 .   ? -10.21902 -10.87494 8.06944   1.000 26.87216 ? 563 HOH A O   1 
HETATM 1232 O  O   . HOH D 3 .   ? 0.77841   -5.40397  -12.82457 1.000 32.75148 ? 564 HOH A O   1 
HETATM 1233 O  O   . HOH D 3 .   ? 5.90555   -9.33618  -9.39380  1.000 27.51971 ? 565 HOH A O   1 
HETATM 1234 O  O   . HOH D 3 .   ? 15.29594  -1.91017  1.02361   1.000 34.98283 ? 566 HOH A O   1 
HETATM 1235 O  O   . HOH D 3 .   ? 12.01949  -6.41342  -6.06304  1.000 34.86461 ? 567 HOH A O   1 
HETATM 1236 O  O   . HOH D 3 .   ? -12.24947 -4.60331  2.00348   1.000 37.25487 ? 568 HOH A O   1 
HETATM 1237 O  O   . HOH D 3 .   ? 9.36429   -10.76163 -4.60043  1.000 36.14838 ? 569 HOH A O   1 
HETATM 1238 O  O   . HOH D 3 .   ? 5.37377   -7.02057  15.16693  1.000 28.40873 ? 570 HOH A O   1 
HETATM 1239 O  O   . HOH D 3 .   ? 9.41758   0.28858   -6.88980  1.000 36.77104 ? 571 HOH A O   1 
HETATM 1240 O  O   . HOH D 3 .   ? 11.36752  -8.93710  -3.89949  1.000 38.07364 ? 572 HOH A O   1 
HETATM 1241 O  O   . HOH D 3 .   ? -3.97530  3.08644   -15.59299 1.000 35.43287 ? 573 HOH A O   1 
HETATM 1242 O  O   . HOH D 3 .   ? 5.20834   5.73630   19.11525  1.000 39.72911 ? 574 HOH A O   1 
HETATM 1243 O  O   . HOH D 3 .   ? 8.37004   -11.13086 -12.85944 1.000 29.74173 ? 575 HOH A O   1 
HETATM 1244 O  O   . HOH D 3 .   ? 17.79508  0.87218   -1.52012  1.000 43.49066 ? 576 HOH A O   1 
HETATM 1245 O  O   . HOH D 3 .   ? 8.24673   -9.47846  -8.52639  1.000 37.95988 ? 577 HOH A O   1 
HETATM 1246 O  O   . HOH D 3 .   ? -0.44564  -23.17142 4.92503   1.000 34.94435 ? 578 HOH A O   1 
HETATM 1247 O  O   . HOH D 3 .   ? -1.99486  -22.00940 -11.62413 1.000 33.00010 ? 579 HOH A O   1 
HETATM 1248 O  O   . HOH D 3 .   ? 2.95197   0.46363   -11.32160 1.000 38.25977 ? 580 HOH A O   1 
HETATM 1249 O  O   . HOH D 3 .   ? 4.86765   -4.53446  -11.57400 1.000 38.40410 ? 581 HOH A O   1 
HETATM 1250 O  O   . HOH D 3 .   ? 8.25473   -12.67411 13.47148  1.000 38.90747 ? 582 HOH A O   1 
# 
